data_7XZX
#
_entry.id   7XZX
#
loop_
_entity.id
_entity.type
_entity.pdbx_description
1 polymer 'Histone H3.1'
2 polymer 'Histone H4'
3 polymer 'Histone H2A type 1-B/E'
4 polymer 'Histone H2B type 1-J'
5 polymer 'DNA (193-MER)'
6 polymer 'DNA (193-MER)'
7 polymer 'Cellular tumor antigen p53'
#
loop_
_entity_poly.entity_id
_entity_poly.type
_entity_poly.pdbx_seq_one_letter_code
_entity_poly.pdbx_strand_id
1 'polypeptide(L)'
;GSHMARTKQTARKSTGGKAPRKQLATKAARKSAPATGGVKKPHRYRPGTVALREIRRYQKSTELLIRKLPFQRLVREIAQ
DFKTDLRFQSSAVMALQEACEAYLVGLFEDTNLCAIHAKRVTIMPKDIQLARRIRGERA
;
A,E
2 'polypeptide(L)'
;GSHMSGRGKGGKGLGKGGAKRHRKVLRDNIQGITKPAIRRLARRGGVKRISGLIYEETRGVLKVFLENVIRDAVTYTEHA
KRKTVTAMDVVYALKRQGRTLYGFGG
;
B,F
3 'polypeptide(L)'
;GSHMSGRGKQGGKARAKAKTRSSRAGLQFPVGRVHRLLRKGNYSERVGAGAPVYLAAVLEYLTAEILELAGNAARDNKKT
RIIPRHLQLAIRNDEELNKLLGRVTIAQGGVLPNIQAVLLPKKTESHHKAKGK
;
C,G
4 'polypeptide(L)'
;GSHMPEPAKSAPAPKKGSKKAVTKAQKKDGKKRKRSRKESYSIYVYKVLKQVHPDTGISSKAMGIMNSFVNDIFERIAGE
ASRLAHYNKRSTITSREIQTAVRLLLPGELAKHAVSEGTKAVTKYTSAK
;
D,H
5 'polydeoxyribonucleotide'
;(DA)(DT)(DC)(DG)(DG)(DA)(DC)(DC)(DC)(DT)(DA)(DT)(DC)(DG)(DC)(DG)(DA)(DG)(DC)(DC)
(DA)(DG)(DG)(DC)(DC)(DT)(DG)(DA)(DG)(DA)(DA)(DT)(DC)(DC)(DG)(DG)(DT)(DG)(DC)(DC)
(DG)(DA)(DG)(DG)(DC)(DC)(DG)(DC)(DT)(DC)(DA)(DA)(DT)(DT)(DG)(DG)(DT)(DC)(DG)(DT)
(DA)(DG)(DA)(DC)(DA)(DG)(DC)(DT)(DC)(DT)(DA)(DG)(DC)(DA)(DC)(DC)(DG)(DC)(DT)(DT)
(DA)(DA)(DA)(DC)(DG)(DC)(DA)(DC)(DG)(DT)(DA)(DC)(DG)(DC)(DG)(DC)(DT)(DG)(DT)(DC)
(DC)(DC)(DC)(DC)(DG)(DC)(DG)(DT)(DT)(DT)(DT)(DA)(DA)(DC)(DC)(DG)(DC)(DC)(DA)(DA)
(DG)(DG)(DG)(DG)(DA)(DT)(DT)(DA)(DC)(DT)(DC)(DC)(DC)(DT)(DA)(DG)(DT)(DC)(DT)(DC)
(DC)(DA)(DG)(DG)(DC)(DA)(DC)(DG)(DT)(DG)(DT)(DC)(DA)(DG)(DA)(DT)(DA)(DT)(DA)(DG)
(DG)(DG)(DC)(DA)(DT)(DG)(DT)(DC)(DC)(DG)(DG)(DG)(DC)(DA)(DT)(DG)(DT)(DC)(DC)(DC)
(DG)(DA)(DA)(DA)(DT)(DT)(DC)(DA)(DT)(DA)(DG)(DA)(DT)
;
I
6 'polydeoxyribonucleotide'
;(DA)(DT)(DC)(DT)(DA)(DT)(DG)(DA)(DA)(DT)(DT)(DT)(DC)(DG)(DG)(DG)(DA)(DC)(DA)(DT)
(DG)(DC)(DC)(DC)(DG)(DG)(DA)(DC)(DA)(DT)(DG)(DC)(DC)(DC)(DT)(DA)(DT)(DA)(DT)(DC)
(DT)(DG)(DA)(DC)(DA)(DC)(DG)(DT)(DG)(DC)(DC)(DT)(DG)(DG)(DA)(DG)(DA)(DC)(DT)(DA)
(DG)(DG)(DG)(DA)(DG)(DT)(DA)(DA)(DT)(DC)(DC)(DC)(DC)(DT)(DT)(DG)(DG)(DC)(DG)(DG)
(DT)(DT)(DA)(DA)(DA)(DA)(DC)(DG)(DC)(DG)(DG)(DG)(DG)(DG)(DA)(DC)(DA)(DG)(DC)(DG)
(DC)(DG)(DT)(DA)(DC)(DG)(DT)(DG)(DC)(DG)(DT)(DT)(DT)(DA)(DA)(DG)(DC)(DG)(DG)(DT)
(DG)(DC)(DT)(DA)(DG)(DA)(DG)(DC)(DT)(DG)(DT)(DC)(DT)(DA)(DC)(DG)(DA)(DC)(DC)(DA)
(DA)(DT)(DT)(DG)(DA)(DG)(DC)(DG)(DG)(DC)(DC)(DT)(DC)(DG)(DG)(DC)(DA)(DC)(DC)(DG)
(DG)(DA)(DT)(DT)(DC)(DT)(DC)(DA)(DG)(DG)(DC)(DC)(DT)(DG)(DG)(DC)(DT)(DC)(DG)(DC)
(DG)(DA)(DT)(DA)(DG)(DG)(DG)(DT)(DC)(DC)(DG)(DA)(DT)
;
J
7 'polypeptide(L)'
;GPSSSVPSQKTYQGSYGFRLGFLHSGTAKSVTCTYSPALNKMFCQLAKTCPVQLWVDSTPPPGTRVRAMAIYKQSQHMTE
VVRRCPHHERCSDSDGLAPPQHLIRVEGNLRVEYLDDRNTFRHSVVVPYEPPEVGSDCTTIHYNYMCNSSCMGGMNRRPI
LTIITLEDSSGNLLGRNSFEVRVCACPGRDRRTEEENLRKKG
;
K,L,M,N
#
# COMPACT_ATOMS: atom_id res chain seq x y z
N PRO A 42 14.03 -9.99 -6.77
CA PRO A 42 12.92 -9.68 -5.84
C PRO A 42 11.82 -8.88 -6.52
N HIS A 43 11.11 -8.07 -5.73
CA HIS A 43 10.00 -7.28 -6.26
C HIS A 43 10.51 -5.94 -6.76
N ARG A 44 9.91 -5.45 -7.85
CA ARG A 44 10.27 -4.17 -8.43
C ARG A 44 9.02 -3.50 -8.99
N TYR A 45 8.83 -2.24 -8.62
CA TYR A 45 7.68 -1.48 -9.09
C TYR A 45 7.88 -1.05 -10.54
N ARG A 46 6.76 -0.97 -11.26
CA ARG A 46 6.78 -0.54 -12.65
C ARG A 46 7.17 0.93 -12.74
N PRO A 47 7.89 1.36 -13.78
CA PRO A 47 8.16 2.79 -13.94
C PRO A 47 6.89 3.62 -14.03
N GLY A 48 6.74 4.58 -13.12
CA GLY A 48 5.59 5.47 -13.13
C GLY A 48 4.69 5.39 -11.91
N THR A 49 4.53 4.19 -11.33
CA THR A 49 3.68 4.04 -10.15
C THR A 49 4.23 4.80 -8.94
N VAL A 50 5.53 4.71 -8.67
CA VAL A 50 6.09 5.35 -7.49
C VAL A 50 6.18 6.85 -7.70
N ALA A 51 6.46 7.29 -8.94
CA ALA A 51 6.44 8.71 -9.23
C ALA A 51 5.07 9.31 -8.92
N LEU A 52 4.00 8.67 -9.42
CA LEU A 52 2.65 9.13 -9.13
C LEU A 52 2.34 9.08 -7.64
N ARG A 53 2.75 8.00 -6.96
CA ARG A 53 2.55 7.93 -5.51
C ARG A 53 3.21 9.10 -4.80
N GLU A 54 4.42 9.47 -5.22
CA GLU A 54 5.10 10.60 -4.59
C GLU A 54 4.41 11.91 -4.91
N ILE A 55 3.89 12.05 -6.14
CA ILE A 55 3.14 13.25 -6.50
C ILE A 55 1.94 13.40 -5.58
N ARG A 56 1.15 12.33 -5.44
CA ARG A 56 -0.02 12.36 -4.58
C ARG A 56 0.38 12.66 -3.13
N ARG A 57 1.44 12.00 -2.65
CA ARG A 57 1.93 12.20 -1.29
C ARG A 57 2.24 13.66 -1.03
N TYR A 58 3.05 14.28 -1.90
CA TYR A 58 3.49 15.63 -1.61
C TYR A 58 2.46 16.68 -1.98
N GLN A 59 1.47 16.35 -2.82
CA GLN A 59 0.39 17.31 -3.07
C GLN A 59 -0.68 17.23 -2.00
N LYS A 60 -0.75 16.12 -1.25
CA LYS A 60 -1.70 15.99 -0.16
C LYS A 60 -1.28 16.74 1.09
N SER A 61 0.03 16.86 1.33
CA SER A 61 0.56 17.41 2.56
C SER A 61 1.08 18.83 2.32
N THR A 62 1.62 19.44 3.38
CA THR A 62 1.99 20.85 3.32
C THR A 62 3.40 21.17 3.79
N GLU A 63 4.20 20.19 4.18
CA GLU A 63 5.54 20.49 4.68
C GLU A 63 6.43 21.01 3.56
N LEU A 64 7.37 21.88 3.93
CA LEU A 64 8.31 22.45 2.98
C LEU A 64 9.23 21.38 2.42
N LEU A 65 9.61 21.53 1.16
CA LEU A 65 10.39 20.53 0.45
C LEU A 65 11.85 20.92 0.25
N ILE A 66 12.19 22.20 0.42
CA ILE A 66 13.57 22.66 0.31
C ILE A 66 14.18 22.68 1.70
N ARG A 67 15.43 22.22 1.80
CA ARG A 67 16.10 22.19 3.10
C ARG A 67 16.36 23.60 3.61
N LYS A 68 16.12 23.81 4.90
CA LYS A 68 16.24 25.13 5.50
C LYS A 68 17.67 25.68 5.38
N LEU A 69 18.65 24.92 5.88
CA LEU A 69 20.01 25.45 6.00
C LEU A 69 20.65 25.76 4.64
N PRO A 70 20.58 24.90 3.62
CA PRO A 70 21.15 25.30 2.32
C PRO A 70 20.43 26.48 1.69
N PHE A 71 19.11 26.57 1.85
CA PHE A 71 18.41 27.73 1.32
C PHE A 71 18.89 29.01 1.99
N GLN A 72 19.01 28.99 3.32
CA GLN A 72 19.51 30.15 4.04
C GLN A 72 20.92 30.51 3.58
N ARG A 73 21.78 29.49 3.43
CA ARG A 73 23.15 29.74 2.98
C ARG A 73 23.17 30.39 1.60
N LEU A 74 22.36 29.89 0.66
CA LEU A 74 22.29 30.48 -0.66
C LEU A 74 21.83 31.94 -0.58
N VAL A 75 20.77 32.19 0.19
CA VAL A 75 20.24 33.54 0.33
C VAL A 75 21.32 34.47 0.88
N ARG A 76 22.04 34.02 1.91
CA ARG A 76 23.08 34.84 2.50
C ARG A 76 24.23 35.09 1.53
N GLU A 77 24.60 34.06 0.77
CA GLU A 77 25.66 34.19 -0.24
C GLU A 77 25.30 35.24 -1.26
N ILE A 78 24.10 35.18 -1.82
CA ILE A 78 23.69 36.18 -2.79
C ILE A 78 23.68 37.55 -2.14
N ALA A 79 23.20 37.64 -0.90
CA ALA A 79 23.12 38.91 -0.20
C ALA A 79 24.47 39.61 -0.01
N GLN A 80 25.57 38.86 0.15
CA GLN A 80 26.86 39.54 0.42
C GLN A 80 27.17 40.49 -0.75
N ASP A 81 26.78 40.14 -1.97
CA ASP A 81 27.07 40.94 -3.16
C ASP A 81 26.08 42.08 -3.33
N PHE A 82 25.08 42.16 -2.46
CA PHE A 82 24.17 43.30 -2.50
C PHE A 82 24.44 44.27 -1.35
N LYS A 83 24.59 43.75 -0.14
CA LYS A 83 24.92 44.58 1.01
C LYS A 83 25.68 43.72 2.01
N THR A 84 26.70 44.30 2.64
CA THR A 84 27.57 43.57 3.55
C THR A 84 26.85 43.21 4.85
N ASP A 85 27.40 42.19 5.52
CA ASP A 85 27.07 41.75 6.88
C ASP A 85 25.58 41.93 7.23
N LEU A 86 24.73 41.42 6.34
CA LEU A 86 23.29 41.44 6.58
C LEU A 86 22.91 40.41 7.64
N ARG A 87 21.90 40.77 8.43
CA ARG A 87 21.24 39.85 9.34
C ARG A 87 19.82 39.61 8.86
N PHE A 88 19.35 38.38 9.02
CA PHE A 88 18.05 37.96 8.49
C PHE A 88 17.21 37.36 9.62
N GLN A 89 15.96 37.81 9.70
CA GLN A 89 15.01 37.22 10.65
C GLN A 89 14.62 35.82 10.23
N SER A 90 14.28 34.99 11.22
CA SER A 90 13.78 33.65 10.94
C SER A 90 12.56 33.70 10.03
N SER A 91 11.58 34.54 10.37
CA SER A 91 10.39 34.59 9.52
C SER A 91 10.72 35.14 8.14
N ALA A 92 11.83 35.87 8.01
CA ALA A 92 12.23 36.37 6.69
C ALA A 92 12.75 35.23 5.81
N VAL A 93 13.54 34.31 6.38
CA VAL A 93 14.03 33.19 5.60
C VAL A 93 12.87 32.25 5.28
N MET A 94 11.97 32.06 6.24
CA MET A 94 10.80 31.22 5.96
C MET A 94 9.94 31.85 4.87
N ALA A 95 9.85 33.19 4.85
CA ALA A 95 9.09 33.86 3.80
C ALA A 95 9.73 33.62 2.44
N LEU A 96 11.05 33.80 2.34
CA LEU A 96 11.73 33.54 1.07
C LEU A 96 11.55 32.09 0.64
N GLN A 97 11.55 31.16 1.60
CA GLN A 97 11.42 29.76 1.22
C GLN A 97 10.02 29.43 0.74
N GLU A 98 8.99 29.93 1.44
CA GLU A 98 7.62 29.73 0.99
C GLU A 98 7.41 30.31 -0.40
N ALA A 99 7.91 31.53 -0.64
CA ALA A 99 7.76 32.16 -1.94
C ALA A 99 8.48 31.37 -3.03
N CYS A 100 9.70 30.92 -2.73
CA CYS A 100 10.48 30.19 -3.71
C CYS A 100 9.80 28.87 -4.05
N GLU A 101 9.33 28.14 -3.04
CA GLU A 101 8.74 26.85 -3.32
C GLU A 101 7.44 27.00 -4.09
N ALA A 102 6.62 28.00 -3.73
CA ALA A 102 5.41 28.25 -4.51
C ALA A 102 5.73 28.62 -5.96
N TYR A 103 6.75 29.46 -6.16
CA TYR A 103 7.12 29.85 -7.53
C TYR A 103 7.58 28.65 -8.34
N LEU A 104 8.46 27.82 -7.77
CA LEU A 104 8.96 26.66 -8.50
C LEU A 104 7.86 25.65 -8.76
N VAL A 105 7.00 25.38 -7.77
CA VAL A 105 5.88 24.45 -8.00
C VAL A 105 4.99 24.95 -9.14
N GLY A 106 4.64 26.23 -9.12
CA GLY A 106 3.82 26.76 -10.21
C GLY A 106 4.52 26.68 -11.55
N LEU A 107 5.81 27.02 -11.59
CA LEU A 107 6.56 26.93 -12.84
C LEU A 107 6.62 25.50 -13.34
N PHE A 108 6.74 24.53 -12.42
CA PHE A 108 6.78 23.13 -12.84
C PHE A 108 5.42 22.66 -13.31
N GLU A 109 4.33 23.19 -12.74
CA GLU A 109 3.01 22.92 -13.26
C GLU A 109 2.89 23.39 -14.70
N ASP A 110 3.31 24.63 -14.97
CA ASP A 110 3.19 25.15 -16.32
C ASP A 110 4.11 24.39 -17.28
N THR A 111 5.33 24.10 -16.85
CA THR A 111 6.25 23.28 -17.64
C THR A 111 5.64 21.92 -17.99
N ASN A 112 5.03 21.26 -17.01
CA ASN A 112 4.38 19.99 -17.28
C ASN A 112 3.25 20.14 -18.30
N LEU A 113 2.45 21.20 -18.17
CA LEU A 113 1.40 21.43 -19.14
C LEU A 113 1.96 21.64 -20.55
N CYS A 114 3.07 22.39 -20.67
CA CYS A 114 3.65 22.58 -21.99
C CYS A 114 4.24 21.30 -22.55
N ALA A 115 4.91 20.50 -21.72
CA ALA A 115 5.45 19.22 -22.17
C ALA A 115 4.34 18.28 -22.64
N ILE A 116 3.28 18.13 -21.84
CA ILE A 116 2.17 17.25 -22.23
C ILE A 116 1.53 17.77 -23.52
N HIS A 117 1.43 19.09 -23.66
CA HIS A 117 0.90 19.66 -24.91
C HIS A 117 1.65 19.14 -26.13
N ALA A 118 2.96 18.96 -26.00
CA ALA A 118 3.78 18.44 -27.10
C ALA A 118 3.80 16.92 -27.17
N LYS A 119 2.81 16.26 -26.57
CA LYS A 119 2.70 14.80 -26.57
C LYS A 119 3.92 14.15 -25.93
N ARG A 120 4.53 14.86 -24.98
CA ARG A 120 5.65 14.33 -24.21
C ARG A 120 5.26 14.21 -22.74
N VAL A 121 6.10 13.50 -21.99
CA VAL A 121 5.98 13.39 -20.54
C VAL A 121 7.20 13.96 -19.83
N THR A 122 8.38 13.75 -20.39
CA THR A 122 9.61 14.24 -19.77
C THR A 122 9.77 15.74 -20.03
N ILE A 123 10.06 16.48 -18.97
CA ILE A 123 10.30 17.92 -19.05
C ILE A 123 11.73 18.15 -19.50
N MET A 124 11.93 19.15 -20.34
CA MET A 124 13.21 19.53 -20.95
C MET A 124 13.56 20.96 -20.57
N PRO A 125 14.84 21.34 -20.68
CA PRO A 125 15.20 22.75 -20.46
C PRO A 125 14.42 23.69 -21.36
N LYS A 126 14.20 23.29 -22.61
CA LYS A 126 13.43 24.12 -23.53
C LYS A 126 12.01 24.32 -23.04
N ASP A 127 11.49 23.35 -22.28
CA ASP A 127 10.17 23.50 -21.68
C ASP A 127 10.16 24.60 -20.64
N ILE A 128 11.17 24.60 -19.76
CA ILE A 128 11.30 25.67 -18.77
C ILE A 128 11.41 27.02 -19.46
N GLN A 129 12.23 27.08 -20.52
CA GLN A 129 12.45 28.36 -21.19
C GLN A 129 11.18 28.84 -21.87
N LEU A 130 10.40 27.92 -22.46
CA LEU A 130 9.13 28.30 -23.06
C LEU A 130 8.15 28.80 -22.01
N ALA A 131 8.05 28.08 -20.89
CA ALA A 131 7.12 28.50 -19.85
C ALA A 131 7.46 29.89 -19.34
N ARG A 132 8.75 30.16 -19.12
CA ARG A 132 9.13 31.47 -18.58
C ARG A 132 8.98 32.57 -19.63
N ARG A 133 9.24 32.25 -20.90
CA ARG A 133 9.02 33.24 -21.95
C ARG A 133 7.56 33.59 -22.09
N ILE A 134 6.67 32.59 -22.05
CA ILE A 134 5.25 32.86 -22.23
C ILE A 134 4.68 33.56 -20.99
N ARG A 135 5.20 33.24 -19.80
CA ARG A 135 4.78 33.96 -18.60
C ARG A 135 5.20 35.42 -18.66
N GLY A 136 6.20 35.75 -19.48
CA GLY A 136 6.64 37.11 -19.67
C GLY A 136 7.79 37.60 -18.82
N GLU A 137 8.47 36.71 -18.09
CA GLU A 137 9.67 37.10 -17.36
C GLU A 137 10.95 36.86 -18.15
N ARG A 138 10.90 36.05 -19.20
CA ARG A 138 12.09 35.76 -19.99
C ARG A 138 12.09 36.53 -21.30
N VAL B 25 32.79 34.99 4.10
CA VAL B 25 32.02 35.08 2.87
C VAL B 25 31.65 33.69 2.37
N LEU B 26 30.36 33.40 2.34
CA LEU B 26 29.90 32.11 1.85
C LEU B 26 30.17 31.97 0.36
N ARG B 27 30.65 30.79 -0.04
CA ARG B 27 31.05 30.54 -1.41
C ARG B 27 30.53 29.17 -1.86
N ASP B 28 30.00 29.14 -3.08
CA ASP B 28 29.44 27.93 -3.69
C ASP B 28 28.35 27.30 -2.82
N ASN B 29 27.40 28.12 -2.38
CA ASN B 29 26.22 27.63 -1.69
C ASN B 29 25.12 27.21 -2.65
N ILE B 30 25.27 27.52 -3.95
CA ILE B 30 24.30 27.10 -4.95
C ILE B 30 24.21 25.58 -5.03
N GLN B 31 25.26 24.87 -4.63
CA GLN B 31 25.24 23.41 -4.67
C GLN B 31 24.40 22.81 -3.56
N GLY B 32 23.97 23.62 -2.59
CA GLY B 32 23.08 23.14 -1.55
C GLY B 32 21.66 22.87 -2.00
N ILE B 33 21.24 23.44 -3.13
CA ILE B 33 19.92 23.11 -3.69
C ILE B 33 20.04 21.79 -4.44
N THR B 34 19.76 20.69 -3.75
CA THR B 34 20.11 19.37 -4.25
C THR B 34 19.17 18.93 -5.37
N LYS B 35 19.64 17.93 -6.12
CA LYS B 35 18.81 17.30 -7.15
C LYS B 35 17.51 16.72 -6.62
N PRO B 36 17.48 15.97 -5.51
CA PRO B 36 16.19 15.45 -5.03
C PRO B 36 15.23 16.53 -4.58
N ALA B 37 15.73 17.68 -4.13
CA ALA B 37 14.82 18.75 -3.72
C ALA B 37 14.09 19.30 -4.94
N ILE B 38 14.83 19.50 -6.03
CA ILE B 38 14.21 19.99 -7.27
C ILE B 38 13.24 18.95 -7.80
N ARG B 39 13.61 17.67 -7.69
CA ARG B 39 12.70 16.59 -8.06
C ARG B 39 11.41 16.65 -7.24
N ARG B 40 11.52 16.86 -5.93
CA ARG B 40 10.32 16.95 -5.09
C ARG B 40 9.46 18.13 -5.49
N LEU B 41 10.08 19.29 -5.74
CA LEU B 41 9.35 20.45 -6.23
C LEU B 41 8.61 20.12 -7.52
N ALA B 42 9.26 19.37 -8.42
CA ALA B 42 8.61 19.02 -9.67
C ALA B 42 7.44 18.06 -9.44
N ARG B 43 7.62 17.11 -8.51
CA ARG B 43 6.52 16.22 -8.12
C ARG B 43 5.32 17.01 -7.61
N ARG B 44 5.55 17.99 -6.74
CA ARG B 44 4.45 18.82 -6.28
C ARG B 44 3.82 19.61 -7.43
N GLY B 45 4.61 19.95 -8.44
CA GLY B 45 4.08 20.60 -9.63
C GLY B 45 3.44 19.66 -10.64
N GLY B 46 3.41 18.36 -10.36
CA GLY B 46 2.79 17.40 -11.24
C GLY B 46 3.70 16.79 -12.28
N VAL B 47 5.01 16.94 -12.14
CA VAL B 47 5.96 16.41 -13.13
C VAL B 47 6.24 14.95 -12.80
N LYS B 48 6.15 14.09 -13.81
CA LYS B 48 6.33 12.66 -13.61
C LYS B 48 7.76 12.19 -13.89
N ARG B 49 8.44 12.83 -14.85
CA ARG B 49 9.79 12.43 -15.22
C ARG B 49 10.61 13.69 -15.48
N ILE B 50 11.87 13.67 -15.02
CA ILE B 50 12.72 14.85 -15.03
C ILE B 50 14.05 14.50 -15.68
N SER B 51 14.40 15.23 -16.74
CA SER B 51 15.67 15.07 -17.40
C SER B 51 16.81 15.49 -16.47
N GLY B 52 17.97 14.85 -16.64
CA GLY B 52 19.16 15.20 -15.89
C GLY B 52 19.60 16.61 -16.14
N LEU B 53 19.28 17.14 -17.33
CA LEU B 53 19.71 18.47 -17.72
C LEU B 53 18.84 19.58 -17.12
N ILE B 54 17.72 19.23 -16.51
CA ILE B 54 16.76 20.19 -15.91
C ILE B 54 17.39 21.03 -14.81
N TYR B 55 18.23 20.40 -13.98
CA TYR B 55 18.71 20.98 -12.72
C TYR B 55 19.46 22.30 -12.89
N GLU B 56 20.44 22.39 -13.80
CA GLU B 56 21.11 23.69 -13.92
C GLU B 56 20.14 24.80 -14.32
N GLU B 57 19.20 24.55 -15.25
CA GLU B 57 18.29 25.63 -15.61
C GLU B 57 17.45 26.02 -14.40
N THR B 58 16.96 25.02 -13.66
CA THR B 58 16.13 25.35 -12.50
C THR B 58 16.93 26.18 -11.52
N ARG B 59 18.21 25.83 -11.33
CA ARG B 59 19.05 26.54 -10.37
C ARG B 59 19.20 27.99 -10.82
N GLY B 60 19.43 28.19 -12.12
CA GLY B 60 19.58 29.53 -12.65
C GLY B 60 18.32 30.34 -12.40
N VAL B 61 17.16 29.75 -12.69
CA VAL B 61 15.89 30.43 -12.51
C VAL B 61 15.73 30.83 -11.05
N LEU B 62 16.07 29.90 -10.14
CA LEU B 62 15.92 30.15 -8.71
C LEU B 62 16.80 31.33 -8.35
N LYS B 63 18.03 31.33 -8.88
CA LYS B 63 19.00 32.36 -8.55
C LYS B 63 18.45 33.71 -8.99
N VAL B 64 17.85 33.75 -10.19
CA VAL B 64 17.32 35.00 -10.74
C VAL B 64 16.26 35.53 -9.80
N PHE B 65 15.36 34.64 -9.37
CA PHE B 65 14.30 35.04 -8.47
C PHE B 65 14.93 35.70 -7.26
N LEU B 66 15.93 35.02 -6.68
CA LEU B 66 16.52 35.54 -5.44
C LEU B 66 17.13 36.92 -5.65
N GLU B 67 17.84 37.12 -6.77
CA GLU B 67 18.56 38.41 -6.95
C GLU B 67 17.56 39.56 -7.03
N ASN B 68 16.39 39.33 -7.62
CA ASN B 68 15.36 40.36 -7.71
C ASN B 68 14.67 40.58 -6.36
N VAL B 69 14.22 39.49 -5.72
CA VAL B 69 13.48 39.64 -4.47
C VAL B 69 14.37 40.27 -3.42
N ILE B 70 15.60 39.77 -3.29
CA ILE B 70 16.48 40.22 -2.22
C ILE B 70 16.86 41.67 -2.46
N ARG B 71 17.08 42.04 -3.72
CA ARG B 71 17.40 43.42 -4.07
C ARG B 71 16.31 44.35 -3.56
N ASP B 72 15.04 43.99 -3.79
CA ASP B 72 13.99 44.86 -3.28
C ASP B 72 13.97 44.85 -1.76
N ALA B 73 14.11 43.67 -1.15
CA ALA B 73 14.04 43.59 0.30
C ALA B 73 15.12 44.46 0.94
N VAL B 74 16.36 44.35 0.44
CA VAL B 74 17.48 45.08 1.01
C VAL B 74 17.30 46.56 0.74
N THR B 75 16.74 46.92 -0.41
CA THR B 75 16.48 48.33 -0.70
C THR B 75 15.55 48.92 0.36
N TYR B 76 14.48 48.21 0.66
CA TYR B 76 13.56 48.65 1.71
C TYR B 76 14.29 48.75 3.05
N THR B 77 15.09 47.74 3.37
CA THR B 77 15.82 47.72 4.64
C THR B 77 16.71 48.95 4.75
N GLU B 78 17.40 49.30 3.67
CA GLU B 78 18.33 50.42 3.73
C GLU B 78 17.57 51.72 3.85
N HIS B 79 16.43 51.84 3.16
CA HIS B 79 15.64 53.05 3.28
C HIS B 79 15.16 53.24 4.71
N ALA B 80 14.81 52.14 5.38
CA ALA B 80 14.31 52.20 6.75
C ALA B 80 15.43 52.41 7.77
N LYS B 81 16.66 52.65 7.33
CA LYS B 81 17.82 52.79 8.21
C LYS B 81 18.00 51.57 9.11
N ARG B 82 17.79 50.38 8.56
CA ARG B 82 18.00 49.14 9.28
C ARG B 82 19.09 48.30 8.61
N LYS B 83 19.66 47.39 9.39
CA LYS B 83 20.64 46.43 8.88
C LYS B 83 20.12 45.00 8.88
N THR B 84 18.89 44.78 9.34
CA THR B 84 18.29 43.45 9.38
C THR B 84 17.06 43.46 8.47
N VAL B 85 17.05 42.56 7.49
CA VAL B 85 15.90 42.40 6.61
C VAL B 85 14.76 41.82 7.43
N THR B 86 13.61 42.49 7.40
CA THR B 86 12.46 42.05 8.18
C THR B 86 11.51 41.25 7.31
N ALA B 87 10.64 40.47 7.95
CA ALA B 87 9.61 39.73 7.22
C ALA B 87 8.71 40.66 6.43
N MET B 88 8.40 41.84 6.98
CA MET B 88 7.53 42.76 6.26
C MET B 88 8.20 43.27 4.99
N ASP B 89 9.51 43.52 5.04
CA ASP B 89 10.23 43.94 3.84
C ASP B 89 10.08 42.91 2.72
N VAL B 90 10.26 41.62 3.05
CA VAL B 90 10.15 40.57 2.05
C VAL B 90 8.73 40.45 1.52
N VAL B 91 7.74 40.46 2.41
CA VAL B 91 6.35 40.36 1.97
C VAL B 91 5.99 41.51 1.04
N TYR B 92 6.41 42.73 1.40
CA TYR B 92 6.17 43.91 0.56
C TYR B 92 6.89 43.79 -0.77
N ALA B 93 8.13 43.29 -0.77
CA ALA B 93 8.87 43.09 -2.02
C ALA B 93 8.09 42.15 -2.92
N LEU B 94 7.60 41.04 -2.34
CA LEU B 94 6.88 40.05 -3.12
C LEU B 94 5.61 40.66 -3.68
N LYS B 95 4.90 41.44 -2.86
CA LYS B 95 3.67 42.11 -3.30
C LYS B 95 3.97 43.03 -4.49
N ARG B 96 5.03 43.83 -4.39
CA ARG B 96 5.32 44.80 -5.44
C ARG B 96 5.86 44.10 -6.69
N GLN B 97 6.22 42.82 -6.57
CA GLN B 97 6.56 42.00 -7.73
C GLN B 97 5.38 41.16 -8.19
N GLY B 98 4.17 41.45 -7.71
CA GLY B 98 2.98 40.73 -8.11
C GLY B 98 2.81 39.36 -7.50
N ARG B 99 3.83 38.84 -6.83
CA ARG B 99 3.74 37.53 -6.18
C ARG B 99 3.47 37.70 -4.68
N THR B 100 2.35 38.37 -4.38
CA THR B 100 1.97 38.62 -2.99
C THR B 100 1.89 37.31 -2.21
N LEU B 101 2.47 37.32 -1.01
CA LEU B 101 2.52 36.13 -0.16
C LEU B 101 1.73 36.40 1.11
N TYR B 102 0.85 35.47 1.46
CA TYR B 102 0.06 35.55 2.69
C TYR B 102 0.73 34.75 3.80
N GLY B 103 0.66 35.28 5.02
CA GLY B 103 1.08 34.53 6.21
C GLY B 103 2.19 35.16 7.02
N PHE B 104 2.79 36.26 6.59
CA PHE B 104 3.90 36.87 7.31
C PHE B 104 3.64 38.35 7.57
N GLY B 105 2.40 38.77 7.47
CA GLY B 105 2.03 40.15 7.71
C GLY B 105 1.37 40.78 6.50
N GLY B 106 0.50 41.74 6.75
CA GLY B 106 -0.19 42.44 5.68
C GLY B 106 0.16 43.91 5.60
N ARG C 15 11.30 94.24 -4.55
CA ARG C 15 11.08 92.81 -4.70
C ARG C 15 12.11 92.21 -5.65
N ALA C 16 12.65 91.05 -5.27
CA ALA C 16 13.65 90.39 -6.09
C ALA C 16 13.04 89.85 -7.38
N LYS C 17 13.86 89.76 -8.42
CA LYS C 17 13.39 89.25 -9.70
C LYS C 17 12.98 87.80 -9.58
N ALA C 18 11.83 87.46 -10.18
CA ALA C 18 11.30 86.12 -10.06
C ALA C 18 12.04 85.16 -11.00
N LYS C 19 12.55 84.07 -10.44
CA LYS C 19 13.19 83.01 -11.19
C LYS C 19 12.69 81.67 -10.66
N THR C 20 12.49 80.72 -11.57
CA THR C 20 11.83 79.46 -11.22
C THR C 20 12.82 78.45 -10.65
N ARG C 21 12.28 77.49 -9.88
CA ARG C 21 13.10 76.45 -9.28
C ARG C 21 13.70 75.54 -10.35
N SER C 22 12.98 75.31 -11.44
CA SER C 22 13.53 74.51 -12.53
C SER C 22 14.80 75.14 -13.08
N SER C 23 14.79 76.46 -13.26
CA SER C 23 15.99 77.16 -13.73
C SER C 23 17.10 77.09 -12.69
N ARG C 24 16.75 77.24 -11.41
CA ARG C 24 17.74 77.11 -10.34
C ARG C 24 18.37 75.73 -10.32
N ALA C 25 17.62 74.71 -10.73
CA ALA C 25 18.11 73.33 -10.71
C ALA C 25 18.71 72.90 -12.04
N GLY C 26 18.64 73.73 -13.07
CA GLY C 26 19.17 73.35 -14.37
C GLY C 26 18.32 72.32 -15.09
N LEU C 27 17.02 72.29 -14.81
CA LEU C 27 16.12 71.31 -15.38
C LEU C 27 15.12 72.02 -16.29
N GLN C 28 14.47 71.23 -17.15
CA GLN C 28 13.44 71.75 -18.04
C GLN C 28 12.03 71.48 -17.54
N PHE C 29 11.82 70.37 -16.85
CA PHE C 29 10.48 70.10 -16.36
C PHE C 29 10.11 71.04 -15.22
N PRO C 30 8.83 71.41 -15.10
CA PRO C 30 8.43 72.45 -14.16
C PRO C 30 8.40 71.94 -12.73
N VAL C 31 9.30 72.46 -11.91
CA VAL C 31 9.33 72.07 -10.49
C VAL C 31 8.03 72.45 -9.82
N GLY C 32 7.54 73.67 -10.07
CA GLY C 32 6.29 74.09 -9.45
C GLY C 32 5.12 73.17 -9.79
N ARG C 33 4.96 72.83 -11.06
CA ARG C 33 3.85 71.96 -11.46
C ARG C 33 3.95 70.56 -10.86
N VAL C 34 5.14 69.95 -10.90
CA VAL C 34 5.32 68.63 -10.29
C VAL C 34 5.02 68.69 -8.80
N HIS C 35 5.47 69.78 -8.14
CA HIS C 35 5.19 69.96 -6.71
C HIS C 35 3.69 70.04 -6.46
N ARG C 36 2.98 70.82 -7.28
CA ARG C 36 1.54 70.95 -7.12
C ARG C 36 0.85 69.61 -7.33
N LEU C 37 1.28 68.84 -8.33
CA LEU C 37 0.65 67.56 -8.61
C LEU C 37 0.91 66.57 -7.47
N LEU C 38 2.09 66.65 -6.86
CA LEU C 38 2.36 65.82 -5.69
C LEU C 38 1.48 66.23 -4.52
N ARG C 39 1.33 67.54 -4.30
CA ARG C 39 0.49 68.03 -3.22
C ARG C 39 -0.98 67.61 -3.41
N LYS C 40 -1.46 67.65 -4.66
CA LYS C 40 -2.86 67.43 -4.95
C LYS C 40 -3.15 66.00 -5.41
N GLY C 41 -2.14 65.13 -5.44
CA GLY C 41 -2.34 63.74 -5.82
C GLY C 41 -2.78 62.84 -4.69
N ASN C 42 -3.07 63.42 -3.52
CA ASN C 42 -3.48 62.65 -2.33
C ASN C 42 -2.46 61.57 -1.99
N TYR C 43 -1.18 61.95 -1.97
CA TYR C 43 -0.12 61.05 -1.58
C TYR C 43 0.32 61.24 -0.14
N SER C 44 0.38 62.49 0.33
CA SER C 44 0.70 62.79 1.71
C SER C 44 0.23 64.20 2.02
N GLU C 45 0.11 64.51 3.31
CA GLU C 45 -0.20 65.88 3.72
C GLU C 45 0.99 66.81 3.57
N ARG C 46 2.22 66.27 3.66
CA ARG C 46 3.42 67.09 3.59
C ARG C 46 4.36 66.56 2.50
N VAL C 47 5.01 67.49 1.81
CA VAL C 47 5.95 67.19 0.74
C VAL C 47 7.18 68.08 0.86
N GLY C 48 8.36 67.47 0.81
CA GLY C 48 9.60 68.22 0.88
C GLY C 48 9.90 68.99 -0.39
N ALA C 49 10.82 69.95 -0.26
CA ALA C 49 11.20 70.79 -1.40
C ALA C 49 12.03 70.02 -2.41
N GLY C 50 12.83 69.06 -1.96
CA GLY C 50 13.71 68.30 -2.83
C GLY C 50 13.07 67.14 -3.56
N ALA C 51 11.94 66.64 -3.07
CA ALA C 51 11.27 65.55 -3.76
C ALA C 51 10.86 65.91 -5.19
N PRO C 52 10.21 67.06 -5.45
CA PRO C 52 9.86 67.36 -6.84
C PRO C 52 11.06 67.66 -7.70
N VAL C 53 12.16 68.14 -7.11
CA VAL C 53 13.38 68.38 -7.89
C VAL C 53 13.94 67.04 -8.35
N TYR C 54 14.06 66.10 -7.42
CA TYR C 54 14.55 64.76 -7.76
C TYR C 54 13.66 64.12 -8.82
N LEU C 55 12.34 64.14 -8.60
CA LEU C 55 11.39 63.54 -9.55
C LEU C 55 11.52 64.19 -10.93
N ALA C 56 11.62 65.51 -10.98
CA ALA C 56 11.76 66.18 -12.27
C ALA C 56 13.06 65.72 -12.94
N ALA C 57 14.12 65.54 -12.16
CA ALA C 57 15.40 65.11 -12.75
C ALA C 57 15.29 63.70 -13.33
N VAL C 58 14.63 62.79 -12.61
CA VAL C 58 14.49 61.44 -13.16
C VAL C 58 13.63 61.46 -14.41
N LEU C 59 12.51 62.19 -14.39
CA LEU C 59 11.64 62.25 -15.56
C LEU C 59 12.38 62.86 -16.77
N GLU C 60 13.16 63.91 -16.54
CA GLU C 60 13.91 64.52 -17.64
C GLU C 60 14.93 63.55 -18.19
N TYR C 61 15.64 62.84 -17.31
CA TYR C 61 16.61 61.85 -17.76
C TYR C 61 15.95 60.79 -18.63
N LEU C 62 14.82 60.23 -18.17
CA LEU C 62 14.23 59.16 -18.96
C LEU C 62 13.75 59.69 -20.31
N THR C 63 13.17 60.90 -20.31
CA THR C 63 12.78 61.53 -21.57
C THR C 63 13.98 61.72 -22.50
N ALA C 64 15.12 62.18 -21.97
CA ALA C 64 16.26 62.41 -22.84
C ALA C 64 16.78 61.12 -23.47
N GLU C 65 16.84 60.04 -22.69
CA GLU C 65 17.31 58.77 -23.27
C GLU C 65 16.32 58.20 -24.30
N ILE C 66 15.02 58.20 -23.97
CA ILE C 66 14.05 57.69 -24.95
C ILE C 66 14.08 58.55 -26.22
N LEU C 67 14.14 59.88 -26.08
CA LEU C 67 14.17 60.74 -27.27
C LEU C 67 15.45 60.56 -28.06
N GLU C 68 16.58 60.37 -27.37
CA GLU C 68 17.85 60.08 -28.03
C GLU C 68 17.73 58.83 -28.91
N LEU C 69 17.26 57.73 -28.32
CA LEU C 69 17.15 56.49 -29.09
C LEU C 69 16.14 56.63 -30.22
N ALA C 70 15.02 57.33 -29.99
CA ALA C 70 14.02 57.49 -31.04
C ALA C 70 14.58 58.34 -32.17
N GLY C 71 15.35 59.37 -31.85
CA GLY C 71 16.03 60.15 -32.87
C GLY C 71 17.00 59.30 -33.69
N ASN C 72 17.80 58.48 -32.99
CA ASN C 72 18.68 57.56 -33.70
C ASN C 72 17.90 56.70 -34.70
N ALA C 73 16.79 56.11 -34.24
CA ALA C 73 16.00 55.27 -35.13
C ALA C 73 15.45 56.09 -36.30
N ALA C 74 15.00 57.32 -36.02
CA ALA C 74 14.44 58.18 -37.05
C ALA C 74 15.48 58.49 -38.13
N ARG C 75 16.71 58.80 -37.72
CA ARG C 75 17.76 59.07 -38.71
C ARG C 75 18.13 57.79 -39.45
N ASP C 76 18.14 56.65 -38.77
CA ASP C 76 18.38 55.38 -39.44
C ASP C 76 17.34 55.14 -40.53
N ASN C 77 16.13 55.65 -40.35
CA ASN C 77 15.06 55.55 -41.32
C ASN C 77 14.99 56.79 -42.22
N LYS C 78 15.98 57.67 -42.13
CA LYS C 78 16.02 58.92 -42.89
C LYS C 78 14.77 59.76 -42.65
N LYS C 79 14.30 59.79 -41.41
CA LYS C 79 13.19 60.65 -41.01
C LYS C 79 13.67 61.67 -40.00
N THR C 80 13.20 62.91 -40.15
CA THR C 80 13.54 64.00 -39.25
C THR C 80 12.49 64.25 -38.18
N ARG C 81 11.29 63.68 -38.33
CA ARG C 81 10.22 63.85 -37.34
C ARG C 81 9.99 62.53 -36.62
N ILE C 82 9.97 62.59 -35.29
CA ILE C 82 9.72 61.42 -34.46
C ILE C 82 8.26 61.03 -34.59
N ILE C 83 8.00 59.76 -34.91
CA ILE C 83 6.66 59.22 -35.01
C ILE C 83 6.52 58.10 -33.98
N PRO C 84 5.32 57.64 -33.66
CA PRO C 84 5.19 56.55 -32.68
C PRO C 84 5.99 55.31 -33.02
N ARG C 85 6.12 54.97 -34.30
CA ARG C 85 6.94 53.83 -34.70
C ARG C 85 8.36 53.94 -34.16
N HIS C 86 8.97 55.13 -34.29
CA HIS C 86 10.32 55.32 -33.79
C HIS C 86 10.38 55.20 -32.27
N LEU C 87 9.34 55.65 -31.56
CA LEU C 87 9.31 55.51 -30.12
C LEU C 87 9.22 54.03 -29.72
N GLN C 88 8.40 53.27 -30.42
CA GLN C 88 8.26 51.84 -30.12
C GLN C 88 9.56 51.11 -30.38
N LEU C 89 10.18 51.39 -31.54
CA LEU C 89 11.47 50.79 -31.85
C LEU C 89 12.51 51.13 -30.79
N ALA C 90 12.60 52.41 -30.41
CA ALA C 90 13.55 52.83 -29.39
C ALA C 90 13.32 52.10 -28.07
N ILE C 91 12.05 51.96 -27.68
CA ILE C 91 11.75 51.33 -26.38
C ILE C 91 12.14 49.86 -26.45
N ARG C 92 11.73 49.16 -27.50
CA ARG C 92 11.97 47.72 -27.56
C ARG C 92 13.42 47.37 -27.84
N ASN C 93 14.18 48.27 -28.45
CA ASN C 93 15.58 47.99 -28.76
C ASN C 93 16.51 48.25 -27.58
N ASP C 94 15.97 48.72 -26.46
CA ASP C 94 16.76 48.94 -25.26
C ASP C 94 16.30 47.98 -24.16
N GLU C 95 17.24 47.16 -23.67
CA GLU C 95 16.91 46.13 -22.70
C GLU C 95 16.30 46.74 -21.44
N GLU C 96 16.86 47.86 -20.98
CA GLU C 96 16.40 48.43 -19.71
C GLU C 96 15.08 49.17 -19.89
N LEU C 97 14.93 49.89 -21.00
CA LEU C 97 13.64 50.52 -21.29
C LEU C 97 12.58 49.46 -21.55
N ASN C 98 12.93 48.38 -22.27
CA ASN C 98 11.98 47.32 -22.52
C ASN C 98 11.54 46.65 -21.22
N LYS C 99 12.47 46.46 -20.28
CA LYS C 99 12.11 45.94 -18.97
C LYS C 99 11.18 46.90 -18.23
N LEU C 100 11.56 48.18 -18.19
CA LEU C 100 10.74 49.18 -17.49
C LEU C 100 9.34 49.27 -18.09
N LEU C 101 9.22 49.15 -19.41
CA LEU C 101 7.94 49.24 -20.11
C LEU C 101 7.49 47.89 -20.63
N GLY C 102 7.71 46.83 -19.85
CA GLY C 102 7.37 45.49 -20.29
C GLY C 102 5.87 45.31 -20.51
N ARG C 103 5.05 46.01 -19.74
CA ARG C 103 3.61 45.89 -19.84
C ARG C 103 2.95 47.11 -20.47
N VAL C 104 3.60 47.76 -21.43
CA VAL C 104 3.09 48.95 -22.08
C VAL C 104 2.98 48.69 -23.58
N THR C 105 1.83 49.01 -24.15
CA THR C 105 1.62 48.94 -25.59
C THR C 105 1.59 50.35 -26.17
N ILE C 106 2.43 50.59 -27.18
CA ILE C 106 2.51 51.88 -27.86
C ILE C 106 1.55 51.85 -29.03
N ALA C 107 0.63 52.81 -29.07
CA ALA C 107 -0.29 52.92 -30.20
C ALA C 107 0.47 53.33 -31.46
N GLN C 108 0.10 52.72 -32.59
CA GLN C 108 0.76 52.95 -33.87
C GLN C 108 2.25 52.64 -33.80
N GLY C 109 2.64 51.77 -32.87
CA GLY C 109 4.02 51.41 -32.69
C GLY C 109 4.48 50.20 -33.48
N GLY C 110 3.55 49.30 -33.79
CA GLY C 110 3.92 48.05 -34.42
C GLY C 110 4.73 47.16 -33.49
N VAL C 111 5.48 46.24 -34.11
CA VAL C 111 6.33 45.30 -33.38
C VAL C 111 7.71 45.31 -34.02
N LEU C 112 8.67 44.72 -33.29
CA LEU C 112 10.02 44.59 -33.82
C LEU C 112 10.04 43.55 -34.95
N PRO C 113 10.73 43.83 -36.05
CA PRO C 113 10.93 42.79 -37.07
C PRO C 113 11.74 41.63 -36.52
N ASN C 114 11.19 40.42 -36.56
CA ASN C 114 11.86 39.25 -36.00
C ASN C 114 11.22 37.97 -36.53
N ILE C 115 12.04 37.12 -37.14
CA ILE C 115 11.59 35.83 -37.67
C ILE C 115 12.37 34.73 -36.96
N GLN C 116 11.65 33.76 -36.41
CA GLN C 116 12.30 32.61 -35.79
C GLN C 116 13.09 31.83 -36.83
N ALA C 117 14.24 31.29 -36.42
CA ALA C 117 15.12 30.61 -37.40
C ALA C 117 14.43 29.42 -38.04
N VAL C 118 13.52 28.75 -37.32
CA VAL C 118 12.94 27.54 -37.90
C VAL C 118 12.03 27.88 -39.08
N LEU C 119 11.56 29.13 -39.16
CA LEU C 119 10.65 29.51 -40.22
C LEU C 119 11.35 29.88 -41.52
N LEU C 120 12.67 30.11 -41.48
CA LEU C 120 13.38 30.53 -42.67
C LEU C 120 13.53 29.33 -43.63
N PRO C 121 13.58 29.59 -44.94
CA PRO C 121 13.73 28.49 -45.89
C PRO C 121 15.10 27.84 -45.78
N LYS C 122 15.19 26.63 -46.32
CA LYS C 122 16.39 25.82 -46.22
C LYS C 122 16.83 25.39 -47.61
N LYS C 123 18.15 25.21 -47.77
CA LYS C 123 18.72 24.82 -49.05
C LYS C 123 18.88 23.32 -49.14
N LYS D 34 -12.06 79.57 -26.38
CA LYS D 34 -11.22 79.43 -25.19
C LYS D 34 -11.80 78.38 -24.24
N ARG D 35 -11.13 77.24 -24.17
CA ARG D 35 -11.56 76.14 -23.31
C ARG D 35 -10.86 76.22 -21.96
N SER D 36 -11.14 75.21 -21.13
CA SER D 36 -10.57 75.16 -19.78
C SER D 36 -9.06 74.92 -19.83
N ARG D 37 -8.41 75.24 -18.72
CA ARG D 37 -6.97 75.08 -18.62
C ARG D 37 -6.61 73.60 -18.59
N LYS D 38 -5.91 73.14 -19.62
CA LYS D 38 -5.49 71.75 -19.74
C LYS D 38 -3.96 71.71 -19.69
N GLU D 39 -3.41 71.10 -18.64
CA GLU D 39 -1.97 71.06 -18.46
C GLU D 39 -1.35 69.92 -19.24
N SER D 40 -0.12 70.13 -19.72
CA SER D 40 0.64 69.09 -20.38
C SER D 40 2.11 69.42 -20.28
N TYR D 41 2.94 68.45 -20.64
CA TYR D 41 4.39 68.58 -20.61
C TYR D 41 4.99 68.92 -21.97
N SER D 42 4.15 69.33 -22.93
CA SER D 42 4.59 69.48 -24.32
C SER D 42 5.79 70.41 -24.44
N ILE D 43 5.73 71.58 -23.80
CA ILE D 43 6.82 72.55 -23.96
C ILE D 43 8.09 72.03 -23.31
N TYR D 44 7.96 71.26 -22.23
CA TYR D 44 9.14 70.73 -21.55
C TYR D 44 9.75 69.58 -22.34
N VAL D 45 8.90 68.72 -22.91
CA VAL D 45 9.41 67.68 -23.79
C VAL D 45 10.14 68.30 -24.96
N TYR D 46 9.60 69.40 -25.50
CA TYR D 46 10.25 70.04 -26.64
C TYR D 46 11.59 70.66 -26.23
N LYS D 47 11.65 71.29 -25.05
CA LYS D 47 12.91 71.84 -24.59
C LYS D 47 13.99 70.77 -24.39
N VAL D 48 13.62 69.65 -23.76
CA VAL D 48 14.59 68.56 -23.61
C VAL D 48 15.01 68.02 -24.98
N LEU D 49 14.04 67.82 -25.89
CA LEU D 49 14.36 67.36 -27.24
C LEU D 49 15.35 68.29 -27.93
N LYS D 50 15.12 69.60 -27.84
CA LYS D 50 16.05 70.57 -28.43
C LYS D 50 17.41 70.55 -27.75
N GLN D 51 17.46 70.21 -26.45
CA GLN D 51 18.76 70.03 -25.82
C GLN D 51 19.50 68.82 -26.39
N VAL D 52 18.79 67.69 -26.55
CA VAL D 52 19.45 66.46 -26.97
C VAL D 52 19.50 66.33 -28.49
N HIS D 53 18.52 66.89 -29.20
CA HIS D 53 18.47 66.83 -30.66
C HIS D 53 17.97 68.17 -31.19
N PRO D 54 18.88 69.14 -31.37
CA PRO D 54 18.46 70.50 -31.79
C PRO D 54 17.68 70.52 -33.09
N ASP D 55 17.97 69.62 -34.04
CA ASP D 55 17.33 69.65 -35.35
C ASP D 55 16.27 68.58 -35.53
N THR D 56 15.70 68.05 -34.45
CA THR D 56 14.67 67.03 -34.54
C THR D 56 13.34 67.57 -34.01
N GLY D 57 12.25 67.25 -34.71
CA GLY D 57 10.93 67.68 -34.30
C GLY D 57 10.17 66.57 -33.59
N ILE D 58 8.85 66.77 -33.49
CA ILE D 58 7.98 65.82 -32.80
C ILE D 58 6.58 65.92 -33.39
N SER D 59 5.97 64.77 -33.64
CA SER D 59 4.59 64.73 -34.12
C SER D 59 3.62 64.79 -32.94
N SER D 60 2.36 65.12 -33.24
CA SER D 60 1.38 65.18 -32.16
C SER D 60 1.13 63.82 -31.54
N LYS D 61 1.01 62.77 -32.34
CA LYS D 61 0.82 61.44 -31.79
C LYS D 61 2.00 61.05 -30.91
N ALA D 62 3.22 61.30 -31.38
CA ALA D 62 4.42 60.99 -30.60
C ALA D 62 4.49 61.80 -29.33
N MET D 63 4.12 63.09 -29.40
CA MET D 63 4.11 63.92 -28.20
C MET D 63 3.09 63.40 -27.20
N GLY D 64 1.94 62.93 -27.70
CA GLY D 64 0.95 62.31 -26.84
C GLY D 64 1.49 61.05 -26.18
N ILE D 65 2.28 60.28 -26.91
CA ILE D 65 2.89 59.08 -26.34
C ILE D 65 3.89 59.46 -25.26
N MET D 66 4.64 60.54 -25.50
CA MET D 66 5.58 61.01 -24.49
C MET D 66 4.86 61.48 -23.23
N ASN D 67 3.73 62.18 -23.41
CA ASN D 67 2.96 62.63 -22.26
C ASN D 67 2.39 61.46 -21.47
N SER D 68 1.82 60.47 -22.18
CA SER D 68 1.39 59.26 -21.50
C SER D 68 2.52 58.60 -20.72
N PHE D 69 3.70 58.49 -21.33
CA PHE D 69 4.86 57.90 -20.65
C PHE D 69 5.23 58.65 -19.39
N VAL D 70 5.41 59.97 -19.49
CA VAL D 70 5.80 60.76 -18.34
C VAL D 70 4.75 60.68 -17.24
N ASN D 71 3.46 60.80 -17.59
CA ASN D 71 2.42 60.69 -16.57
C ASN D 71 2.43 59.32 -15.90
N ASP D 72 2.60 58.24 -16.69
CA ASP D 72 2.66 56.90 -16.12
C ASP D 72 3.80 56.78 -15.12
N ILE D 73 4.98 57.25 -15.52
CA ILE D 73 6.16 57.16 -14.62
C ILE D 73 5.84 57.97 -13.37
N PHE D 74 5.37 59.20 -13.55
CA PHE D 74 4.97 60.03 -12.42
C PHE D 74 4.08 59.27 -11.45
N GLU D 75 3.01 58.67 -11.96
CA GLU D 75 2.09 57.93 -11.10
C GLU D 75 2.80 56.79 -10.37
N ARG D 76 3.61 56.02 -11.10
CA ARG D 76 4.33 54.90 -10.47
C ARG D 76 5.24 55.39 -9.34
N ILE D 77 6.05 56.42 -9.62
CA ILE D 77 7.03 56.87 -8.62
C ILE D 77 6.33 57.50 -7.43
N ALA D 78 5.36 58.40 -7.67
CA ALA D 78 4.66 59.04 -6.57
C ALA D 78 3.92 58.03 -5.71
N GLY D 79 3.26 57.05 -6.34
CA GLY D 79 2.53 56.06 -5.58
C GLY D 79 3.44 55.19 -4.74
N GLU D 80 4.54 54.70 -5.35
CA GLU D 80 5.47 53.90 -4.58
C GLU D 80 6.10 54.69 -3.44
N ALA D 81 6.43 55.96 -3.68
CA ALA D 81 7.00 56.77 -2.60
C ALA D 81 6.01 56.99 -1.47
N SER D 82 4.73 57.23 -1.81
CA SER D 82 3.70 57.37 -0.79
C SER D 82 3.58 56.09 0.03
N ARG D 83 3.56 54.95 -0.64
CA ARG D 83 3.45 53.67 0.05
C ARG D 83 4.67 53.41 0.93
N LEU D 84 5.86 53.67 0.41
CA LEU D 84 7.08 53.55 1.20
C LEU D 84 6.99 54.39 2.47
N ALA D 85 6.61 55.67 2.34
CA ALA D 85 6.50 56.55 3.49
C ALA D 85 5.47 56.05 4.48
N HIS D 86 4.32 55.57 4.00
CA HIS D 86 3.28 55.04 4.89
C HIS D 86 3.80 53.83 5.66
N TYR D 87 4.46 52.89 4.97
CA TYR D 87 4.97 51.69 5.60
C TYR D 87 5.90 52.00 6.77
N ASN D 88 6.61 53.12 6.70
CA ASN D 88 7.59 53.48 7.72
C ASN D 88 7.06 54.51 8.72
N LYS D 89 5.75 54.71 8.75
CA LYS D 89 5.12 55.68 9.66
C LYS D 89 5.70 57.07 9.48
N ARG D 90 5.92 57.46 8.22
CA ARG D 90 6.45 58.77 7.87
C ARG D 90 5.34 59.63 7.30
N SER D 91 5.25 60.86 7.83
CA SER D 91 4.19 61.79 7.44
C SER D 91 4.65 62.84 6.44
N THR D 92 5.95 62.89 6.13
CA THR D 92 6.50 63.90 5.24
C THR D 92 7.10 63.22 4.01
N ILE D 93 6.82 63.79 2.84
CA ILE D 93 7.44 63.36 1.60
C ILE D 93 8.79 64.05 1.46
N THR D 94 9.86 63.26 1.41
CA THR D 94 11.23 63.70 1.30
C THR D 94 11.85 63.18 -0.01
N SER D 95 13.17 63.34 -0.11
CA SER D 95 13.87 62.90 -1.31
C SER D 95 14.39 61.47 -1.19
N ARG D 96 14.54 60.95 0.03
CA ARG D 96 15.02 59.58 0.21
C ARG D 96 14.01 58.55 -0.28
N GLU D 97 12.73 58.70 0.05
CA GLU D 97 11.74 57.77 -0.49
C GLU D 97 11.65 57.87 -2.01
N ILE D 98 11.69 59.09 -2.57
CA ILE D 98 11.65 59.23 -4.03
C ILE D 98 12.83 58.48 -4.65
N GLN D 99 14.04 58.66 -4.09
CA GLN D 99 15.22 58.03 -4.68
C GLN D 99 15.12 56.52 -4.58
N THR D 100 14.68 56.02 -3.42
CA THR D 100 14.55 54.59 -3.23
C THR D 100 13.49 54.00 -4.17
N ALA D 101 12.36 54.69 -4.33
CA ALA D 101 11.35 54.26 -5.30
C ALA D 101 11.91 54.21 -6.71
N VAL D 102 12.70 55.21 -7.10
CA VAL D 102 13.33 55.21 -8.42
C VAL D 102 14.24 54.00 -8.57
N ARG D 103 14.99 53.68 -7.51
CA ARG D 103 15.89 52.53 -7.55
C ARG D 103 15.10 51.23 -7.66
N LEU D 104 13.93 51.15 -7.02
CA LEU D 104 13.09 49.96 -7.14
C LEU D 104 12.52 49.81 -8.55
N LEU D 105 12.09 50.92 -9.16
CA LEU D 105 11.36 50.83 -10.42
C LEU D 105 12.29 50.82 -11.63
N LEU D 106 13.43 51.51 -11.52
CA LEU D 106 14.31 51.65 -12.67
C LEU D 106 15.38 50.57 -12.67
N PRO D 107 15.84 50.13 -13.84
CA PRO D 107 16.90 49.12 -13.88
C PRO D 107 18.22 49.68 -13.40
N GLY D 108 19.25 48.81 -13.42
CA GLY D 108 20.47 49.10 -12.68
C GLY D 108 21.16 50.38 -13.10
N GLU D 109 21.73 50.39 -14.31
CA GLU D 109 22.50 51.56 -14.73
C GLU D 109 21.61 52.79 -14.83
N LEU D 110 20.34 52.58 -15.22
CA LEU D 110 19.39 53.69 -15.28
C LEU D 110 19.19 54.29 -13.91
N ALA D 111 19.07 53.43 -12.90
CA ALA D 111 18.91 53.89 -11.52
C ALA D 111 20.15 54.65 -11.07
N LYS D 112 21.34 54.13 -11.35
CA LYS D 112 22.55 54.82 -10.92
C LYS D 112 22.64 56.20 -11.56
N HIS D 113 22.35 56.31 -12.86
CA HIS D 113 22.44 57.62 -13.49
C HIS D 113 21.39 58.58 -12.96
N ALA D 114 20.15 58.10 -12.79
CA ALA D 114 19.11 58.96 -12.24
C ALA D 114 19.42 59.42 -10.83
N VAL D 115 19.90 58.51 -9.98
CA VAL D 115 20.28 58.90 -8.61
C VAL D 115 21.40 59.93 -8.63
N SER D 116 22.41 59.74 -9.49
CA SER D 116 23.49 60.72 -9.58
C SER D 116 22.96 62.10 -9.98
N GLU D 117 22.12 62.13 -11.01
CA GLU D 117 21.55 63.39 -11.46
C GLU D 117 20.70 64.05 -10.38
N GLY D 118 19.86 63.26 -9.71
CA GLY D 118 19.02 63.84 -8.67
C GLY D 118 19.84 64.41 -7.53
N THR D 119 20.88 63.69 -7.08
CA THR D 119 21.66 64.20 -5.97
C THR D 119 22.38 65.49 -6.36
N LYS D 120 23.06 65.49 -7.51
CA LYS D 120 23.72 66.72 -7.94
C LYS D 120 22.71 67.87 -8.04
N ALA D 121 21.54 67.62 -8.63
CA ALA D 121 20.55 68.67 -8.80
C ALA D 121 20.04 69.19 -7.46
N VAL D 122 19.76 68.29 -6.51
CA VAL D 122 19.24 68.71 -5.21
C VAL D 122 20.29 69.48 -4.42
N THR D 123 21.55 69.05 -4.47
CA THR D 123 22.58 69.78 -3.74
C THR D 123 22.82 71.15 -4.37
N LYS D 124 22.77 71.23 -5.71
CA LYS D 124 22.91 72.52 -6.35
C LYS D 124 21.74 73.43 -5.98
N TYR D 125 20.52 72.89 -5.94
CA TYR D 125 19.37 73.72 -5.57
C TYR D 125 19.55 74.22 -4.14
N THR D 126 19.98 73.33 -3.23
CA THR D 126 20.14 73.72 -1.84
C THR D 126 21.20 74.79 -1.68
N SER D 127 22.20 74.80 -2.58
CA SER D 127 23.20 75.86 -2.54
C SER D 127 22.57 77.22 -2.76
N ALA D 128 21.51 77.27 -3.57
CA ALA D 128 20.74 78.49 -3.74
C ALA D 128 19.80 78.67 -2.55
N LYS E 41 2.91 27.91 -68.59
CA LYS E 41 2.15 27.91 -67.36
C LYS E 41 2.34 29.22 -66.59
N PRO E 42 1.27 29.69 -65.95
CA PRO E 42 1.38 30.93 -65.16
C PRO E 42 2.30 30.74 -63.97
N HIS E 43 2.88 31.84 -63.50
CA HIS E 43 3.81 31.78 -62.39
C HIS E 43 3.08 31.53 -61.08
N ARG E 44 3.72 30.77 -60.20
CA ARG E 44 3.16 30.45 -58.89
C ARG E 44 4.30 30.24 -57.90
N TYR E 45 4.26 30.96 -56.79
CA TYR E 45 5.27 30.79 -55.75
C TYR E 45 4.99 29.53 -54.93
N ARG E 46 6.06 28.91 -54.45
CA ARG E 46 5.91 27.74 -53.59
C ARG E 46 5.31 28.17 -52.26
N PRO E 47 4.59 27.27 -51.57
CA PRO E 47 4.01 27.64 -50.26
C PRO E 47 5.03 28.19 -49.29
N GLY E 48 4.77 29.40 -48.80
CA GLY E 48 5.62 30.06 -47.83
C GLY E 48 6.24 31.36 -48.30
N THR E 49 6.71 31.46 -49.55
CA THR E 49 7.36 32.69 -50.01
C THR E 49 6.44 33.89 -49.86
N VAL E 50 5.18 33.72 -50.24
CA VAL E 50 4.25 34.84 -50.18
C VAL E 50 3.86 35.08 -48.73
N ALA E 51 3.78 34.02 -47.93
CA ALA E 51 3.52 34.17 -46.50
C ALA E 51 4.59 35.05 -45.85
N LEU E 52 5.87 34.75 -46.11
CA LEU E 52 6.93 35.58 -45.56
C LEU E 52 6.82 37.01 -46.08
N ARG E 53 6.53 37.18 -47.37
CA ARG E 53 6.36 38.56 -47.87
C ARG E 53 5.28 39.33 -47.12
N GLU E 54 4.15 38.69 -46.83
CA GLU E 54 3.12 39.49 -46.11
C GLU E 54 3.59 39.71 -44.67
N ILE E 55 4.31 38.75 -44.08
CA ILE E 55 4.84 38.94 -42.73
C ILE E 55 5.74 40.17 -42.69
N ARG E 56 6.69 40.25 -43.63
CA ARG E 56 7.58 41.41 -43.68
C ARG E 56 6.80 42.70 -43.89
N ARG E 57 5.86 42.68 -44.84
CA ARG E 57 5.05 43.88 -45.12
C ARG E 57 4.31 44.36 -43.88
N TYR E 58 3.59 43.48 -43.19
CA TYR E 58 2.77 43.94 -42.08
C TYR E 58 3.56 44.15 -40.81
N GLN E 59 4.76 43.57 -40.69
CA GLN E 59 5.60 43.90 -39.54
C GLN E 59 6.39 45.18 -39.74
N LYS E 60 6.54 45.65 -40.99
CA LYS E 60 7.24 46.90 -41.20
C LYS E 60 6.35 48.10 -40.86
N SER E 61 5.04 48.00 -41.06
CA SER E 61 4.14 49.12 -40.95
C SER E 61 3.32 49.06 -39.66
N THR E 62 2.52 50.11 -39.45
CA THR E 62 1.72 50.24 -38.23
C THR E 62 0.26 50.54 -38.51
N GLU E 63 -0.16 50.63 -39.78
CA GLU E 63 -1.55 50.93 -40.08
C GLU E 63 -2.44 49.75 -39.69
N LEU E 64 -3.66 50.07 -39.27
CA LEU E 64 -4.55 49.07 -38.68
C LEU E 64 -4.98 48.01 -39.68
N LEU E 65 -5.14 46.78 -39.19
CA LEU E 65 -5.40 45.63 -40.04
C LEU E 65 -6.83 45.12 -39.95
N ILE E 66 -7.56 45.45 -38.89
CA ILE E 66 -8.96 45.04 -38.74
C ILE E 66 -9.87 46.17 -39.18
N ARG E 67 -10.98 45.82 -39.82
CA ARG E 67 -11.89 46.83 -40.35
C ARG E 67 -12.60 47.59 -39.23
N LYS E 68 -12.70 48.90 -39.41
CA LYS E 68 -13.25 49.78 -38.39
C LYS E 68 -14.74 49.53 -38.12
N LEU E 69 -15.59 49.62 -39.15
CA LEU E 69 -17.04 49.55 -39.00
C LEU E 69 -17.58 48.21 -38.50
N PRO E 70 -17.12 47.05 -39.01
CA PRO E 70 -17.62 45.81 -38.42
C PRO E 70 -17.25 45.65 -36.95
N PHE E 71 -16.03 46.08 -36.59
CA PHE E 71 -15.62 46.06 -35.19
C PHE E 71 -16.52 46.98 -34.37
N GLN E 72 -16.79 48.16 -34.89
CA GLN E 72 -17.67 49.12 -34.23
C GLN E 72 -19.06 48.53 -34.00
N ARG E 73 -19.61 47.88 -35.02
CA ARG E 73 -20.92 47.24 -34.83
C ARG E 73 -20.85 46.17 -33.75
N LEU E 74 -19.78 45.37 -33.75
CA LEU E 74 -19.63 44.35 -32.71
C LEU E 74 -19.57 44.98 -31.32
N VAL E 75 -18.75 46.02 -31.16
CA VAL E 75 -18.62 46.65 -29.84
C VAL E 75 -19.97 47.19 -29.38
N ARG E 76 -20.73 47.85 -30.27
CA ARG E 76 -22.02 48.35 -29.80
C ARG E 76 -22.97 47.21 -29.47
N GLU E 77 -22.95 46.14 -30.27
CA GLU E 77 -23.79 44.97 -30.01
C GLU E 77 -23.48 44.35 -28.65
N ILE E 78 -22.19 44.10 -28.39
CA ILE E 78 -21.77 43.51 -27.13
C ILE E 78 -22.16 44.43 -25.99
N ALA E 79 -21.97 45.74 -26.16
CA ALA E 79 -22.31 46.71 -25.13
C ALA E 79 -23.79 46.74 -24.78
N GLN E 80 -24.73 46.59 -25.74
CA GLN E 80 -26.11 46.65 -25.27
C GLN E 80 -26.44 45.51 -24.31
N ASP E 81 -25.64 44.44 -24.32
CA ASP E 81 -25.83 43.35 -23.36
C ASP E 81 -25.40 43.72 -21.95
N PHE E 82 -24.74 44.87 -21.79
CA PHE E 82 -24.47 45.42 -20.48
C PHE E 82 -25.33 46.64 -20.16
N LYS E 83 -25.48 47.56 -21.11
CA LYS E 83 -26.34 48.72 -20.94
C LYS E 83 -26.91 49.11 -22.30
N THR E 84 -28.23 49.26 -22.36
CA THR E 84 -28.90 49.59 -23.62
C THR E 84 -28.72 51.06 -23.97
N ASP E 85 -28.76 51.34 -25.28
CA ASP E 85 -28.80 52.70 -25.81
C ASP E 85 -27.48 53.41 -25.51
N LEU E 86 -26.42 52.64 -25.29
CA LEU E 86 -25.12 53.20 -25.01
C LEU E 86 -24.53 53.84 -26.26
N ARG E 87 -23.78 54.92 -26.04
CA ARG E 87 -23.05 55.60 -27.10
C ARG E 87 -21.55 55.37 -26.94
N PHE E 88 -20.81 55.63 -28.02
CA PHE E 88 -19.36 55.48 -28.03
C PHE E 88 -18.72 56.69 -28.69
N GLN E 89 -17.68 57.23 -28.06
CA GLN E 89 -16.84 58.23 -28.71
C GLN E 89 -16.01 57.57 -29.80
N SER E 90 -15.75 58.33 -30.87
CA SER E 90 -14.89 57.81 -31.94
C SER E 90 -13.52 57.40 -31.40
N SER E 91 -12.89 58.28 -30.63
CA SER E 91 -11.56 57.92 -30.12
C SER E 91 -11.64 56.75 -29.15
N ALA E 92 -12.83 56.49 -28.58
CA ALA E 92 -12.99 55.34 -27.70
C ALA E 92 -12.94 54.05 -28.50
N VAL E 93 -13.62 54.02 -29.65
CA VAL E 93 -13.61 52.83 -30.49
C VAL E 93 -12.21 52.64 -31.06
N MET E 94 -11.56 53.73 -31.48
CA MET E 94 -10.20 53.57 -32.01
C MET E 94 -9.25 53.07 -30.94
N ALA E 95 -9.43 53.51 -29.69
CA ALA E 95 -8.61 52.99 -28.59
C ALA E 95 -8.85 51.50 -28.40
N LEU E 96 -10.13 51.10 -28.36
CA LEU E 96 -10.46 49.69 -28.21
C LEU E 96 -9.86 48.87 -29.36
N GLN E 97 -9.85 49.42 -30.57
CA GLN E 97 -9.34 48.69 -31.72
C GLN E 97 -7.83 48.53 -31.65
N GLU E 98 -7.13 49.61 -31.27
CA GLU E 98 -5.69 49.56 -31.08
C GLU E 98 -5.33 48.51 -30.03
N ALA E 99 -6.06 48.53 -28.91
CA ALA E 99 -5.83 47.58 -27.83
C ALA E 99 -6.04 46.15 -28.31
N CYS E 100 -7.13 45.94 -29.06
CA CYS E 100 -7.46 44.59 -29.53
C CYS E 100 -6.37 44.07 -30.46
N GLU E 101 -5.91 44.90 -31.41
CA GLU E 101 -4.91 44.41 -32.34
C GLU E 101 -3.58 44.15 -31.63
N ALA E 102 -3.18 45.03 -30.70
CA ALA E 102 -1.97 44.75 -29.94
C ALA E 102 -2.08 43.46 -29.15
N TYR E 103 -3.24 43.22 -28.54
CA TYR E 103 -3.46 42.01 -27.76
C TYR E 103 -3.37 40.77 -28.65
N LEU E 104 -4.05 40.82 -29.80
CA LEU E 104 -4.04 39.68 -30.70
C LEU E 104 -2.65 39.42 -31.27
N VAL E 105 -1.92 40.47 -31.64
CA VAL E 105 -0.57 40.29 -32.15
C VAL E 105 0.32 39.62 -31.09
N GLY E 106 0.27 40.10 -29.84
CA GLY E 106 1.05 39.45 -28.81
C GLY E 106 0.65 38.00 -28.57
N LEU E 107 -0.66 37.73 -28.54
CA LEU E 107 -1.13 36.36 -28.37
C LEU E 107 -0.65 35.46 -29.50
N PHE E 108 -0.64 35.99 -30.73
CA PHE E 108 -0.19 35.21 -31.88
C PHE E 108 1.32 35.00 -31.86
N GLU E 109 2.06 35.97 -31.32
CA GLU E 109 3.49 35.77 -31.11
C GLU E 109 3.72 34.60 -30.16
N ASP E 110 3.01 34.59 -29.03
CA ASP E 110 3.20 33.52 -28.06
C ASP E 110 2.75 32.18 -28.62
N THR E 111 1.61 32.16 -29.32
CA THR E 111 1.14 30.95 -29.98
C THR E 111 2.18 30.41 -30.96
N ASN E 112 2.78 31.30 -31.77
CA ASN E 112 3.81 30.86 -32.69
C ASN E 112 5.00 30.26 -31.95
N LEU E 113 5.42 30.88 -30.86
CA LEU E 113 6.54 30.33 -30.08
C LEU E 113 6.18 28.95 -29.53
N CYS E 114 4.95 28.76 -29.07
CA CYS E 114 4.55 27.45 -28.56
C CYS E 114 4.51 26.41 -29.67
N ALA E 115 4.00 26.79 -30.85
CA ALA E 115 3.98 25.89 -31.99
C ALA E 115 5.40 25.46 -32.37
N ILE E 116 6.31 26.44 -32.49
CA ILE E 116 7.70 26.14 -32.84
C ILE E 116 8.32 25.23 -31.79
N HIS E 117 7.99 25.46 -30.51
CA HIS E 117 8.48 24.58 -29.44
C HIS E 117 8.12 23.13 -29.72
N ALA E 118 6.93 22.87 -30.25
CA ALA E 118 6.47 21.52 -30.57
C ALA E 118 6.90 21.06 -31.96
N LYS E 119 7.99 21.64 -32.50
CA LYS E 119 8.53 21.33 -33.83
C LYS E 119 7.44 21.37 -34.90
N ARG E 120 6.45 22.24 -34.69
CA ARG E 120 5.38 22.48 -35.64
C ARG E 120 5.49 23.90 -36.19
N VAL E 121 4.72 24.16 -37.25
CA VAL E 121 4.63 25.47 -37.86
C VAL E 121 3.21 26.00 -37.85
N THR E 122 2.24 25.17 -38.24
CA THR E 122 0.85 25.60 -38.30
C THR E 122 0.23 25.63 -36.91
N ILE E 123 -0.34 26.78 -36.56
CA ILE E 123 -0.98 26.98 -35.26
C ILE E 123 -2.40 26.43 -35.31
N MET E 124 -2.84 25.83 -34.21
CA MET E 124 -4.14 25.20 -34.02
C MET E 124 -4.77 25.64 -32.70
N PRO E 125 -6.07 25.42 -32.52
CA PRO E 125 -6.74 25.90 -31.29
C PRO E 125 -6.07 25.46 -30.00
N LYS E 126 -5.56 24.23 -29.91
CA LYS E 126 -4.90 23.81 -28.67
C LYS E 126 -3.68 24.66 -28.38
N ASP E 127 -3.03 25.20 -29.42
CA ASP E 127 -1.92 26.13 -29.21
C ASP E 127 -2.41 27.42 -28.57
N ILE E 128 -3.51 27.97 -29.07
CA ILE E 128 -4.10 29.17 -28.47
C ILE E 128 -4.45 28.90 -27.02
N GLN E 129 -5.05 27.73 -26.75
CA GLN E 129 -5.50 27.41 -25.39
C GLN E 129 -4.30 27.24 -24.45
N LEU E 130 -3.20 26.67 -24.96
CA LEU E 130 -2.00 26.56 -24.12
C LEU E 130 -1.43 27.94 -23.84
N ALA E 131 -1.34 28.79 -24.87
CA ALA E 131 -0.78 30.12 -24.69
C ALA E 131 -1.58 30.90 -23.64
N ARG E 132 -2.91 30.84 -23.73
CA ARG E 132 -3.72 31.60 -22.78
C ARG E 132 -3.73 30.96 -21.39
N ARG E 133 -3.64 29.63 -21.31
CA ARG E 133 -3.55 28.96 -20.02
C ARG E 133 -2.26 29.30 -19.30
N ILE E 134 -1.14 29.34 -20.02
CA ILE E 134 0.14 29.62 -19.38
C ILE E 134 0.23 31.09 -18.99
N ARG E 135 -0.37 31.98 -19.76
CA ARG E 135 -0.43 33.40 -19.42
C ARG E 135 -1.26 33.67 -18.17
N GLY E 136 -2.14 32.74 -17.78
CA GLY E 136 -3.00 32.94 -16.63
C GLY E 136 -4.34 33.56 -16.93
N GLU E 137 -4.76 33.55 -18.20
CA GLU E 137 -6.07 34.06 -18.59
C GLU E 137 -7.17 33.01 -18.49
N ARG E 138 -6.84 31.75 -18.25
CA ARG E 138 -7.84 30.69 -18.15
C ARG E 138 -7.86 30.09 -16.76
N ARG F 27 -25.86 38.74 -32.29
CA ARG F 27 -26.31 38.73 -33.68
C ARG F 27 -25.21 38.19 -34.60
N ASP F 28 -25.21 38.66 -35.85
CA ASP F 28 -24.32 38.13 -36.88
C ASP F 28 -23.02 38.95 -36.98
N ASN F 29 -22.89 40.04 -36.21
CA ASN F 29 -21.81 40.99 -36.46
C ASN F 29 -20.44 40.40 -36.15
N ILE F 30 -20.38 39.26 -35.45
CA ILE F 30 -19.09 38.63 -35.20
C ILE F 30 -18.43 38.24 -36.52
N GLN F 31 -19.24 38.04 -37.57
CA GLN F 31 -18.72 37.69 -38.89
C GLN F 31 -18.08 38.89 -39.60
N GLY F 32 -18.24 40.09 -39.06
CA GLY F 32 -17.57 41.25 -39.63
C GLY F 32 -16.07 41.29 -39.39
N ILE F 33 -15.59 40.58 -38.38
CA ILE F 33 -14.15 40.34 -38.25
C ILE F 33 -13.85 39.13 -39.13
N THR F 34 -13.55 39.40 -40.40
CA THR F 34 -13.54 38.38 -41.44
C THR F 34 -12.28 37.53 -41.37
N LYS F 35 -12.34 36.40 -42.06
CA LYS F 35 -11.19 35.50 -42.17
C LYS F 35 -9.90 36.21 -42.57
N PRO F 36 -9.88 37.09 -43.58
CA PRO F 36 -8.61 37.76 -43.89
C PRO F 36 -8.16 38.70 -42.78
N ALA F 37 -9.09 39.24 -41.98
CA ALA F 37 -8.65 40.09 -40.88
C ALA F 37 -7.92 39.27 -39.82
N ILE F 38 -8.45 38.09 -39.46
CA ILE F 38 -7.75 37.26 -38.48
C ILE F 38 -6.41 36.81 -39.05
N ARG F 39 -6.38 36.48 -40.34
CA ARG F 39 -5.11 36.15 -40.98
C ARG F 39 -4.12 37.31 -40.87
N ARG F 40 -4.55 38.55 -41.14
CA ARG F 40 -3.61 39.67 -41.06
C ARG F 40 -3.10 39.91 -39.65
N LEU F 41 -4.00 39.88 -38.65
CA LEU F 41 -3.55 39.99 -37.25
C LEU F 41 -2.56 38.88 -36.91
N ALA F 42 -2.82 37.67 -37.38
CA ALA F 42 -1.92 36.57 -37.06
C ALA F 42 -0.58 36.76 -37.75
N ARG F 43 -0.59 37.25 -38.99
CA ARG F 43 0.66 37.58 -39.67
C ARG F 43 1.48 38.59 -38.88
N ARG F 44 0.85 39.66 -38.39
CA ARG F 44 1.63 40.57 -37.55
C ARG F 44 2.12 39.88 -36.30
N GLY F 45 1.43 38.82 -35.86
CA GLY F 45 1.93 38.00 -34.77
C GLY F 45 3.02 37.03 -35.18
N GLY F 46 3.36 36.97 -36.47
CA GLY F 46 4.51 36.22 -36.94
C GLY F 46 4.28 34.77 -37.33
N VAL F 47 3.04 34.34 -37.47
CA VAL F 47 2.75 32.95 -37.84
C VAL F 47 2.76 32.82 -39.36
N LYS F 48 3.24 31.68 -39.85
CA LYS F 48 3.33 31.44 -41.28
C LYS F 48 2.14 30.69 -41.84
N ARG F 49 1.52 29.81 -41.04
CA ARG F 49 0.40 29.00 -41.49
C ARG F 49 -0.68 29.00 -40.42
N ILE F 50 -1.94 28.99 -40.86
CA ILE F 50 -3.09 29.17 -39.97
C ILE F 50 -4.10 28.08 -40.27
N SER F 51 -4.40 27.26 -39.26
CA SER F 51 -5.40 26.21 -39.40
C SER F 51 -6.80 26.79 -39.56
N GLY F 52 -7.66 26.05 -40.25
CA GLY F 52 -9.05 26.45 -40.40
C GLY F 52 -9.80 26.58 -39.10
N LEU F 53 -9.38 25.85 -38.07
CA LEU F 53 -10.03 25.87 -36.77
C LEU F 53 -9.60 27.07 -35.92
N ILE F 54 -8.61 27.83 -36.39
CA ILE F 54 -8.08 28.99 -35.69
C ILE F 54 -9.10 30.12 -35.59
N TYR F 55 -9.84 30.40 -36.67
CA TYR F 55 -10.66 31.60 -36.76
C TYR F 55 -11.72 31.69 -35.67
N GLU F 56 -12.52 30.63 -35.46
CA GLU F 56 -13.50 30.70 -34.39
C GLU F 56 -12.82 30.87 -33.03
N GLU F 57 -11.68 30.21 -32.81
CA GLU F 57 -11.01 30.35 -31.53
C GLU F 57 -10.62 31.80 -31.31
N THR F 58 -10.05 32.43 -32.35
CA THR F 58 -9.62 33.82 -32.22
C THR F 58 -10.82 34.69 -31.92
N ARG F 59 -11.96 34.38 -32.57
CA ARG F 59 -13.15 35.21 -32.39
C ARG F 59 -13.59 35.12 -30.94
N GLY F 60 -13.60 33.91 -30.39
CA GLY F 60 -14.02 33.73 -29.01
C GLY F 60 -13.10 34.51 -28.07
N VAL F 61 -11.79 34.40 -28.28
CA VAL F 61 -10.84 35.08 -27.40
C VAL F 61 -11.09 36.58 -27.48
N LEU F 62 -11.24 37.10 -28.70
CA LEU F 62 -11.43 38.53 -28.87
C LEU F 62 -12.71 38.95 -28.16
N LYS F 63 -13.77 38.16 -28.32
CA LYS F 63 -15.05 38.54 -27.74
C LYS F 63 -14.95 38.61 -26.22
N VAL F 64 -14.30 37.62 -25.59
CA VAL F 64 -14.18 37.59 -24.13
C VAL F 64 -13.43 38.83 -23.68
N PHE F 65 -12.34 39.14 -24.38
CA PHE F 65 -11.57 40.32 -24.03
C PHE F 65 -12.50 41.51 -24.02
N LEU F 66 -13.31 41.64 -25.09
CA LEU F 66 -14.18 42.79 -25.20
C LEU F 66 -15.18 42.82 -24.04
N GLU F 67 -15.72 41.68 -23.66
CA GLU F 67 -16.74 41.65 -22.59
C GLU F 67 -16.11 42.28 -21.34
N ASN F 68 -14.88 41.87 -21.00
CA ASN F 68 -14.23 42.35 -19.79
C ASN F 68 -13.88 43.84 -19.89
N VAL F 69 -13.35 44.26 -21.04
CA VAL F 69 -12.97 45.67 -21.21
C VAL F 69 -14.21 46.54 -21.18
N ILE F 70 -15.24 46.18 -21.95
CA ILE F 70 -16.40 47.06 -22.10
C ILE F 70 -17.11 47.14 -20.77
N ARG F 71 -17.17 46.02 -20.04
CA ARG F 71 -17.75 46.02 -18.71
C ARG F 71 -17.09 47.09 -17.86
N ASP F 72 -15.75 47.07 -17.79
CA ASP F 72 -15.09 48.06 -16.95
C ASP F 72 -15.35 49.47 -17.46
N ALA F 73 -15.27 49.65 -18.79
CA ALA F 73 -15.47 50.99 -19.36
C ALA F 73 -16.85 51.53 -19.01
N VAL F 74 -17.89 50.69 -19.18
CA VAL F 74 -19.25 51.16 -18.96
C VAL F 74 -19.45 51.42 -17.48
N THR F 75 -18.81 50.61 -16.62
CA THR F 75 -18.90 50.85 -15.19
C THR F 75 -18.36 52.24 -14.86
N TYR F 76 -17.19 52.57 -15.42
CA TYR F 76 -16.64 53.90 -15.21
C TYR F 76 -17.58 54.98 -15.74
N THR F 77 -18.13 54.77 -16.95
CA THR F 77 -19.04 55.74 -17.54
C THR F 77 -20.25 55.99 -16.65
N GLU F 78 -20.82 54.92 -16.08
CA GLU F 78 -22.02 55.07 -15.27
C GLU F 78 -21.69 55.75 -13.95
N HIS F 79 -20.52 55.46 -13.38
CA HIS F 79 -20.14 56.11 -12.13
C HIS F 79 -20.02 57.62 -12.32
N ALA F 80 -19.60 58.05 -13.50
CA ALA F 80 -19.48 59.47 -13.82
C ALA F 80 -20.82 60.11 -14.18
N LYS F 81 -21.91 59.35 -14.13
CA LYS F 81 -23.24 59.81 -14.54
C LYS F 81 -23.25 60.32 -15.98
N ARG F 82 -22.60 59.57 -16.86
CA ARG F 82 -22.58 59.87 -18.29
C ARG F 82 -23.33 58.79 -19.06
N LYS F 83 -23.71 59.12 -20.29
CA LYS F 83 -24.38 58.17 -21.17
C LYS F 83 -23.53 57.74 -22.35
N THR F 84 -22.34 58.32 -22.53
CA THR F 84 -21.44 57.97 -23.61
C THR F 84 -20.10 57.51 -23.05
N VAL F 85 -19.65 56.34 -23.47
CA VAL F 85 -18.34 55.82 -23.12
C VAL F 85 -17.29 56.65 -23.85
N THR F 86 -16.35 57.19 -23.10
CA THR F 86 -15.32 58.05 -23.66
C THR F 86 -14.02 57.27 -23.88
N ALA F 87 -13.11 57.90 -24.63
CA ALA F 87 -11.77 57.33 -24.79
C ALA F 87 -11.07 57.19 -23.45
N MET F 88 -11.29 58.14 -22.54
CA MET F 88 -10.65 58.07 -21.23
C MET F 88 -11.18 56.89 -20.42
N ASP F 89 -12.49 56.62 -20.55
CA ASP F 89 -13.07 55.44 -19.89
C ASP F 89 -12.33 54.19 -20.33
N VAL F 90 -12.06 54.08 -21.62
CA VAL F 90 -11.36 52.94 -22.19
C VAL F 90 -9.92 52.90 -21.67
N VAL F 91 -9.26 54.05 -21.63
CA VAL F 91 -7.89 54.10 -21.13
C VAL F 91 -7.82 53.59 -19.70
N TYR F 92 -8.78 54.01 -18.84
CA TYR F 92 -8.79 53.48 -17.48
C TYR F 92 -9.06 51.98 -17.45
N ALA F 93 -10.01 51.52 -18.27
CA ALA F 93 -10.29 50.08 -18.32
C ALA F 93 -9.06 49.28 -18.71
N LEU F 94 -8.35 49.74 -19.75
CA LEU F 94 -7.16 49.04 -20.22
C LEU F 94 -6.07 49.06 -19.15
N LYS F 95 -5.87 50.22 -18.51
CA LYS F 95 -4.87 50.34 -17.47
C LYS F 95 -5.15 49.36 -16.34
N ARG F 96 -6.40 49.27 -15.91
CA ARG F 96 -6.73 48.39 -14.78
C ARG F 96 -6.72 46.94 -15.20
N GLN F 97 -6.94 46.66 -16.49
CA GLN F 97 -6.83 45.30 -16.99
C GLN F 97 -5.40 44.80 -16.97
N GLY F 98 -4.43 45.69 -16.82
CA GLY F 98 -3.03 45.32 -16.76
C GLY F 98 -2.23 45.62 -18.01
N ARG F 99 -2.82 46.31 -18.98
CA ARG F 99 -2.12 46.72 -20.19
C ARG F 99 -2.42 48.20 -20.45
N THR F 100 -1.43 49.05 -20.16
CA THR F 100 -1.56 50.50 -20.29
C THR F 100 -1.45 50.87 -21.77
N LEU F 101 -2.38 51.69 -22.24
CA LEU F 101 -2.38 52.15 -23.62
C LEU F 101 -2.01 53.61 -23.67
N TYR F 102 -0.98 53.92 -24.47
CA TYR F 102 -0.50 55.29 -24.64
C TYR F 102 -1.09 55.88 -25.92
N GLY F 103 -1.41 57.16 -25.88
CA GLY F 103 -1.80 57.89 -27.08
C GLY F 103 -3.21 58.44 -27.08
N PHE F 104 -4.01 58.16 -26.04
CA PHE F 104 -5.41 58.57 -26.00
C PHE F 104 -5.72 59.42 -24.76
N GLY F 105 -4.71 59.98 -24.13
CA GLY F 105 -4.90 60.84 -22.99
C GLY F 105 -4.43 60.19 -21.69
N GLY F 106 -4.36 61.00 -20.65
CA GLY F 106 -3.96 60.53 -19.34
C GLY F 106 -2.47 60.67 -19.07
N LYS G 17 -24.41 56.09 28.27
CA LYS G 17 -24.20 54.89 27.48
C LYS G 17 -23.77 55.22 26.06
N ALA G 18 -22.87 54.41 25.51
CA ALA G 18 -22.38 54.58 24.16
C ALA G 18 -22.72 53.34 23.34
N LYS G 19 -23.30 53.54 22.16
CA LYS G 19 -23.66 52.45 21.28
C LYS G 19 -23.04 52.71 19.91
N THR G 20 -22.43 51.68 19.33
CA THR G 20 -21.60 51.85 18.15
C THR G 20 -22.42 51.71 16.86
N ARG G 21 -21.85 52.25 15.76
CA ARG G 21 -22.50 52.18 14.46
C ARG G 21 -22.65 50.75 13.98
N SER G 22 -21.69 49.87 14.26
CA SER G 22 -21.83 48.46 13.90
C SER G 22 -23.05 47.85 14.60
N SER G 23 -23.26 48.20 15.87
CA SER G 23 -24.40 47.68 16.60
C SER G 23 -25.72 48.18 16.00
N ARG G 24 -25.77 49.46 15.63
CA ARG G 24 -26.97 49.99 14.96
C ARG G 24 -27.17 49.34 13.60
N ALA G 25 -26.08 48.89 12.96
CA ALA G 25 -26.21 48.29 11.63
C ALA G 25 -26.37 46.78 11.67
N GLY G 26 -26.17 46.15 12.82
CA GLY G 26 -26.29 44.71 12.89
C GLY G 26 -25.17 43.95 12.21
N LEU G 27 -23.98 44.56 12.14
CA LEU G 27 -22.82 43.96 11.49
C LEU G 27 -21.74 43.65 12.53
N GLN G 28 -20.76 42.84 12.11
CA GLN G 28 -19.73 42.38 13.02
C GLN G 28 -18.41 43.14 12.90
N PHE G 29 -18.01 43.54 11.70
CA PHE G 29 -16.77 44.31 11.59
C PHE G 29 -16.97 45.73 12.11
N PRO G 30 -15.92 46.32 12.71
CA PRO G 30 -16.05 47.60 13.42
C PRO G 30 -16.07 48.78 12.46
N VAL G 31 -17.18 49.52 12.46
CA VAL G 31 -17.29 50.72 11.64
C VAL G 31 -16.23 51.74 12.02
N GLY G 32 -16.04 51.95 13.32
CA GLY G 32 -15.02 52.90 13.77
C GLY G 32 -13.62 52.58 13.29
N ARG G 33 -13.18 51.32 13.41
CA ARG G 33 -11.84 50.96 12.98
C ARG G 33 -11.65 51.13 11.47
N VAL G 34 -12.60 50.66 10.67
CA VAL G 34 -12.50 50.83 9.22
C VAL G 34 -12.48 52.32 8.87
N HIS G 35 -13.30 53.12 9.56
CA HIS G 35 -13.33 54.56 9.33
C HIS G 35 -11.98 55.19 9.64
N ARG G 36 -11.38 54.83 10.78
CA ARG G 36 -10.08 55.39 11.13
C ARG G 36 -9.02 54.99 10.13
N LEU G 37 -9.04 53.73 9.68
CA LEU G 37 -8.05 53.27 8.73
C LEU G 37 -8.21 53.96 7.39
N LEU G 38 -9.44 54.29 7.00
CA LEU G 38 -9.64 55.09 5.79
C LEU G 38 -9.14 56.51 5.97
N ARG G 39 -9.45 57.12 7.11
CA ARG G 39 -9.03 58.50 7.39
C ARG G 39 -7.51 58.64 7.44
N LYS G 40 -6.80 57.63 7.95
CA LYS G 40 -5.35 57.68 8.09
C LYS G 40 -4.59 57.04 6.94
N GLY G 41 -5.26 56.56 5.89
CA GLY G 41 -4.53 55.92 4.81
C GLY G 41 -4.04 56.84 3.72
N ASN G 42 -4.21 58.16 3.89
CA ASN G 42 -3.85 59.15 2.89
C ASN G 42 -4.52 58.85 1.55
N TYR G 43 -5.82 58.59 1.63
CA TYR G 43 -6.63 58.27 0.46
C TYR G 43 -7.46 59.44 -0.04
N SER G 44 -8.06 60.21 0.87
CA SER G 44 -8.81 61.40 0.48
C SER G 44 -8.92 62.32 1.69
N GLU G 45 -9.20 63.60 1.40
CA GLU G 45 -9.29 64.59 2.46
C GLU G 45 -10.60 64.48 3.25
N ARG G 46 -11.67 63.97 2.65
CA ARG G 46 -12.91 63.68 3.36
C ARG G 46 -13.39 62.27 3.02
N VAL G 47 -14.11 61.68 3.97
CA VAL G 47 -14.72 60.36 3.82
C VAL G 47 -16.17 60.45 4.31
N GLY G 48 -17.10 59.95 3.50
CA GLY G 48 -18.50 59.97 3.88
C GLY G 48 -18.81 58.98 4.99
N ALA G 49 -19.95 59.21 5.64
CA ALA G 49 -20.34 58.36 6.76
C ALA G 49 -20.73 56.96 6.31
N GLY G 50 -21.26 56.83 5.10
CA GLY G 50 -21.69 55.52 4.64
C GLY G 50 -20.60 54.66 4.05
N ALA G 51 -19.51 55.28 3.60
CA ALA G 51 -18.43 54.54 2.94
C ALA G 51 -17.81 53.48 3.85
N PRO G 52 -17.44 53.76 5.11
CA PRO G 52 -16.87 52.70 5.93
C PRO G 52 -17.89 51.64 6.31
N VAL G 53 -19.18 52.01 6.37
CA VAL G 53 -20.21 51.02 6.65
C VAL G 53 -20.28 50.02 5.49
N TYR G 54 -20.34 50.55 4.27
CA TYR G 54 -20.38 49.71 3.08
C TYR G 54 -19.15 48.81 3.01
N LEU G 55 -17.96 49.39 3.16
CA LEU G 55 -16.73 48.61 3.11
C LEU G 55 -16.70 47.54 4.19
N ALA G 56 -17.06 47.89 5.42
CA ALA G 56 -17.05 46.88 6.47
C ALA G 56 -18.03 45.76 6.14
N ALA G 57 -19.19 46.12 5.59
CA ALA G 57 -20.22 45.12 5.26
C ALA G 57 -19.73 44.16 4.18
N VAL G 58 -19.04 44.69 3.17
CA VAL G 58 -18.52 43.82 2.12
C VAL G 58 -17.52 42.87 2.75
N LEU G 59 -16.66 43.39 3.64
CA LEU G 59 -15.69 42.51 4.28
C LEU G 59 -16.36 41.39 5.09
N GLU G 60 -17.44 41.69 5.81
CA GLU G 60 -18.16 40.59 6.53
C GLU G 60 -18.61 39.56 5.52
N TYR G 61 -19.29 40.02 4.47
CA TYR G 61 -19.81 39.10 3.46
C TYR G 61 -18.71 38.19 2.92
N LEU G 62 -17.57 38.77 2.52
CA LEU G 62 -16.52 37.96 1.93
C LEU G 62 -15.93 36.98 2.94
N THR G 63 -15.73 37.44 4.18
CA THR G 63 -15.25 36.57 5.24
C THR G 63 -16.22 35.42 5.49
N ALA G 64 -17.52 35.71 5.50
CA ALA G 64 -18.50 34.66 5.73
C ALA G 64 -18.45 33.63 4.62
N GLU G 65 -18.27 34.08 3.38
CA GLU G 65 -18.23 33.15 2.26
C GLU G 65 -17.00 32.24 2.35
N ILE G 66 -15.84 32.85 2.58
CA ILE G 66 -14.60 32.06 2.68
C ILE G 66 -14.65 31.10 3.88
N LEU G 67 -15.13 31.56 5.04
CA LEU G 67 -15.19 30.67 6.20
C LEU G 67 -16.23 29.57 5.99
N GLU G 68 -17.34 29.86 5.31
CA GLU G 68 -18.33 28.84 4.96
C GLU G 68 -17.66 27.73 4.15
N LEU G 69 -17.02 28.10 3.04
CA LEU G 69 -16.40 27.08 2.21
C LEU G 69 -15.27 26.35 2.94
N ALA G 70 -14.45 27.07 3.71
CA ALA G 70 -13.35 26.40 4.39
C ALA G 70 -13.87 25.43 5.44
N GLY G 71 -14.95 25.81 6.14
CA GLY G 71 -15.60 24.88 7.07
C GLY G 71 -16.11 23.64 6.37
N ASN G 72 -16.78 23.83 5.23
CA ASN G 72 -17.22 22.68 4.43
C ASN G 72 -16.06 21.77 4.10
N ALA G 73 -14.96 22.33 3.59
CA ALA G 73 -13.80 21.52 3.25
C ALA G 73 -13.24 20.80 4.47
N ALA G 74 -13.24 21.47 5.62
CA ALA G 74 -12.76 20.85 6.86
C ALA G 74 -13.63 19.65 7.23
N ARG G 75 -14.95 19.80 7.10
CA ARG G 75 -15.84 18.70 7.45
C ARG G 75 -15.67 17.53 6.48
N ASP G 76 -15.47 17.84 5.19
CA ASP G 76 -15.17 16.80 4.22
C ASP G 76 -13.88 16.06 4.58
N ASN G 77 -12.96 16.74 5.25
CA ASN G 77 -11.69 16.16 5.67
C ASN G 77 -11.77 15.59 7.09
N LYS G 78 -12.97 15.57 7.67
CA LYS G 78 -13.20 15.09 9.04
C LYS G 78 -12.33 15.86 10.02
N LYS G 79 -12.19 17.16 9.75
CA LYS G 79 -11.48 18.08 10.63
C LYS G 79 -12.47 19.07 11.24
N THR G 80 -12.29 19.36 12.52
CA THR G 80 -13.12 20.33 13.21
C THR G 80 -12.50 21.72 13.25
N ARG G 81 -11.21 21.82 12.90
CA ARG G 81 -10.53 23.11 12.86
C ARG G 81 -10.06 23.37 11.43
N ILE G 82 -10.35 24.56 10.91
CA ILE G 82 -9.88 24.95 9.59
C ILE G 82 -8.38 25.17 9.63
N ILE G 83 -7.69 24.63 8.64
CA ILE G 83 -6.24 24.79 8.51
C ILE G 83 -5.95 25.51 7.19
N PRO G 84 -4.72 26.00 6.96
CA PRO G 84 -4.42 26.64 5.67
C PRO G 84 -4.75 25.78 4.47
N ARG G 85 -4.55 24.46 4.56
CA ARG G 85 -4.90 23.57 3.45
C ARG G 85 -6.36 23.73 3.06
N HIS G 86 -7.25 23.78 4.06
CA HIS G 86 -8.68 23.96 3.80
C HIS G 86 -8.97 25.32 3.17
N LEU G 87 -8.22 26.36 3.56
CA LEU G 87 -8.38 27.67 2.95
C LEU G 87 -7.99 27.62 1.47
N GLN G 88 -6.90 26.92 1.17
CA GLN G 88 -6.47 26.80 -0.22
C GLN G 88 -7.50 26.03 -1.04
N LEU G 89 -8.01 24.92 -0.48
CA LEU G 89 -9.06 24.19 -1.17
C LEU G 89 -10.28 25.06 -1.42
N ALA G 90 -10.72 25.81 -0.42
CA ALA G 90 -11.88 26.69 -0.58
C ALA G 90 -11.64 27.73 -1.67
N ILE G 91 -10.47 28.35 -1.67
CA ILE G 91 -10.25 29.45 -2.66
C ILE G 91 -10.10 28.87 -4.06
N ARG G 92 -9.42 27.74 -4.20
CA ARG G 92 -9.15 27.22 -5.55
C ARG G 92 -10.32 26.44 -6.12
N ASN G 93 -11.19 25.87 -5.28
CA ASN G 93 -12.34 25.12 -5.77
C ASN G 93 -13.48 26.03 -6.20
N ASP G 94 -13.60 27.20 -5.59
CA ASP G 94 -14.64 28.15 -5.98
C ASP G 94 -14.14 29.02 -7.14
N GLU G 95 -14.88 28.97 -8.25
CA GLU G 95 -14.49 29.64 -9.49
C GLU G 95 -14.30 31.14 -9.30
N GLU G 96 -15.21 31.79 -8.57
CA GLU G 96 -15.17 33.23 -8.44
C GLU G 96 -14.12 33.68 -7.43
N LEU G 97 -13.96 32.91 -6.34
CA LEU G 97 -12.89 33.22 -5.39
C LEU G 97 -11.52 33.02 -6.00
N ASN G 98 -11.33 31.95 -6.80
CA ASN G 98 -10.04 31.75 -7.45
C ASN G 98 -9.73 32.90 -8.40
N LYS G 99 -10.74 33.39 -9.13
CA LYS G 99 -10.56 34.55 -9.98
C LYS G 99 -10.17 35.78 -9.15
N LEU G 100 -10.91 36.03 -8.07
CA LEU G 100 -10.63 37.19 -7.22
C LEU G 100 -9.21 37.11 -6.65
N LEU G 101 -8.75 35.91 -6.31
CA LEU G 101 -7.42 35.69 -5.75
C LEU G 101 -6.51 34.99 -6.76
N GLY G 102 -6.62 35.37 -8.04
CA GLY G 102 -5.85 34.71 -9.08
C GLY G 102 -4.36 34.88 -8.92
N ARG G 103 -3.91 36.01 -8.40
CA ARG G 103 -2.49 36.30 -8.21
C ARG G 103 -2.09 36.29 -6.74
N VAL G 104 -2.69 35.42 -5.94
CA VAL G 104 -2.44 35.36 -4.51
C VAL G 104 -1.93 33.97 -4.15
N THR G 105 -0.84 33.91 -3.40
CA THR G 105 -0.30 32.66 -2.87
C THR G 105 -0.57 32.57 -1.38
N ILE G 106 -1.28 31.51 -0.98
CA ILE G 106 -1.54 31.22 0.43
C ILE G 106 -0.47 30.28 0.93
N ALA G 107 0.24 30.68 1.99
CA ALA G 107 1.30 29.86 2.54
C ALA G 107 0.73 28.62 3.22
N GLN G 108 1.48 27.52 3.12
CA GLN G 108 1.05 26.20 3.62
C GLN G 108 -0.29 25.78 3.02
N GLY G 109 -0.60 26.27 1.82
CA GLY G 109 -1.84 25.91 1.16
C GLY G 109 -1.74 24.69 0.27
N GLY G 110 -0.55 24.44 -0.27
CA GLY G 110 -0.41 23.37 -1.23
C GLY G 110 -1.12 23.69 -2.55
N VAL G 111 -1.43 22.63 -3.29
CA VAL G 111 -2.11 22.74 -4.57
C VAL G 111 -3.29 21.77 -4.60
N LEU G 112 -4.16 21.96 -5.58
CA LEU G 112 -5.28 21.05 -5.78
C LEU G 112 -4.78 19.69 -6.27
N PRO G 113 -5.35 18.59 -5.79
CA PRO G 113 -5.00 17.27 -6.34
C PRO G 113 -5.50 17.10 -7.76
N ASN G 114 -4.84 17.74 -8.72
CA ASN G 114 -5.22 17.69 -10.12
C ASN G 114 -4.18 16.95 -10.96
N ILE G 115 -4.63 15.92 -11.67
CA ILE G 115 -3.77 15.11 -12.53
C ILE G 115 -4.30 15.19 -13.96
N GLN G 116 -3.42 15.50 -14.89
CA GLN G 116 -3.79 15.54 -16.30
C GLN G 116 -4.21 14.16 -16.78
N ALA G 117 -5.21 14.10 -17.65
CA ALA G 117 -5.74 12.79 -18.08
C ALA G 117 -4.71 12.01 -18.89
N VAL G 118 -3.95 12.68 -19.76
CA VAL G 118 -3.05 11.93 -20.63
C VAL G 118 -1.97 11.23 -19.82
N LEU G 119 -1.71 11.70 -18.60
CA LEU G 119 -0.66 11.11 -17.76
C LEU G 119 -1.13 9.87 -17.01
N LEU G 120 -2.43 9.58 -16.99
CA LEU G 120 -2.92 8.41 -16.30
C LEU G 120 -2.56 7.15 -17.10
N PRO G 121 -2.42 6.01 -16.43
CA PRO G 121 -2.08 4.77 -17.15
C PRO G 121 -3.21 4.34 -18.08
N LYS G 122 -2.87 3.44 -19.00
CA LYS G 122 -3.81 3.01 -20.03
C LYS G 122 -4.64 1.83 -19.54
N ARG H 35 3.36 45.47 26.23
CA ARG H 35 2.14 46.26 26.16
C ARG H 35 2.09 47.09 24.88
N SER H 36 2.62 46.54 23.80
CA SER H 36 2.65 47.21 22.51
C SER H 36 1.38 46.85 21.76
N ARG H 37 0.41 47.77 21.75
CA ARG H 37 -0.87 47.54 21.09
C ARG H 37 -0.69 47.39 19.59
N LYS H 38 -1.35 46.39 19.02
CA LYS H 38 -1.29 46.10 17.60
C LYS H 38 -2.69 46.26 16.99
N GLU H 39 -2.84 45.83 15.74
CA GLU H 39 -4.08 45.99 14.99
C GLU H 39 -4.38 44.66 14.30
N SER H 40 -5.49 44.02 14.69
CA SER H 40 -5.97 42.81 14.06
C SER H 40 -7.50 42.75 14.17
N TYR H 41 -8.13 41.96 13.30
CA TYR H 41 -9.57 41.81 13.29
C TYR H 41 -10.01 40.52 13.98
N SER H 42 -9.15 39.99 14.86
CA SER H 42 -9.33 38.64 15.40
C SER H 42 -10.71 38.43 16.03
N ILE H 43 -11.14 39.38 16.87
CA ILE H 43 -12.41 39.17 17.56
C ILE H 43 -13.58 39.23 16.58
N TYR H 44 -13.47 40.06 15.54
CA TYR H 44 -14.56 40.16 14.57
C TYR H 44 -14.61 38.96 13.65
N VAL H 45 -13.44 38.48 13.21
CA VAL H 45 -13.41 37.25 12.43
C VAL H 45 -13.99 36.10 13.25
N TYR H 46 -13.66 36.05 14.54
CA TYR H 46 -14.19 34.95 15.35
C TYR H 46 -15.71 35.07 15.50
N LYS H 47 -16.23 36.29 15.68
CA LYS H 47 -17.69 36.43 15.73
C LYS H 47 -18.37 36.00 14.44
N VAL H 48 -17.83 36.43 13.29
CA VAL H 48 -18.44 35.99 12.02
C VAL H 48 -18.37 34.47 11.87
N LEU H 49 -17.22 33.87 12.19
CA LEU H 49 -17.10 32.42 12.13
C LEU H 49 -18.14 31.74 13.01
N LYS H 50 -18.32 32.22 14.24
CA LYS H 50 -19.34 31.66 15.13
C LYS H 50 -20.74 31.88 14.58
N GLN H 51 -20.94 32.97 13.84
CA GLN H 51 -22.23 33.18 13.18
C GLN H 51 -22.47 32.13 12.10
N VAL H 52 -21.45 31.84 11.29
CA VAL H 52 -21.62 30.94 10.16
C VAL H 52 -21.42 29.50 10.59
N HIS H 53 -20.46 29.26 11.48
CA HIS H 53 -20.15 27.92 11.97
C HIS H 53 -19.75 27.97 13.44
N PRO H 54 -20.71 27.88 14.37
CA PRO H 54 -20.34 27.97 15.79
C PRO H 54 -19.85 26.65 16.35
N ASP H 55 -19.03 25.94 15.59
CA ASP H 55 -18.43 24.69 16.03
C ASP H 55 -16.99 24.52 15.58
N THR H 56 -16.43 25.47 14.83
CA THR H 56 -15.12 25.34 14.23
C THR H 56 -14.16 26.38 14.82
N GLY H 57 -12.92 25.98 15.04
CA GLY H 57 -11.89 26.87 15.50
C GLY H 57 -10.97 27.30 14.37
N ILE H 58 -9.83 27.87 14.74
CA ILE H 58 -8.87 28.37 13.76
C ILE H 58 -7.48 28.44 14.39
N SER H 59 -6.48 27.99 13.63
CA SER H 59 -5.10 27.98 14.10
C SER H 59 -4.45 29.35 13.92
N SER H 60 -3.26 29.51 14.54
CA SER H 60 -2.53 30.76 14.43
C SER H 60 -2.11 31.06 12.99
N LYS H 61 -1.59 30.05 12.28
CA LYS H 61 -1.21 30.26 10.88
C LYS H 61 -2.44 30.64 10.06
N ALA H 62 -3.55 29.95 10.29
CA ALA H 62 -4.79 30.24 9.58
C ALA H 62 -5.30 31.63 9.90
N MET H 63 -5.18 32.05 11.18
CA MET H 63 -5.58 33.39 11.56
C MET H 63 -4.71 34.43 10.88
N GLY H 64 -3.41 34.15 10.78
CA GLY H 64 -2.52 35.04 10.06
C GLY H 64 -2.88 35.15 8.58
N ILE H 65 -3.29 34.03 7.99
CA ILE H 65 -3.71 34.06 6.58
C ILE H 65 -5.00 34.85 6.41
N MET H 66 -5.94 34.71 7.36
CA MET H 66 -7.16 35.49 7.28
C MET H 66 -6.89 36.98 7.44
N ASN H 67 -5.98 37.34 8.36
CA ASN H 67 -5.64 38.75 8.53
C ASN H 67 -4.95 39.32 7.30
N SER H 68 -3.98 38.59 6.75
CA SER H 68 -3.37 39.00 5.49
C SER H 68 -4.40 39.18 4.38
N PHE H 69 -5.31 38.23 4.24
CA PHE H 69 -6.36 38.32 3.22
C PHE H 69 -7.21 39.57 3.39
N VAL H 70 -7.76 39.77 4.59
CA VAL H 70 -8.63 40.92 4.83
C VAL H 70 -7.89 42.23 4.59
N ASN H 71 -6.66 42.35 5.11
CA ASN H 71 -5.90 43.57 4.87
C ASN H 71 -5.64 43.79 3.38
N ASP H 72 -5.29 42.73 2.64
CA ASP H 72 -5.05 42.87 1.21
C ASP H 72 -6.30 43.36 0.50
N ILE H 73 -7.44 42.73 0.79
CA ILE H 73 -8.72 43.14 0.13
C ILE H 73 -8.93 44.61 0.46
N PHE H 74 -8.88 44.94 1.75
CA PHE H 74 -9.08 46.32 2.18
C PHE H 74 -8.23 47.28 1.36
N GLU H 75 -6.92 47.03 1.28
CA GLU H 75 -6.04 47.93 0.55
C GLU H 75 -6.46 48.02 -0.92
N ARG H 76 -6.77 46.89 -1.55
CA ARG H 76 -7.19 46.90 -2.96
C ARG H 76 -8.44 47.74 -3.16
N ILE H 77 -9.47 47.52 -2.35
CA ILE H 77 -10.74 48.20 -2.53
C ILE H 77 -10.59 49.69 -2.22
N ALA H 78 -9.94 50.03 -1.11
CA ALA H 78 -9.75 51.43 -0.75
C ALA H 78 -8.93 52.16 -1.80
N GLY H 79 -7.90 51.50 -2.34
CA GLY H 79 -7.08 52.14 -3.36
C GLY H 79 -7.86 52.40 -4.63
N GLU H 80 -8.62 51.40 -5.09
CA GLU H 80 -9.44 51.60 -6.28
C GLU H 80 -10.48 52.69 -6.06
N ALA H 81 -11.11 52.73 -4.87
CA ALA H 81 -12.08 53.78 -4.61
C ALA H 81 -11.42 55.16 -4.60
N SER H 82 -10.23 55.26 -4.01
CA SER H 82 -9.49 56.51 -3.99
C SER H 82 -9.16 56.98 -5.40
N ARG H 83 -8.68 56.08 -6.25
CA ARG H 83 -8.36 56.44 -7.62
C ARG H 83 -9.63 56.84 -8.37
N LEU H 84 -10.72 56.09 -8.19
CA LEU H 84 -12.00 56.44 -8.78
C LEU H 84 -12.40 57.86 -8.41
N ALA H 85 -12.32 58.20 -7.12
CA ALA H 85 -12.68 59.54 -6.67
C ALA H 85 -11.77 60.61 -7.27
N HIS H 86 -10.46 60.36 -7.31
CA HIS H 86 -9.55 61.35 -7.90
C HIS H 86 -9.85 61.58 -9.38
N TYR H 87 -10.00 60.50 -10.14
CA TYR H 87 -10.27 60.60 -11.57
C TYR H 87 -11.52 61.43 -11.85
N ASN H 88 -12.49 61.42 -10.95
CA ASN H 88 -13.75 62.11 -11.16
C ASN H 88 -13.81 63.45 -10.43
N LYS H 89 -12.66 63.97 -10.00
CA LYS H 89 -12.56 65.24 -9.29
C LYS H 89 -13.43 65.25 -8.03
N ARG H 90 -13.44 64.13 -7.31
CA ARG H 90 -14.15 64.03 -6.05
C ARG H 90 -13.17 63.95 -4.90
N SER H 91 -13.40 64.78 -3.88
CA SER H 91 -12.51 64.88 -2.73
C SER H 91 -13.04 64.12 -1.52
N THR H 92 -14.23 63.53 -1.62
CA THR H 92 -14.84 62.83 -0.49
C THR H 92 -15.04 61.37 -0.86
N ILE H 93 -14.77 60.49 0.10
CA ILE H 93 -15.03 59.07 -0.07
C ILE H 93 -16.48 58.80 0.33
N THR H 94 -17.32 58.47 -0.64
CA THR H 94 -18.73 58.18 -0.45
C THR H 94 -19.02 56.73 -0.84
N SER H 95 -20.28 56.34 -0.67
CA SER H 95 -20.68 54.95 -0.90
C SER H 95 -20.78 54.59 -2.39
N ARG H 96 -20.98 55.56 -3.28
CA ARG H 96 -21.07 55.23 -4.70
C ARG H 96 -19.74 54.76 -5.29
N GLU H 97 -18.63 55.43 -4.96
CA GLU H 97 -17.32 54.93 -5.39
C GLU H 97 -17.00 53.57 -4.77
N ILE H 98 -17.33 53.37 -3.50
CA ILE H 98 -17.11 52.07 -2.88
C ILE H 98 -17.88 51.01 -3.65
N GLN H 99 -19.14 51.30 -3.99
CA GLN H 99 -20.00 50.33 -4.67
C GLN H 99 -19.45 50.01 -6.06
N THR H 100 -19.03 51.04 -6.79
CA THR H 100 -18.49 50.83 -8.13
C THR H 100 -17.19 50.05 -8.07
N ALA H 101 -16.31 50.39 -7.13
CA ALA H 101 -15.07 49.64 -6.93
C ALA H 101 -15.34 48.17 -6.62
N VAL H 102 -16.33 47.90 -5.77
CA VAL H 102 -16.71 46.51 -5.48
C VAL H 102 -17.17 45.82 -6.75
N ARG H 103 -17.94 46.53 -7.59
CA ARG H 103 -18.41 45.92 -8.83
C ARG H 103 -17.27 45.62 -9.77
N LEU H 104 -16.25 46.49 -9.79
CA LEU H 104 -15.07 46.27 -10.62
C LEU H 104 -14.23 45.10 -10.12
N LEU H 105 -14.06 44.99 -8.80
CA LEU H 105 -13.10 44.02 -8.26
C LEU H 105 -13.71 42.64 -8.02
N LEU H 106 -15.00 42.56 -7.68
CA LEU H 106 -15.58 41.29 -7.32
C LEU H 106 -16.19 40.60 -8.54
N PRO H 107 -16.16 39.28 -8.59
CA PRO H 107 -16.77 38.57 -9.74
C PRO H 107 -18.28 38.71 -9.73
N GLY H 108 -18.91 38.09 -10.72
CA GLY H 108 -20.34 38.31 -10.95
C GLY H 108 -21.18 38.10 -9.71
N GLU H 109 -21.34 36.83 -9.29
CA GLU H 109 -22.25 36.56 -8.17
C GLU H 109 -21.74 37.21 -6.89
N LEU H 110 -20.41 37.27 -6.71
CA LEU H 110 -19.87 37.93 -5.53
C LEU H 110 -20.20 39.41 -5.53
N ALA H 111 -20.09 40.06 -6.69
CA ALA H 111 -20.44 41.48 -6.78
C ALA H 111 -21.90 41.71 -6.50
N LYS H 112 -22.78 40.90 -7.11
CA LYS H 112 -24.21 41.08 -6.90
C LYS H 112 -24.60 40.86 -5.44
N HIS H 113 -24.10 39.80 -4.82
CA HIS H 113 -24.45 39.56 -3.43
C HIS H 113 -23.87 40.63 -2.51
N ALA H 114 -22.63 41.05 -2.76
CA ALA H 114 -22.02 42.10 -1.95
C ALA H 114 -22.78 43.42 -2.07
N VAL H 115 -23.13 43.82 -3.30
CA VAL H 115 -23.91 45.05 -3.46
C VAL H 115 -25.25 44.96 -2.74
N SER H 116 -25.94 43.81 -2.85
CA SER H 116 -27.22 43.67 -2.15
C SER H 116 -27.07 43.79 -0.63
N GLU H 117 -26.09 43.09 -0.05
CA GLU H 117 -25.87 43.17 1.39
C GLU H 117 -25.44 44.58 1.81
N GLY H 118 -24.54 45.20 1.06
CA GLY H 118 -24.10 46.54 1.40
C GLY H 118 -25.25 47.53 1.36
N THR H 119 -26.07 47.46 0.32
CA THR H 119 -27.17 48.41 0.20
C THR H 119 -28.18 48.22 1.32
N LYS H 120 -28.61 46.98 1.58
CA LYS H 120 -29.53 46.76 2.70
C LYS H 120 -28.95 47.25 4.01
N ALA H 121 -27.67 46.96 4.28
CA ALA H 121 -27.07 47.37 5.55
C ALA H 121 -26.97 48.89 5.66
N VAL H 122 -26.57 49.57 4.58
CA VAL H 122 -26.46 51.03 4.63
C VAL H 122 -27.83 51.66 4.79
N THR H 123 -28.85 51.10 4.15
CA THR H 123 -30.20 51.65 4.26
C THR H 123 -30.74 51.47 5.67
N LYS H 124 -30.47 50.30 6.28
CA LYS H 124 -30.90 50.09 7.65
C LYS H 124 -30.17 51.02 8.60
N TYR H 125 -28.86 51.23 8.39
CA TYR H 125 -28.16 52.15 9.27
C TYR H 125 -28.72 53.56 9.11
N THR H 126 -28.96 53.99 7.86
CA THR H 126 -29.38 55.37 7.61
C THR H 126 -30.72 55.61 8.29
N SER H 127 -31.63 54.63 8.21
CA SER H 127 -32.89 54.73 8.92
C SER H 127 -32.67 54.75 10.43
N ALA H 128 -31.74 53.92 10.92
CA ALA H 128 -31.46 53.87 12.35
C ALA H 128 -30.68 55.09 12.82
N LYS H 129 -29.99 55.79 11.92
CA LYS H 129 -29.21 56.98 12.24
C LYS H 129 -28.11 56.69 13.26
N SER K 3 -0.37 -49.86 -9.19
CA SER K 3 -0.31 -50.27 -10.58
C SER K 3 -0.22 -49.03 -11.45
N SER K 4 0.36 -49.18 -12.63
CA SER K 4 0.50 -48.08 -13.58
C SER K 4 -0.84 -47.79 -14.24
N SER K 5 -1.76 -48.75 -14.15
CA SER K 5 -3.03 -48.62 -14.87
C SER K 5 -4.20 -49.12 -14.04
N VAL K 6 -5.40 -48.90 -14.55
CA VAL K 6 -6.61 -49.44 -13.95
C VAL K 6 -7.37 -50.24 -14.99
N PRO K 7 -7.69 -51.50 -14.67
CA PRO K 7 -8.45 -52.33 -15.62
C PRO K 7 -9.83 -51.74 -15.87
N SER K 8 -10.28 -51.73 -17.13
CA SER K 8 -11.63 -51.30 -17.44
C SER K 8 -12.65 -52.19 -16.74
N GLN K 9 -13.77 -51.61 -16.32
CA GLN K 9 -14.82 -52.38 -15.66
C GLN K 9 -16.13 -52.34 -16.46
N LYS K 10 -16.11 -51.65 -17.58
CA LYS K 10 -17.27 -51.58 -18.46
C LYS K 10 -17.85 -52.94 -18.86
N THR K 11 -19.14 -53.12 -18.63
CA THR K 11 -19.82 -54.32 -19.07
C THR K 11 -19.76 -54.40 -20.59
N TYR K 12 -19.43 -55.57 -21.10
CA TYR K 12 -19.29 -55.79 -22.53
C TYR K 12 -19.69 -57.23 -22.81
N GLN K 13 -20.91 -57.43 -23.28
CA GLN K 13 -21.40 -58.78 -23.54
C GLN K 13 -20.71 -59.38 -24.77
N GLY K 14 -20.27 -58.52 -25.69
CA GLY K 14 -19.50 -58.95 -26.85
C GLY K 14 -20.27 -59.85 -27.81
N SER K 15 -19.53 -60.45 -28.75
CA SER K 15 -20.13 -61.28 -29.81
C SER K 15 -20.86 -62.50 -29.28
N TYR K 16 -20.41 -63.04 -28.15
CA TYR K 16 -20.96 -64.28 -27.63
C TYR K 16 -22.06 -64.09 -26.60
N GLY K 17 -22.45 -62.85 -26.34
CA GLY K 17 -23.56 -62.56 -25.44
C GLY K 17 -23.23 -63.01 -24.03
N PHE K 18 -22.05 -62.62 -23.56
CA PHE K 18 -21.52 -63.07 -22.28
C PHE K 18 -22.20 -62.35 -21.11
N ARG K 19 -22.83 -63.13 -20.22
CA ARG K 19 -23.47 -62.59 -19.01
C ARG K 19 -23.08 -63.43 -17.80
N LEU K 20 -23.22 -62.87 -16.60
CA LEU K 20 -23.04 -63.63 -15.38
C LEU K 20 -24.38 -64.01 -14.77
N GLY K 21 -24.41 -65.11 -14.04
CA GLY K 21 -25.57 -65.48 -13.24
C GLY K 21 -25.13 -65.90 -11.85
N PHE K 22 -26.03 -65.83 -10.87
CA PHE K 22 -25.71 -66.18 -9.49
C PHE K 22 -26.84 -66.99 -8.88
N LEU K 23 -26.54 -67.82 -7.89
CA LEU K 23 -27.56 -68.60 -7.20
C LEU K 23 -28.52 -67.73 -6.38
N HIS K 24 -29.65 -68.30 -5.96
CA HIS K 24 -30.70 -67.54 -5.28
C HIS K 24 -30.62 -67.59 -3.76
N SER K 25 -29.45 -67.94 -3.22
CA SER K 25 -29.28 -68.04 -1.78
C SER K 25 -29.97 -66.88 -1.06
N GLY K 26 -30.61 -67.19 0.07
CA GLY K 26 -31.28 -66.16 0.86
C GLY K 26 -30.31 -65.44 1.76
N THR K 27 -30.81 -64.93 2.89
CA THR K 27 -29.95 -64.08 3.76
C THR K 27 -29.89 -64.53 5.22
N ALA K 28 -29.81 -65.82 5.50
CA ALA K 28 -29.58 -66.24 6.91
C ALA K 28 -28.22 -65.63 7.28
N LYS K 29 -28.11 -64.96 8.43
CA LYS K 29 -26.85 -64.25 8.77
C LYS K 29 -25.63 -65.14 8.48
N SER K 30 -25.75 -66.46 8.70
CA SER K 30 -24.63 -67.43 8.54
C SER K 30 -24.35 -67.86 7.10
N VAL K 31 -25.20 -67.51 6.13
CA VAL K 31 -25.06 -68.01 4.72
C VAL K 31 -23.59 -67.87 4.28
N THR K 32 -23.09 -68.84 3.52
CA THR K 32 -21.67 -68.84 3.09
C THR K 32 -21.46 -67.90 1.90
N CYS K 33 -22.44 -67.79 1.01
CA CYS K 33 -22.35 -66.98 -0.19
C CYS K 33 -23.75 -66.60 -0.66
N THR K 34 -24.03 -65.31 -0.72
CA THR K 34 -25.33 -64.83 -1.18
C THR K 34 -25.15 -63.59 -2.04
N TYR K 35 -25.91 -63.53 -3.12
CA TYR K 35 -25.81 -62.46 -4.10
C TYR K 35 -27.01 -61.51 -4.00
N SER K 36 -26.74 -60.21 -4.08
CA SER K 36 -27.79 -59.20 -4.06
C SER K 36 -28.00 -58.58 -5.43
N PRO K 37 -29.12 -58.91 -6.11
CA PRO K 37 -29.46 -58.30 -7.40
C PRO K 37 -29.62 -56.78 -7.30
N ALA K 38 -30.13 -56.31 -6.16
CA ALA K 38 -30.35 -54.88 -5.97
C ALA K 38 -29.04 -54.11 -6.01
N LEU K 39 -28.00 -54.69 -5.40
CA LEU K 39 -26.70 -54.05 -5.31
C LEU K 39 -25.69 -54.55 -6.37
N ASN K 40 -26.06 -55.59 -7.12
CA ASN K 40 -25.09 -56.35 -7.93
C ASN K 40 -23.85 -56.65 -7.10
N LYS K 41 -24.06 -57.27 -5.95
CA LYS K 41 -22.98 -57.45 -4.95
C LYS K 41 -23.04 -58.82 -4.34
N MET K 42 -21.92 -59.52 -4.35
CA MET K 42 -21.81 -60.81 -3.70
C MET K 42 -21.36 -60.60 -2.25
N PHE K 43 -21.97 -61.32 -1.33
CA PHE K 43 -21.54 -61.33 0.06
C PHE K 43 -21.13 -62.76 0.39
N CYS K 44 -19.90 -62.95 0.86
CA CYS K 44 -19.40 -64.32 1.04
C CYS K 44 -18.42 -64.42 2.20
N GLN K 45 -18.26 -65.63 2.72
CA GLN K 45 -17.30 -65.86 3.78
C GLN K 45 -15.93 -66.23 3.21
N LEU K 46 -14.90 -65.96 3.99
CA LEU K 46 -13.51 -66.21 3.61
C LEU K 46 -13.30 -67.68 3.31
N ALA K 47 -12.68 -67.96 2.17
CA ALA K 47 -12.33 -69.31 1.75
C ALA K 47 -13.52 -70.20 1.39
N LYS K 48 -14.73 -69.69 1.47
CA LYS K 48 -15.92 -70.46 1.10
C LYS K 48 -16.17 -70.42 -0.39
N THR K 49 -16.88 -71.43 -0.88
CA THR K 49 -17.20 -71.55 -2.30
C THR K 49 -18.13 -70.43 -2.76
N CYS K 50 -17.75 -69.75 -3.83
CA CYS K 50 -18.60 -68.71 -4.42
C CYS K 50 -18.87 -69.03 -5.86
N PRO K 51 -20.05 -69.63 -6.16
CA PRO K 51 -20.36 -70.03 -7.53
C PRO K 51 -20.70 -68.81 -8.36
N VAL K 52 -20.10 -68.73 -9.53
CA VAL K 52 -20.45 -67.71 -10.51
C VAL K 52 -20.75 -68.41 -11.81
N GLN K 53 -21.90 -68.11 -12.39
CA GLN K 53 -22.33 -68.76 -13.62
C GLN K 53 -21.93 -67.91 -14.82
N LEU K 54 -21.34 -68.55 -15.82
CA LEU K 54 -21.08 -67.88 -17.09
C LEU K 54 -22.14 -68.27 -18.10
N TRP K 55 -22.86 -67.28 -18.62
CA TRP K 55 -23.89 -67.49 -19.64
C TRP K 55 -23.42 -66.89 -20.95
N VAL K 56 -23.61 -67.62 -22.05
CA VAL K 56 -23.33 -67.07 -23.37
C VAL K 56 -24.45 -67.43 -24.35
N ASP K 57 -24.69 -66.56 -25.32
CA ASP K 57 -25.71 -66.83 -26.33
C ASP K 57 -25.18 -67.84 -27.35
N SER K 58 -23.89 -67.77 -27.64
CA SER K 58 -23.24 -68.77 -28.47
C SER K 58 -21.85 -69.14 -27.95
N THR K 59 -21.40 -70.34 -28.33
CA THR K 59 -20.19 -70.91 -27.76
C THR K 59 -18.90 -70.30 -28.35
N PRO K 60 -18.07 -69.73 -27.48
CA PRO K 60 -16.77 -69.17 -27.90
C PRO K 60 -15.83 -70.29 -28.33
N PRO K 61 -14.82 -69.97 -29.15
CA PRO K 61 -13.92 -71.00 -29.69
C PRO K 61 -13.10 -71.69 -28.61
N PRO K 62 -12.68 -72.93 -28.89
CA PRO K 62 -11.73 -73.65 -28.02
C PRO K 62 -10.48 -72.79 -27.81
N GLY K 63 -9.98 -72.77 -26.58
CA GLY K 63 -8.84 -71.93 -26.26
C GLY K 63 -9.27 -70.63 -25.59
N THR K 64 -10.56 -70.35 -25.62
CA THR K 64 -11.12 -69.24 -24.85
C THR K 64 -10.87 -69.44 -23.37
N ARG K 65 -10.51 -68.37 -22.67
CA ARG K 65 -10.24 -68.46 -21.23
C ARG K 65 -11.09 -67.48 -20.44
N VAL K 66 -11.22 -67.76 -19.14
CA VAL K 66 -12.01 -66.93 -18.23
C VAL K 66 -11.10 -66.44 -17.13
N ARG K 67 -11.00 -65.12 -16.99
CA ARG K 67 -10.12 -64.50 -16.03
C ARG K 67 -10.90 -63.71 -14.97
N ALA K 68 -10.43 -63.77 -13.72
CA ALA K 68 -11.01 -62.98 -12.64
C ALA K 68 -9.92 -62.13 -12.01
N MET K 69 -10.27 -60.88 -11.76
CA MET K 69 -9.37 -59.91 -11.14
C MET K 69 -10.16 -59.01 -10.20
N ALA K 70 -9.59 -58.67 -9.06
CA ALA K 70 -10.22 -57.71 -8.17
C ALA K 70 -9.60 -56.32 -8.33
N ILE K 71 -10.40 -55.28 -8.19
CA ILE K 71 -9.88 -53.93 -8.02
C ILE K 71 -10.69 -53.24 -6.94
N TYR K 72 -10.10 -52.24 -6.29
CA TYR K 72 -10.86 -51.41 -5.38
C TYR K 72 -11.93 -50.62 -6.14
N LYS K 73 -13.11 -50.52 -5.55
CA LYS K 73 -14.23 -49.82 -6.18
C LYS K 73 -14.11 -48.29 -6.11
N GLN K 74 -13.64 -47.78 -4.96
CA GLN K 74 -13.48 -46.32 -4.80
C GLN K 74 -12.37 -45.79 -5.66
N SER K 75 -12.65 -44.72 -6.40
CA SER K 75 -11.70 -44.21 -7.41
C SER K 75 -10.31 -43.91 -6.85
N GLN K 76 -10.21 -43.40 -5.63
CA GLN K 76 -8.90 -43.04 -5.10
C GLN K 76 -8.05 -44.27 -4.75
N HIS K 77 -8.67 -45.44 -4.64
CA HIS K 77 -7.92 -46.66 -4.34
C HIS K 77 -7.72 -47.54 -5.58
N MET K 78 -8.28 -47.12 -6.70
CA MET K 78 -8.29 -47.97 -7.89
C MET K 78 -6.92 -48.45 -8.36
N THR K 79 -5.90 -47.60 -8.20
CA THR K 79 -4.55 -47.93 -8.66
C THR K 79 -3.82 -48.86 -7.69
N GLU K 80 -4.36 -49.05 -6.50
CA GLU K 80 -3.70 -49.94 -5.54
C GLU K 80 -4.07 -51.39 -5.83
N VAL K 81 -3.05 -52.22 -6.00
CA VAL K 81 -3.27 -53.63 -6.29
C VAL K 81 -3.99 -54.31 -5.13
N VAL K 82 -5.06 -55.04 -5.44
CA VAL K 82 -5.76 -55.81 -4.42
C VAL K 82 -4.95 -57.08 -4.10
N ARG K 83 -4.60 -57.27 -2.84
CA ARG K 83 -3.82 -58.45 -2.44
C ARG K 83 -4.20 -58.88 -1.03
N ARG K 84 -3.74 -60.06 -0.63
CA ARG K 84 -4.02 -60.55 0.71
C ARG K 84 -3.26 -59.74 1.77
N CYS K 85 -3.79 -59.71 2.98
CA CYS K 85 -3.13 -59.00 4.07
C CYS K 85 -1.89 -59.78 4.51
N PRO K 86 -1.01 -59.15 5.30
CA PRO K 86 0.23 -59.80 5.71
C PRO K 86 -0.03 -61.07 6.51
N HIS K 87 -1.06 -61.07 7.34
CA HIS K 87 -1.35 -62.26 8.12
C HIS K 87 -1.77 -63.43 7.23
N HIS K 88 -2.77 -63.23 6.38
CA HIS K 88 -3.28 -64.33 5.57
C HIS K 88 -2.27 -64.77 4.52
N GLU K 89 -1.42 -63.83 4.10
CA GLU K 89 -0.34 -64.12 3.18
C GLU K 89 0.64 -65.11 3.81
N ARG K 90 0.82 -65.02 5.12
CA ARG K 90 1.83 -65.81 5.81
C ARG K 90 1.29 -67.13 6.36
N CYS K 91 0.00 -67.18 6.61
CA CYS K 91 -0.60 -68.39 7.18
C CYS K 91 -0.49 -69.52 6.17
N SER K 92 -0.65 -70.75 6.64
CA SER K 92 -0.34 -71.91 5.81
C SER K 92 -1.59 -72.52 5.17
N ASP K 93 -2.21 -71.76 4.27
CA ASP K 93 -3.48 -72.20 3.71
C ASP K 93 -3.48 -72.37 2.19
N SER K 94 -2.31 -72.30 1.57
CA SER K 94 -2.22 -72.51 0.13
C SER K 94 -2.71 -73.91 -0.23
N ASP K 95 -3.39 -74.01 -1.37
CA ASP K 95 -3.96 -75.26 -1.82
C ASP K 95 -2.98 -76.03 -2.72
N GLY K 96 -1.74 -75.57 -2.75
CA GLY K 96 -0.73 -76.21 -3.57
C GLY K 96 -0.68 -75.62 -4.98
N LEU K 97 -1.71 -74.86 -5.34
CA LEU K 97 -1.81 -74.28 -6.66
C LEU K 97 -1.68 -72.76 -6.64
N ALA K 98 -2.34 -72.12 -5.67
CA ALA K 98 -2.43 -70.66 -5.63
C ALA K 98 -1.29 -70.04 -4.85
N PRO K 99 -0.67 -68.99 -5.40
CA PRO K 99 0.35 -68.25 -4.63
C PRO K 99 -0.30 -67.66 -3.38
N PRO K 100 0.48 -67.51 -2.30
CA PRO K 100 -0.05 -67.12 -0.99
C PRO K 100 -0.66 -65.72 -0.98
N GLN K 101 -0.20 -64.84 -1.88
CA GLN K 101 -0.66 -63.45 -1.85
C GLN K 101 -1.89 -63.15 -2.71
N HIS K 102 -2.38 -64.15 -3.43
CA HIS K 102 -3.53 -63.95 -4.32
C HIS K 102 -4.84 -63.95 -3.53
N LEU K 103 -5.61 -62.88 -3.66
CA LEU K 103 -6.92 -62.83 -3.03
C LEU K 103 -7.87 -63.87 -3.58
N ILE K 104 -7.95 -63.97 -4.91
CA ILE K 104 -8.96 -64.80 -5.54
C ILE K 104 -8.40 -66.11 -6.06
N ARG K 105 -9.02 -67.21 -5.65
CA ARG K 105 -8.63 -68.53 -6.12
C ARG K 105 -9.79 -69.17 -6.86
N VAL K 106 -9.48 -70.16 -7.70
CA VAL K 106 -10.52 -70.99 -8.27
C VAL K 106 -10.37 -72.36 -7.62
N GLU K 107 -11.47 -72.92 -7.13
CA GLU K 107 -11.37 -74.24 -6.53
C GLU K 107 -11.85 -75.31 -7.50
N GLY K 108 -11.21 -76.47 -7.43
CA GLY K 108 -11.64 -77.62 -8.19
C GLY K 108 -11.32 -77.55 -9.68
N ASN K 109 -10.18 -76.97 -10.03
CA ASN K 109 -9.76 -76.94 -11.43
C ASN K 109 -8.26 -77.07 -11.59
N LEU K 110 -7.82 -78.23 -12.06
CA LEU K 110 -6.39 -78.51 -12.21
C LEU K 110 -5.70 -77.63 -13.25
N ARG K 111 -6.49 -77.05 -14.16
CA ARG K 111 -5.92 -76.22 -15.21
C ARG K 111 -5.90 -74.73 -14.87
N VAL K 112 -6.09 -74.41 -13.60
CA VAL K 112 -6.07 -73.03 -13.15
C VAL K 112 -4.65 -72.46 -13.32
N GLU K 113 -4.57 -71.21 -13.76
CA GLU K 113 -3.30 -70.49 -13.76
C GLU K 113 -3.42 -69.20 -12.95
N TYR K 114 -2.36 -68.87 -12.22
CA TYR K 114 -2.30 -67.61 -11.49
C TYR K 114 -1.27 -66.69 -12.09
N LEU K 115 -1.69 -65.48 -12.42
CA LEU K 115 -0.79 -64.53 -13.06
C LEU K 115 -0.47 -63.35 -12.16
N ASP K 116 0.81 -62.99 -12.15
CA ASP K 116 1.25 -61.75 -11.53
C ASP K 116 1.81 -60.90 -12.66
N ASP K 117 0.99 -59.99 -13.18
CA ASP K 117 1.32 -59.24 -14.39
C ASP K 117 2.57 -58.40 -14.21
N ARG K 118 3.54 -58.58 -15.09
CA ARG K 118 4.84 -57.93 -14.96
C ARG K 118 4.77 -56.42 -15.19
N ASN K 119 3.78 -56.00 -15.96
CA ASN K 119 3.64 -54.59 -16.32
C ASN K 119 2.67 -53.82 -15.43
N THR K 120 1.55 -54.45 -15.08
CA THR K 120 0.53 -53.79 -14.27
C THR K 120 0.62 -54.14 -12.80
N PHE K 121 1.28 -55.26 -12.49
CA PHE K 121 1.45 -55.75 -11.13
C PHE K 121 0.15 -56.34 -10.56
N ARG K 122 -0.87 -56.47 -11.40
CA ARG K 122 -2.15 -57.02 -10.99
C ARG K 122 -2.09 -58.54 -10.85
N HIS K 123 -2.82 -59.08 -9.87
CA HIS K 123 -2.99 -60.52 -9.76
C HIS K 123 -4.25 -60.91 -10.51
N SER K 124 -4.26 -62.10 -11.09
CA SER K 124 -5.49 -62.65 -11.63
C SER K 124 -5.41 -64.16 -11.69
N VAL K 125 -6.58 -64.78 -11.79
CA VAL K 125 -6.70 -66.22 -11.90
C VAL K 125 -7.52 -66.54 -13.12
N VAL K 126 -7.02 -67.49 -13.93
CA VAL K 126 -7.58 -67.80 -15.24
C VAL K 126 -7.75 -69.30 -15.41
N VAL K 127 -8.87 -69.70 -15.98
CA VAL K 127 -9.14 -71.08 -16.32
C VAL K 127 -9.64 -71.16 -17.76
N PRO K 128 -9.48 -72.33 -18.39
CA PRO K 128 -10.06 -72.50 -19.73
C PRO K 128 -11.57 -72.43 -19.66
N TYR K 129 -12.19 -71.79 -20.64
CA TYR K 129 -13.65 -71.80 -20.72
C TYR K 129 -14.10 -73.18 -21.19
N GLU K 130 -15.13 -73.73 -20.55
CA GLU K 130 -15.72 -75.00 -20.97
C GLU K 130 -17.21 -74.78 -21.22
N PRO K 131 -17.71 -75.14 -22.41
CA PRO K 131 -19.15 -74.98 -22.64
C PRO K 131 -19.90 -75.78 -21.59
N PRO K 132 -21.17 -75.44 -21.32
CA PRO K 132 -21.87 -76.15 -20.25
C PRO K 132 -21.89 -77.65 -20.49
N GLU K 133 -21.94 -78.43 -19.41
CA GLU K 133 -22.17 -79.86 -19.52
C GLU K 133 -23.48 -80.04 -20.28
N VAL K 134 -23.59 -81.10 -21.09
CA VAL K 134 -24.85 -81.34 -21.80
C VAL K 134 -25.98 -81.44 -20.78
N GLY K 135 -27.06 -80.70 -21.03
CA GLY K 135 -28.17 -80.63 -20.09
C GLY K 135 -28.11 -79.41 -19.20
N SER K 136 -27.02 -78.66 -19.30
CA SER K 136 -26.86 -77.42 -18.54
C SER K 136 -26.89 -76.22 -19.50
N ASP K 137 -27.29 -75.07 -18.98
CA ASP K 137 -27.39 -73.87 -19.79
C ASP K 137 -26.25 -72.91 -19.51
N CYS K 138 -25.45 -73.22 -18.49
CA CYS K 138 -24.38 -72.31 -18.13
C CYS K 138 -23.21 -73.07 -17.57
N THR K 139 -22.08 -72.39 -17.53
CA THR K 139 -20.88 -72.95 -16.95
C THR K 139 -20.65 -72.26 -15.61
N THR K 140 -20.46 -73.04 -14.56
CA THR K 140 -20.25 -72.48 -13.24
C THR K 140 -18.78 -72.55 -12.86
N ILE K 141 -18.24 -71.44 -12.39
CA ILE K 141 -16.90 -71.41 -11.84
C ILE K 141 -16.99 -71.16 -10.35
N HIS K 142 -16.12 -71.81 -9.58
CA HIS K 142 -16.16 -71.68 -8.14
C HIS K 142 -14.95 -70.91 -7.62
N TYR K 143 -15.21 -69.70 -7.16
CA TYR K 143 -14.15 -68.85 -6.65
C TYR K 143 -14.10 -68.94 -5.13
N ASN K 144 -12.93 -68.68 -4.56
CA ASN K 144 -12.74 -68.53 -3.14
C ASN K 144 -12.09 -67.17 -2.95
N TYR K 145 -12.54 -66.42 -1.95
CA TYR K 145 -11.89 -65.16 -1.58
C TYR K 145 -11.16 -65.36 -0.26
N MET K 146 -9.86 -65.04 -0.22
CA MET K 146 -8.97 -65.50 0.83
C MET K 146 -8.60 -64.46 1.91
N CYS K 147 -9.28 -63.32 1.88
CA CYS K 147 -9.26 -62.35 2.99
C CYS K 147 -10.68 -61.80 3.16
N ASN K 148 -10.96 -61.30 4.37
CA ASN K 148 -12.16 -60.51 4.60
C ASN K 148 -11.95 -59.11 4.09
N SER K 149 -13.02 -58.44 3.70
CA SER K 149 -12.92 -57.05 3.24
C SER K 149 -12.28 -56.19 4.31
N SER K 150 -12.44 -56.60 5.57
CA SER K 150 -11.95 -55.81 6.72
C SER K 150 -10.49 -56.05 7.09
N CYS K 151 -9.79 -56.96 6.41
CA CYS K 151 -8.45 -57.34 6.88
C CYS K 151 -7.53 -56.13 6.93
N MET K 152 -6.96 -55.88 8.10
CA MET K 152 -6.06 -54.74 8.24
C MET K 152 -4.75 -55.04 7.50
N GLY K 153 -4.20 -54.02 6.84
CA GLY K 153 -3.05 -54.23 5.99
C GLY K 153 -3.38 -54.89 4.65
N GLY K 154 -4.66 -55.19 4.43
CA GLY K 154 -5.11 -55.76 3.16
C GLY K 154 -6.16 -54.86 2.56
N MET K 155 -7.35 -55.40 2.30
CA MET K 155 -8.44 -54.59 1.79
C MET K 155 -8.87 -53.50 2.78
N ASN K 156 -8.63 -53.73 4.07
CA ASN K 156 -8.79 -52.70 5.10
C ASN K 156 -10.15 -51.98 5.00
N ARG K 157 -11.24 -52.77 4.89
CA ARG K 157 -12.63 -52.21 4.87
C ARG K 157 -12.96 -51.47 3.57
N ARG K 158 -12.13 -51.58 2.52
CA ARG K 158 -12.49 -50.98 1.24
C ARG K 158 -13.21 -51.99 0.36
N PRO K 159 -14.35 -51.59 -0.22
CA PRO K 159 -15.08 -52.47 -1.15
C PRO K 159 -14.27 -52.75 -2.42
N ILE K 160 -14.46 -53.92 -2.99
CA ILE K 160 -13.80 -54.29 -4.24
C ILE K 160 -14.82 -54.70 -5.29
N LEU K 161 -14.39 -54.69 -6.54
CA LEU K 161 -15.14 -55.29 -7.61
C LEU K 161 -14.38 -56.50 -8.09
N THR K 162 -15.10 -57.54 -8.47
CA THR K 162 -14.48 -58.62 -9.21
C THR K 162 -14.82 -58.41 -10.68
N ILE K 163 -13.80 -58.39 -11.52
CA ILE K 163 -13.99 -58.27 -12.97
C ILE K 163 -13.77 -59.64 -13.63
N ILE K 164 -14.80 -60.14 -14.30
CA ILE K 164 -14.69 -61.41 -15.00
C ILE K 164 -14.57 -61.15 -16.50
N THR K 165 -13.45 -61.56 -17.11
CA THR K 165 -13.31 -61.35 -18.55
C THR K 165 -13.23 -62.64 -19.35
N LEU K 166 -13.92 -62.64 -20.48
CA LEU K 166 -13.79 -63.69 -21.47
C LEU K 166 -12.70 -63.21 -22.43
N GLU K 167 -11.66 -64.00 -22.61
CA GLU K 167 -10.59 -63.60 -23.51
C GLU K 167 -10.17 -64.72 -24.44
N ASP K 168 -9.65 -64.34 -25.60
CA ASP K 168 -9.14 -65.33 -26.53
C ASP K 168 -7.76 -65.81 -26.10
N SER K 169 -7.17 -66.69 -26.89
CA SER K 169 -5.97 -67.41 -26.53
C SER K 169 -4.76 -66.49 -26.40
N SER K 170 -4.83 -65.31 -27.05
CA SER K 170 -3.80 -64.27 -26.93
C SER K 170 -4.07 -63.30 -25.77
N GLY K 171 -5.24 -63.41 -25.14
CA GLY K 171 -5.56 -62.54 -24.03
C GLY K 171 -6.42 -61.37 -24.47
N ASN K 172 -6.80 -61.35 -25.74
CA ASN K 172 -7.68 -60.30 -26.25
C ASN K 172 -9.09 -60.40 -25.68
N LEU K 173 -9.74 -59.27 -25.48
CA LEU K 173 -11.03 -59.22 -24.80
C LEU K 173 -12.18 -59.73 -25.68
N LEU K 174 -12.95 -60.68 -25.15
CA LEU K 174 -14.13 -61.20 -25.84
C LEU K 174 -15.39 -60.71 -25.16
N GLY K 175 -15.29 -60.47 -23.85
CA GLY K 175 -16.44 -60.06 -23.07
C GLY K 175 -16.03 -59.68 -21.66
N ARG K 176 -16.84 -58.91 -20.98
CA ARG K 176 -16.51 -58.48 -19.63
C ARG K 176 -17.76 -58.23 -18.81
N ASN K 177 -17.71 -58.65 -17.55
CA ASN K 177 -18.77 -58.37 -16.59
C ASN K 177 -18.12 -58.17 -15.24
N SER K 178 -18.86 -57.65 -14.27
CA SER K 178 -18.29 -57.42 -12.94
C SER K 178 -19.36 -57.41 -11.88
N PHE K 179 -18.93 -57.60 -10.64
CA PHE K 179 -19.82 -57.45 -9.50
C PHE K 179 -19.04 -56.98 -8.29
N GLU K 180 -19.72 -56.31 -7.36
CA GLU K 180 -19.08 -55.91 -6.12
C GLU K 180 -19.01 -57.12 -5.21
N VAL K 181 -18.01 -57.12 -4.33
CA VAL K 181 -17.84 -58.20 -3.37
C VAL K 181 -17.57 -57.66 -1.98
N ARG K 182 -18.28 -58.22 -1.00
CA ARG K 182 -17.92 -58.05 0.40
C ARG K 182 -17.60 -59.41 1.01
N VAL K 183 -16.38 -59.58 1.50
CA VAL K 183 -16.01 -60.83 2.16
C VAL K 183 -16.08 -60.55 3.66
N CYS K 184 -16.92 -61.30 4.35
CA CYS K 184 -17.27 -60.98 5.72
C CYS K 184 -17.72 -62.22 6.49
N ALA K 185 -17.82 -62.09 7.80
CA ALA K 185 -18.21 -63.20 8.66
C ALA K 185 -19.69 -63.56 8.57
N CYS K 186 -20.55 -62.55 8.38
CA CYS K 186 -21.98 -62.78 8.34
C CYS K 186 -22.63 -62.20 7.07
N PRO K 187 -22.52 -62.93 5.95
CA PRO K 187 -23.01 -62.43 4.66
C PRO K 187 -24.48 -62.04 4.68
N GLY K 188 -25.35 -62.88 5.25
CA GLY K 188 -26.78 -62.60 5.31
C GLY K 188 -27.10 -61.35 6.10
N ARG K 189 -26.49 -61.22 7.28
CA ARG K 189 -26.66 -60.01 8.08
C ARG K 189 -26.25 -58.77 7.30
N ASP K 190 -25.06 -58.82 6.71
CA ASP K 190 -24.50 -57.64 6.06
C ASP K 190 -25.24 -57.29 4.76
N ARG K 191 -25.71 -58.31 4.05
CA ARG K 191 -26.49 -58.05 2.84
C ARG K 191 -27.78 -57.33 3.19
N ARG K 192 -28.49 -57.80 4.22
CA ARG K 192 -29.77 -57.16 4.60
C ARG K 192 -29.49 -55.72 5.04
N THR K 193 -28.42 -55.52 5.80
CA THR K 193 -28.09 -54.18 6.26
C THR K 193 -27.86 -53.21 5.10
N GLU K 194 -27.06 -53.61 4.11
CA GLU K 194 -26.81 -52.73 2.98
C GLU K 194 -28.03 -52.53 2.07
N GLU K 195 -28.87 -53.53 1.96
CA GLU K 195 -30.11 -53.39 1.21
C GLU K 195 -31.09 -52.43 1.92
N GLU K 196 -31.18 -52.55 3.25
CA GLU K 196 -32.01 -51.64 4.03
C GLU K 196 -31.53 -50.20 3.88
N ASN K 197 -30.22 -50.02 3.91
CA ASN K 197 -29.63 -48.68 3.80
C ASN K 197 -29.83 -48.02 2.44
N LEU K 198 -30.30 -48.79 1.48
CA LEU K 198 -30.62 -48.28 0.17
C LEU K 198 -31.83 -47.34 0.29
N ARG K 199 -32.69 -47.64 1.25
CA ARG K 199 -33.90 -46.85 1.51
C ARG K 199 -33.59 -45.63 2.37
N LYS K 200 -32.33 -45.51 2.79
CA LYS K 200 -31.92 -44.42 3.65
C LYS K 200 -31.01 -43.44 2.91
N SER L 3 9.06 -71.66 22.23
CA SER L 3 10.23 -71.61 23.09
C SER L 3 10.43 -72.95 23.78
N SER L 4 11.68 -73.25 24.12
CA SER L 4 12.01 -74.50 24.80
C SER L 4 11.58 -74.43 26.26
N SER L 5 11.34 -73.22 26.75
CA SER L 5 11.03 -73.01 28.16
C SER L 5 9.93 -71.98 28.39
N VAL L 6 9.52 -71.86 29.65
CA VAL L 6 8.58 -70.83 30.05
C VAL L 6 9.16 -70.05 31.21
N PRO L 7 9.25 -68.73 31.06
CA PRO L 7 9.79 -67.90 32.15
C PRO L 7 8.90 -68.01 33.38
N SER L 8 9.51 -68.11 34.56
CA SER L 8 8.77 -68.09 35.81
C SER L 8 8.01 -66.77 35.95
N GLN L 9 6.83 -66.83 36.56
CA GLN L 9 6.05 -65.61 36.77
C GLN L 9 5.84 -65.34 38.25
N LYS L 10 6.42 -66.19 39.09
CA LYS L 10 6.28 -66.07 40.54
C LYS L 10 6.73 -64.71 41.07
N THR L 11 5.84 -64.05 41.80
CA THR L 11 6.21 -62.81 42.48
C THR L 11 7.36 -63.09 43.46
N TYR L 12 8.37 -62.24 43.42
CA TYR L 12 9.55 -62.38 44.27
C TYR L 12 10.07 -60.99 44.56
N GLN L 13 9.75 -60.47 45.74
CA GLN L 13 10.17 -59.13 46.10
C GLN L 13 11.68 -59.08 46.38
N GLY L 14 12.25 -60.21 46.78
CA GLY L 14 13.69 -60.32 46.97
C GLY L 14 14.27 -59.44 48.07
N SER L 15 15.59 -59.32 48.09
CA SER L 15 16.30 -58.61 49.16
C SER L 15 15.98 -57.12 49.18
N TYR L 16 15.64 -56.56 48.02
CA TYR L 16 15.45 -55.12 47.92
C TYR L 16 13.99 -54.69 48.05
N GLY L 17 13.10 -55.64 48.31
CA GLY L 17 11.69 -55.34 48.50
C GLY L 17 11.06 -54.73 47.26
N PHE L 18 11.29 -55.40 46.13
CA PHE L 18 10.88 -54.91 44.81
C PHE L 18 9.36 -55.08 44.62
N ARG L 19 8.67 -53.97 44.36
CA ARG L 19 7.24 -53.97 44.08
C ARG L 19 6.95 -53.10 42.87
N LEU L 20 5.80 -53.31 42.24
CA LEU L 20 5.35 -52.43 41.16
C LEU L 20 4.25 -51.50 41.68
N GLY L 21 4.16 -50.31 41.09
CA GLY L 21 3.04 -49.43 41.32
C GLY L 21 2.50 -48.90 40.00
N PHE L 22 1.25 -48.42 40.01
CA PHE L 22 0.62 -47.91 38.81
C PHE L 22 -0.19 -46.64 39.11
N LEU L 23 -0.36 -45.78 38.12
CA LEU L 23 -1.15 -44.56 38.28
C LEU L 23 -2.63 -44.85 38.52
N HIS L 24 -3.37 -43.85 39.00
CA HIS L 24 -4.77 -44.03 39.39
C HIS L 24 -5.77 -43.68 38.29
N SER L 25 -5.27 -43.63 37.05
CA SER L 25 -6.09 -43.27 35.88
C SER L 25 -7.46 -43.93 35.95
N GLY L 26 -8.51 -43.18 35.62
CA GLY L 26 -9.87 -43.73 35.74
C GLY L 26 -10.24 -44.61 34.57
N THR L 27 -11.53 -44.87 34.39
CA THR L 27 -12.00 -45.80 33.33
C THR L 27 -12.73 -45.06 32.19
N ALA L 28 -12.32 -43.83 31.85
CA ALA L 28 -12.89 -43.15 30.67
C ALA L 28 -12.80 -44.10 29.48
N LYS L 29 -13.86 -44.19 28.68
CA LYS L 29 -13.91 -45.15 27.55
C LYS L 29 -12.55 -45.32 26.88
N SER L 30 -11.93 -44.23 26.43
CA SER L 30 -10.67 -44.37 25.65
C SER L 30 -9.46 -43.78 26.39
N VAL L 31 -9.36 -44.02 27.69
CA VAL L 31 -8.16 -43.58 28.45
C VAL L 31 -6.98 -44.31 27.83
N THR L 32 -5.83 -43.65 27.68
CA THR L 32 -4.65 -44.25 27.01
C THR L 32 -4.11 -45.43 27.80
N CYS L 33 -4.16 -45.37 29.13
CA CYS L 33 -3.59 -46.41 29.98
C CYS L 33 -4.24 -46.37 31.35
N THR L 34 -4.86 -47.47 31.75
CA THR L 34 -5.50 -47.55 33.07
C THR L 34 -5.29 -48.93 33.66
N TYR L 35 -5.02 -48.94 34.96
CA TYR L 35 -4.68 -50.15 35.67
C TYR L 35 -5.83 -50.58 36.57
N SER L 36 -6.07 -51.89 36.62
CA SER L 36 -7.12 -52.43 37.47
C SER L 36 -6.52 -53.21 38.64
N PRO L 37 -6.61 -52.66 39.86
CA PRO L 37 -6.13 -53.37 41.06
C PRO L 37 -6.90 -54.68 41.27
N ALA L 38 -8.18 -54.68 40.92
CA ALA L 38 -9.00 -55.86 41.14
C ALA L 38 -8.50 -57.03 40.32
N LEU L 39 -8.07 -56.73 39.09
CA LEU L 39 -7.64 -57.76 38.15
C LEU L 39 -6.12 -57.89 38.04
N ASN L 40 -5.38 -57.00 38.72
CA ASN L 40 -3.94 -56.82 38.45
C ASN L 40 -3.68 -56.80 36.94
N LYS L 41 -4.37 -55.90 36.26
CA LYS L 41 -4.36 -55.90 34.80
C LYS L 41 -4.26 -54.48 34.26
N MET L 42 -3.29 -54.24 33.39
CA MET L 42 -3.22 -52.97 32.71
C MET L 42 -4.02 -53.02 31.41
N PHE L 43 -4.79 -51.97 31.15
CA PHE L 43 -5.52 -51.80 29.90
C PHE L 43 -4.92 -50.58 29.23
N CYS L 44 -4.46 -50.71 28.00
CA CYS L 44 -3.79 -49.61 27.34
C CYS L 44 -3.98 -49.61 25.84
N GLN L 45 -3.74 -48.47 25.20
CA GLN L 45 -3.85 -48.38 23.75
C GLN L 45 -2.50 -48.67 23.09
N LEU L 46 -2.54 -49.11 21.84
CA LEU L 46 -1.36 -49.44 21.06
C LEU L 46 -0.43 -48.24 20.91
N ALA L 47 0.84 -48.43 21.24
CA ALA L 47 1.88 -47.41 21.09
C ALA L 47 1.79 -46.24 22.08
N LYS L 48 0.82 -46.26 22.99
CA LYS L 48 0.68 -45.21 23.98
C LYS L 48 1.55 -45.47 25.18
N THR L 49 1.89 -44.41 25.89
CA THR L 49 2.73 -44.49 27.08
C THR L 49 2.06 -45.27 28.20
N CYS L 50 2.75 -46.27 28.74
CA CYS L 50 2.27 -47.02 29.88
C CYS L 50 3.25 -46.93 31.03
N PRO L 51 2.97 -46.05 32.01
CA PRO L 51 3.91 -45.87 33.11
C PRO L 51 3.83 -47.03 34.10
N VAL L 52 4.99 -47.59 34.43
CA VAL L 52 5.06 -48.60 35.47
C VAL L 52 6.06 -48.12 36.51
N GLN L 53 5.64 -48.06 37.77
CA GLN L 53 6.53 -47.62 38.84
C GLN L 53 7.28 -48.79 39.46
N LEU L 54 8.58 -48.61 39.68
CA LEU L 54 9.38 -49.57 40.40
C LEU L 54 9.61 -49.06 41.83
N TRP L 55 9.14 -49.82 42.81
CA TRP L 55 9.34 -49.49 44.21
C TRP L 55 10.30 -50.47 44.83
N VAL L 56 11.24 -49.98 45.63
CA VAL L 56 12.13 -50.85 46.39
C VAL L 56 12.28 -50.33 47.82
N ASP L 57 12.49 -51.24 48.76
CA ASP L 57 12.71 -50.86 50.15
C ASP L 57 14.13 -50.32 50.32
N SER L 58 15.08 -50.89 49.60
CA SER L 58 16.45 -50.37 49.59
C SER L 58 17.05 -50.42 48.18
N THR L 59 18.03 -49.56 47.95
CA THR L 59 18.58 -49.36 46.62
C THR L 59 19.51 -50.49 46.18
N PRO L 60 19.20 -51.13 45.05
CA PRO L 60 20.04 -52.18 44.45
C PRO L 60 21.35 -51.56 43.95
N PRO L 61 22.40 -52.38 43.81
CA PRO L 61 23.71 -51.88 43.39
C PRO L 61 23.70 -51.29 41.98
N PRO L 62 24.62 -50.37 41.71
CA PRO L 62 24.84 -49.86 40.36
C PRO L 62 25.12 -51.02 39.40
N GLY L 63 24.54 -50.98 38.22
CA GLY L 63 24.67 -52.06 37.27
C GLY L 63 23.44 -52.93 37.27
N THR L 64 22.56 -52.72 38.25
CA THR L 64 21.27 -53.41 38.29
C THR L 64 20.42 -53.00 37.09
N ARG L 65 19.78 -53.97 36.46
CA ARG L 65 18.96 -53.70 35.28
C ARG L 65 17.49 -54.11 35.49
N VAL L 66 16.61 -53.53 34.68
CA VAL L 66 15.19 -53.85 34.73
C VAL L 66 14.75 -54.41 33.39
N ARG L 67 14.25 -55.63 33.39
CA ARG L 67 13.83 -56.28 32.16
C ARG L 67 12.31 -56.49 32.11
N ALA L 68 11.74 -56.35 30.90
CA ALA L 68 10.33 -56.66 30.68
C ALA L 68 10.18 -57.68 29.56
N MET L 69 9.31 -58.65 29.79
CA MET L 69 9.05 -59.73 28.85
C MET L 69 7.56 -60.08 28.91
N ALA L 70 6.96 -60.33 27.74
CA ALA L 70 5.58 -60.80 27.70
C ALA L 70 5.55 -62.32 27.53
N ILE L 71 4.58 -62.97 28.17
CA ILE L 71 4.23 -64.36 27.85
C ILE L 71 2.71 -64.46 27.78
N TYR L 72 2.22 -65.45 27.02
CA TYR L 72 0.79 -65.75 27.05
C TYR L 72 0.39 -66.27 28.42
N LYS L 73 -0.76 -65.81 28.90
CA LYS L 73 -1.26 -66.18 30.23
C LYS L 73 -1.83 -67.60 30.28
N GLN L 74 -2.58 -67.98 29.25
CA GLN L 74 -3.16 -69.32 29.18
C GLN L 74 -2.09 -70.38 29.04
N SER L 75 -2.15 -71.42 29.87
CA SER L 75 -1.09 -72.44 29.92
C SER L 75 -0.78 -73.11 28.58
N GLN L 76 -1.79 -73.33 27.75
CA GLN L 76 -1.53 -74.00 26.48
C GLN L 76 -0.78 -73.13 25.47
N HIS L 77 -0.76 -71.81 25.70
CA HIS L 77 -0.08 -70.89 24.80
C HIS L 77 1.27 -70.45 25.36
N MET L 78 1.58 -70.86 26.59
CA MET L 78 2.73 -70.33 27.31
C MET L 78 4.06 -70.51 26.59
N THR L 79 4.20 -71.59 25.84
CA THR L 79 5.46 -71.84 25.13
C THR L 79 5.59 -71.05 23.83
N GLU L 80 4.50 -70.42 23.39
CA GLU L 80 4.56 -69.62 22.16
C GLU L 80 5.14 -68.25 22.45
N VAL L 81 6.20 -67.89 21.73
CA VAL L 81 6.80 -66.57 21.88
C VAL L 81 5.81 -65.46 21.54
N VAL L 82 5.65 -64.50 22.43
CA VAL L 82 4.81 -63.34 22.13
C VAL L 82 5.57 -62.40 21.21
N ARG L 83 4.99 -62.10 20.06
CA ARG L 83 5.63 -61.21 19.10
C ARG L 83 4.59 -60.36 18.37
N ARG L 84 5.06 -59.36 17.63
CA ARG L 84 4.14 -58.52 16.87
C ARG L 84 3.54 -59.28 15.71
N CYS L 85 2.37 -58.87 15.25
CA CYS L 85 1.74 -59.53 14.11
C CYS L 85 2.45 -59.16 12.81
N PRO L 86 2.13 -59.87 11.73
CA PRO L 86 2.82 -59.65 10.46
C PRO L 86 2.59 -58.23 9.92
N HIS L 87 1.39 -57.69 10.09
CA HIS L 87 1.13 -56.33 9.63
C HIS L 87 1.93 -55.27 10.39
N HIS L 88 1.81 -55.24 11.70
CA HIS L 88 2.55 -54.25 12.48
C HIS L 88 4.08 -54.43 12.39
N GLU L 89 4.53 -55.67 12.29
CA GLU L 89 5.94 -56.01 12.08
C GLU L 89 6.48 -55.30 10.83
N ARG L 90 5.63 -55.20 9.80
CA ARG L 90 6.04 -54.69 8.51
C ARG L 90 5.86 -53.19 8.37
N CYS L 91 4.93 -52.63 9.13
CA CYS L 91 4.64 -51.20 9.03
C CYS L 91 5.87 -50.43 9.52
N SER L 92 5.93 -49.15 9.14
CA SER L 92 7.15 -48.37 9.34
C SER L 92 7.10 -47.53 10.60
N ASP L 93 7.08 -48.17 11.76
CA ASP L 93 6.88 -47.44 13.01
C ASP L 93 8.02 -47.58 14.01
N SER L 94 9.11 -48.21 13.59
CA SER L 94 10.27 -48.36 14.48
C SER L 94 10.80 -46.99 14.91
N ASP L 95 11.20 -46.90 16.17
CA ASP L 95 11.69 -45.64 16.73
C ASP L 95 13.19 -45.48 16.55
N GLY L 96 13.78 -46.35 15.72
CA GLY L 96 15.20 -46.29 15.46
C GLY L 96 15.99 -47.14 16.45
N LEU L 97 15.33 -47.54 17.53
CA LEU L 97 15.99 -48.32 18.57
C LEU L 97 15.45 -49.75 18.66
N ALA L 98 14.13 -49.89 18.59
CA ALA L 98 13.48 -51.19 18.77
C ALA L 98 13.37 -51.99 17.48
N PRO L 99 13.72 -53.28 17.54
CA PRO L 99 13.49 -54.16 16.38
C PRO L 99 11.99 -54.22 16.09
N PRO L 100 11.62 -54.41 14.80
CA PRO L 100 10.23 -54.29 14.35
C PRO L 100 9.32 -55.34 14.95
N GLN L 101 9.86 -56.49 15.34
CA GLN L 101 9.03 -57.59 15.81
C GLN L 101 8.81 -57.63 17.32
N HIS L 102 9.45 -56.73 18.05
CA HIS L 102 9.28 -56.67 19.50
C HIS L 102 7.96 -56.03 19.87
N LEU L 103 7.16 -56.74 20.67
CA LEU L 103 5.92 -56.19 21.20
C LEU L 103 6.16 -55.02 22.13
N ILE L 104 7.08 -55.21 23.07
CA ILE L 104 7.26 -54.23 24.15
C ILE L 104 8.46 -53.35 23.92
N ARG L 105 8.24 -52.05 23.96
CA ARG L 105 9.29 -51.06 23.84
C ARG L 105 9.37 -50.21 25.10
N VAL L 106 10.55 -49.67 25.38
CA VAL L 106 10.66 -48.63 26.38
C VAL L 106 10.79 -47.30 25.65
N GLU L 107 10.02 -46.29 26.05
CA GLU L 107 10.17 -44.99 25.41
C GLU L 107 11.00 -44.03 26.27
N GLY L 108 11.78 -43.18 25.60
CA GLY L 108 12.54 -42.15 26.28
C GLY L 108 13.73 -42.65 27.09
N ASN L 109 14.42 -43.65 26.56
CA ASN L 109 15.64 -44.14 27.21
C ASN L 109 16.69 -44.58 26.20
N LEU L 110 17.75 -43.77 26.08
CA LEU L 110 18.82 -44.04 25.12
C LEU L 110 19.60 -45.31 25.43
N ARG L 111 19.55 -45.74 26.69
CA ARG L 111 20.34 -46.91 27.11
C ARG L 111 19.52 -48.20 27.05
N VAL L 112 18.41 -48.17 26.33
CA VAL L 112 17.56 -49.35 26.21
C VAL L 112 18.27 -50.40 25.38
N GLU L 113 18.15 -51.67 25.78
CA GLU L 113 18.61 -52.78 24.96
C GLU L 113 17.49 -53.75 24.65
N TYR L 114 17.46 -54.24 23.41
CA TYR L 114 16.48 -55.23 23.03
C TYR L 114 17.16 -56.58 22.81
N LEU L 115 16.66 -57.61 23.49
CA LEU L 115 17.28 -58.93 23.38
C LEU L 115 16.39 -59.94 22.68
N ASP L 116 16.99 -60.71 21.80
CA ASP L 116 16.34 -61.86 21.20
C ASP L 116 17.13 -63.08 21.66
N ASP L 117 16.64 -63.72 22.71
CA ASP L 117 17.38 -64.78 23.39
C ASP L 117 17.67 -65.94 22.46
N ARG L 118 18.95 -66.29 22.33
CA ARG L 118 19.38 -67.33 21.38
C ARG L 118 18.90 -68.71 21.78
N ASN L 119 18.67 -68.92 23.07
CA ASN L 119 18.31 -70.24 23.57
C ASN L 119 16.79 -70.42 23.75
N THR L 120 16.13 -69.38 24.25
CA THR L 120 14.70 -69.45 24.54
C THR L 120 13.85 -68.84 23.41
N PHE L 121 14.48 -67.99 22.61
CA PHE L 121 13.81 -67.31 21.50
C PHE L 121 12.88 -66.19 21.98
N ARG L 122 12.95 -65.88 23.27
CA ARG L 122 12.09 -64.85 23.86
C ARG L 122 12.61 -63.45 23.53
N HIS L 123 11.70 -62.51 23.31
CA HIS L 123 12.09 -61.12 23.20
C HIS L 123 12.03 -60.48 24.57
N SER L 124 12.91 -59.52 24.83
CA SER L 124 12.79 -58.72 26.04
C SER L 124 13.45 -57.37 25.87
N VAL L 125 13.05 -56.42 26.70
CA VAL L 125 13.61 -55.08 26.65
C VAL L 125 14.12 -54.73 28.05
N VAL L 126 15.37 -54.26 28.10
CA VAL L 126 16.06 -54.01 29.37
C VAL L 126 16.65 -52.61 29.42
N VAL L 127 16.52 -51.97 30.58
CA VAL L 127 17.16 -50.68 30.81
C VAL L 127 17.90 -50.73 32.15
N PRO L 128 18.89 -49.84 32.33
CA PRO L 128 19.57 -49.76 33.64
C PRO L 128 18.59 -49.25 34.69
N TYR L 129 18.63 -49.86 35.87
CA TYR L 129 17.85 -49.34 36.99
C TYR L 129 18.46 -48.04 37.49
N GLU L 130 17.64 -46.99 37.60
CA GLU L 130 18.08 -45.66 38.09
C GLU L 130 17.41 -45.38 39.42
N PRO L 131 18.19 -45.22 40.52
CA PRO L 131 17.61 -44.97 41.83
C PRO L 131 16.80 -43.67 41.80
N PRO L 132 15.71 -43.57 42.60
CA PRO L 132 14.95 -42.33 42.66
C PRO L 132 15.80 -41.22 43.27
N GLU L 133 15.57 -39.97 42.86
CA GLU L 133 16.29 -38.82 43.48
C GLU L 133 16.15 -38.98 44.99
N VAL L 134 17.21 -38.77 45.76
CA VAL L 134 17.13 -39.05 47.24
C VAL L 134 15.88 -38.36 47.80
N GLY L 135 15.38 -37.32 47.14
CA GLY L 135 14.11 -36.69 47.57
C GLY L 135 12.92 -37.21 46.77
N SER L 136 12.83 -38.52 46.54
CA SER L 136 11.72 -39.12 45.74
C SER L 136 11.41 -40.54 46.22
N ASP L 137 10.30 -41.12 45.74
CA ASP L 137 9.84 -42.44 46.28
C ASP L 137 10.00 -43.60 45.30
N CYS L 138 9.92 -43.36 43.98
CA CYS L 138 9.92 -44.51 43.04
C CYS L 138 10.53 -44.16 41.69
N THR L 139 10.86 -45.19 40.92
CA THR L 139 11.36 -44.98 39.57
C THR L 139 10.30 -45.42 38.57
N THR L 140 9.99 -44.56 37.61
CA THR L 140 8.97 -44.86 36.61
C THR L 140 9.61 -45.25 35.29
N ILE L 141 9.17 -46.36 34.73
CA ILE L 141 9.56 -46.75 33.38
C ILE L 141 8.34 -46.66 32.47
N HIS L 142 8.56 -46.22 31.24
CA HIS L 142 7.47 -46.00 30.31
C HIS L 142 7.52 -47.00 29.17
N TYR L 143 6.57 -47.93 29.18
CA TYR L 143 6.51 -48.95 28.14
C TYR L 143 5.51 -48.57 27.06
N ASN L 144 5.74 -49.10 25.85
CA ASN L 144 4.78 -49.02 24.77
C ASN L 144 4.49 -50.44 24.29
N TYR L 145 3.21 -50.75 24.06
CA TYR L 145 2.85 -52.05 23.52
C TYR L 145 2.42 -51.86 22.07
N MET L 146 3.08 -52.58 21.17
CA MET L 146 3.01 -52.24 19.75
C MET L 146 2.06 -53.09 18.89
N CYS L 147 1.24 -53.93 19.53
CA CYS L 147 0.11 -54.59 18.87
C CYS L 147 -1.06 -54.58 19.84
N ASN L 148 -2.27 -54.61 19.30
CA ASN L 148 -3.46 -54.87 20.10
C ASN L 148 -3.51 -56.34 20.49
N SER L 149 -4.13 -56.64 21.62
CA SER L 149 -4.30 -58.05 22.03
C SER L 149 -5.02 -58.83 20.93
N SER L 150 -5.85 -58.14 20.15
CA SER L 150 -6.66 -58.77 19.11
C SER L 150 -5.98 -58.97 17.76
N CYS L 151 -4.73 -58.52 17.60
CA CYS L 151 -4.08 -58.54 16.29
C CYS L 151 -4.03 -59.97 15.74
N MET L 152 -4.64 -60.18 14.58
CA MET L 152 -4.66 -61.51 13.98
C MET L 152 -3.26 -61.84 13.48
N GLY L 153 -2.84 -63.09 13.68
CA GLY L 153 -1.48 -63.49 13.35
C GLY L 153 -0.49 -63.11 14.42
N GLY L 154 -0.97 -62.41 15.45
CA GLY L 154 -0.14 -62.03 16.57
C GLY L 154 -0.71 -62.58 17.86
N MET L 155 -0.99 -61.69 18.81
CA MET L 155 -1.60 -62.16 20.06
C MET L 155 -3.01 -62.77 19.83
N ASN L 156 -3.65 -62.39 18.72
CA ASN L 156 -4.88 -63.06 18.28
C ASN L 156 -5.89 -63.25 19.41
N ARG L 157 -6.08 -62.20 20.20
CA ARG L 157 -7.07 -62.16 21.28
C ARG L 157 -6.71 -62.99 22.50
N ARG L 158 -5.47 -63.46 22.58
CA ARG L 158 -5.01 -64.16 23.78
C ARG L 158 -4.42 -63.18 24.79
N PRO L 159 -4.85 -63.27 26.05
CA PRO L 159 -4.29 -62.41 27.12
C PRO L 159 -2.81 -62.70 27.34
N ILE L 160 -2.04 -61.67 27.71
CA ILE L 160 -0.64 -61.85 28.04
C ILE L 160 -0.34 -61.34 29.45
N LEU L 161 0.79 -61.78 30.00
CA LEU L 161 1.35 -61.19 31.19
C LEU L 161 2.59 -60.43 30.80
N THR L 162 2.83 -59.31 31.46
CA THR L 162 4.14 -58.70 31.38
C THR L 162 4.90 -59.07 32.65
N ILE L 163 6.10 -59.63 32.48
CA ILE L 163 6.94 -59.98 33.62
C ILE L 163 8.07 -58.98 33.76
N ILE L 164 8.12 -58.29 34.90
CA ILE L 164 9.18 -57.31 35.14
C ILE L 164 10.20 -57.90 36.10
N THR L 165 11.44 -58.05 35.65
CA THR L 165 12.48 -58.59 36.53
C THR L 165 13.59 -57.59 36.88
N LEU L 166 13.94 -57.56 38.16
CA LEU L 166 15.09 -56.78 38.62
C LEU L 166 16.27 -57.73 38.55
N GLU L 167 17.30 -57.34 37.80
CA GLU L 167 18.46 -58.20 37.61
C GLU L 167 19.77 -57.47 37.93
N ASP L 168 20.79 -58.22 38.30
CA ASP L 168 22.12 -57.64 38.41
C ASP L 168 22.72 -57.51 37.03
N SER L 169 23.93 -56.97 36.96
CA SER L 169 24.64 -56.73 35.71
C SER L 169 24.67 -57.97 34.80
N SER L 170 24.59 -59.14 35.40
CA SER L 170 24.88 -60.40 34.70
C SER L 170 23.62 -61.11 34.24
N GLY L 171 22.48 -60.68 34.77
CA GLY L 171 21.21 -61.31 34.48
C GLY L 171 20.69 -62.14 35.65
N ASN L 172 21.30 -61.95 36.82
CA ASN L 172 20.89 -62.71 38.00
C ASN L 172 19.66 -62.12 38.67
N LEU L 173 18.73 -63.02 39.00
CA LEU L 173 17.42 -62.64 39.51
C LEU L 173 17.50 -61.96 40.87
N LEU L 174 17.13 -60.68 40.89
CA LEU L 174 17.08 -59.92 42.14
C LEU L 174 15.65 -59.79 42.64
N GLY L 175 14.70 -59.76 41.71
CA GLY L 175 13.30 -59.62 42.06
C GLY L 175 12.43 -59.80 40.83
N ARG L 176 11.15 -60.08 41.04
CA ARG L 176 10.22 -60.29 39.94
C ARG L 176 8.80 -59.91 40.34
N ASN L 177 8.11 -59.28 39.39
CA ASN L 177 6.70 -58.97 39.55
C ASN L 177 6.04 -59.09 38.17
N SER L 178 4.72 -59.09 38.12
CA SER L 178 4.04 -59.26 36.84
C SER L 178 2.65 -58.68 36.89
N PHE L 179 2.10 -58.40 35.72
CA PHE L 179 0.72 -57.97 35.62
C PHE L 179 0.17 -58.41 34.27
N GLU L 180 -1.14 -58.58 34.21
CA GLU L 180 -1.80 -58.91 32.95
C GLU L 180 -1.93 -57.65 32.12
N VAL L 181 -1.93 -57.81 30.80
CA VAL L 181 -2.09 -56.69 29.90
C VAL L 181 -3.13 -56.97 28.82
N ARG L 182 -4.01 -56.00 28.59
CA ARG L 182 -4.86 -55.98 27.43
C ARG L 182 -4.57 -54.72 26.63
N VAL L 183 -4.11 -54.89 25.39
CA VAL L 183 -3.88 -53.73 24.53
C VAL L 183 -5.10 -53.65 23.64
N CYS L 184 -5.79 -52.52 23.68
CA CYS L 184 -7.10 -52.41 23.05
C CYS L 184 -7.43 -50.97 22.70
N ALA L 185 -8.47 -50.76 21.88
CA ALA L 185 -8.85 -49.42 21.44
C ALA L 185 -9.51 -48.61 22.55
N CYS L 186 -10.28 -49.27 23.42
CA CYS L 186 -11.03 -48.57 24.45
C CYS L 186 -10.75 -49.12 25.86
N PRO L 187 -9.60 -48.75 26.44
CA PRO L 187 -9.18 -49.31 27.74
C PRO L 187 -10.22 -49.13 28.85
N GLY L 188 -10.82 -47.94 28.97
CA GLY L 188 -11.82 -47.68 29.99
C GLY L 188 -13.07 -48.54 29.85
N ARG L 189 -13.59 -48.62 28.63
CA ARG L 189 -14.73 -49.49 28.37
C ARG L 189 -14.39 -50.94 28.75
N ASP L 190 -13.25 -51.42 28.26
CA ASP L 190 -12.91 -52.83 28.45
C ASP L 190 -12.59 -53.15 29.90
N ARG L 191 -11.95 -52.23 30.60
CA ARG L 191 -11.68 -52.44 32.02
C ARG L 191 -12.97 -52.56 32.82
N ARG L 192 -13.92 -51.66 32.56
CA ARG L 192 -15.19 -51.72 33.29
C ARG L 192 -15.95 -53.01 32.99
N THR L 193 -15.92 -53.44 31.73
CA THR L 193 -16.58 -54.69 31.35
C THR L 193 -16.00 -55.89 32.10
N GLU L 194 -14.68 -56.03 32.12
CA GLU L 194 -14.07 -57.16 32.81
C GLU L 194 -14.29 -57.10 34.32
N GLU L 195 -14.29 -55.90 34.89
CA GLU L 195 -14.54 -55.75 36.32
C GLU L 195 -15.99 -56.12 36.68
N GLU L 196 -16.94 -55.67 35.86
CA GLU L 196 -18.34 -56.09 36.00
C GLU L 196 -18.48 -57.60 35.94
N ASN L 197 -17.80 -58.23 34.98
CA ASN L 197 -17.91 -59.68 34.79
C ASN L 197 -17.37 -60.51 35.94
N LEU L 198 -16.64 -59.83 36.83
CA LEU L 198 -16.09 -60.48 38.02
C LEU L 198 -17.25 -60.88 38.92
N ARG L 199 -18.32 -60.09 38.86
CA ARG L 199 -19.52 -60.34 39.64
C ARG L 199 -20.43 -61.38 38.97
N LYS L 200 -20.02 -61.84 37.79
CA LYS L 200 -20.81 -62.82 37.05
C LYS L 200 -20.13 -64.19 37.00
N SER M 3 18.53 -36.79 24.98
CA SER M 3 19.70 -36.64 25.84
C SER M 3 19.98 -37.95 26.54
N SER M 4 21.24 -38.16 26.91
CA SER M 4 21.64 -39.37 27.62
C SER M 4 21.20 -39.32 29.06
N SER M 5 20.89 -38.11 29.54
CA SER M 5 20.56 -37.91 30.95
C SER M 5 19.39 -36.96 31.15
N VAL M 6 18.97 -36.83 32.40
CA VAL M 6 17.96 -35.86 32.78
C VAL M 6 18.50 -35.02 33.94
N PRO M 7 18.50 -33.69 33.77
CA PRO M 7 18.97 -32.81 34.85
C PRO M 7 18.08 -32.97 36.08
N SER M 8 18.70 -33.01 37.25
CA SER M 8 17.94 -33.03 38.50
C SER M 8 17.10 -31.77 38.62
N GLN M 9 15.92 -31.91 39.23
CA GLN M 9 15.06 -30.75 39.43
C GLN M 9 14.81 -30.48 40.91
N LYS M 10 15.44 -31.27 41.76
CA LYS M 10 15.30 -31.12 43.21
C LYS M 10 15.68 -29.72 43.72
N THR M 11 14.76 -29.10 44.44
CA THR M 11 15.03 -27.83 45.08
C THR M 11 16.18 -28.01 46.07
N TYR M 12 17.13 -27.09 46.01
CA TYR M 12 18.31 -27.14 46.86
C TYR M 12 18.74 -25.71 47.15
N GLN M 13 18.37 -25.20 48.32
CA GLN M 13 18.69 -23.82 48.66
C GLN M 13 20.18 -23.65 48.94
N GLY M 14 20.83 -24.72 49.38
CA GLY M 14 22.27 -24.73 49.56
C GLY M 14 22.79 -23.79 50.62
N SER M 15 24.11 -23.58 50.64
CA SER M 15 24.77 -22.80 51.69
C SER M 15 24.33 -21.34 51.69
N TYR M 16 23.95 -20.83 50.53
CA TYR M 16 23.65 -19.41 50.40
C TYR M 16 22.17 -19.08 50.53
N GLY M 17 21.35 -20.09 50.80
CA GLY M 17 19.92 -19.91 51.00
C GLY M 17 19.24 -19.38 49.75
N PHE M 18 19.48 -20.05 48.63
CA PHE M 18 19.06 -19.58 47.33
C PHE M 18 17.58 -19.85 47.13
N ARG M 19 16.82 -18.80 46.83
CA ARG M 19 15.38 -18.91 46.55
C ARG M 19 15.04 -18.08 45.33
N LEU M 20 13.91 -18.39 44.70
CA LEU M 20 13.40 -17.57 43.60
C LEU M 20 12.24 -16.72 44.08
N GLY M 21 12.03 -15.59 43.44
CA GLY M 21 10.88 -14.75 43.69
C GLY M 21 10.29 -14.27 42.38
N PHE M 22 9.03 -13.85 42.38
CA PHE M 22 8.36 -13.42 41.16
C PHE M 22 7.47 -12.21 41.44
N LEU M 23 7.21 -11.41 40.41
CA LEU M 23 6.36 -10.24 40.56
C LEU M 23 4.89 -10.63 40.80
N HIS M 24 4.10 -9.68 41.29
CA HIS M 24 2.71 -9.94 41.68
C HIS M 24 1.68 -9.69 40.57
N SER M 25 2.13 -9.64 39.33
CA SER M 25 1.24 -9.40 38.20
C SER M 25 -0.09 -10.16 38.36
N GLY M 26 -1.19 -9.51 38.02
CA GLY M 26 -2.50 -10.13 38.09
C GLY M 26 -2.78 -11.04 36.90
N THR M 27 -4.05 -11.31 36.64
CA THR M 27 -4.44 -12.27 35.60
C THR M 27 -5.31 -11.65 34.50
N ALA M 28 -4.91 -10.48 34.02
CA ALA M 28 -5.80 -9.77 33.07
C ALA M 28 -5.45 -10.02 31.63
N LYS M 29 -6.18 -9.36 30.72
CA LYS M 29 -5.83 -9.44 29.29
C LYS M 29 -4.77 -8.37 29.06
N SER M 30 -3.84 -8.61 28.15
CA SER M 30 -2.67 -7.70 27.91
C SER M 30 -1.62 -7.96 29.00
N VAL M 31 -1.72 -9.09 29.73
CA VAL M 31 -0.65 -9.46 30.71
C VAL M 31 0.40 -10.28 29.96
N THR M 32 1.64 -9.82 29.97
CA THR M 32 2.70 -10.51 29.25
C THR M 32 3.43 -11.56 30.08
N CYS M 33 3.39 -11.42 31.40
CA CYS M 33 4.05 -12.38 32.30
C CYS M 33 3.40 -12.37 33.67
N THR M 34 2.85 -13.50 34.08
CA THR M 34 2.22 -13.60 35.39
C THR M 34 2.53 -14.95 36.01
N TYR M 35 2.81 -14.93 37.31
CA TYR M 35 3.22 -16.11 38.05
C TYR M 35 2.13 -16.59 38.98
N SER M 36 1.93 -17.90 39.02
CA SER M 36 0.94 -18.52 39.89
C SER M 36 1.62 -19.22 41.07
N PRO M 37 1.50 -18.67 42.29
CA PRO M 37 2.04 -19.32 43.50
C PRO M 37 1.36 -20.68 43.75
N ALA M 38 0.09 -20.79 43.41
CA ALA M 38 -0.65 -22.02 43.63
C ALA M 38 -0.07 -23.17 42.84
N LEU M 39 0.36 -22.86 41.62
CA LEU M 39 0.85 -23.87 40.68
C LEU M 39 2.38 -23.87 40.58
N ASN M 40 3.04 -22.90 41.22
CA ASN M 40 4.47 -22.62 40.95
C ASN M 40 4.73 -22.65 39.45
N LYS M 41 3.96 -21.84 38.72
CA LYS M 41 4.00 -21.84 37.26
C LYS M 41 3.97 -20.43 36.70
N MET M 42 4.90 -20.14 35.81
CA MET M 42 4.92 -18.85 35.13
C MET M 42 4.12 -18.98 33.85
N PHE M 43 3.30 -17.97 33.57
CA PHE M 43 2.55 -17.90 32.31
C PHE M 43 3.05 -16.65 31.61
N CYS M 44 3.55 -16.79 30.38
CA CYS M 44 4.14 -15.64 29.72
C CYS M 44 3.94 -15.67 28.21
N GLN M 45 4.08 -14.51 27.57
CA GLN M 45 3.99 -14.46 26.12
C GLN M 45 5.35 -14.65 25.47
N LEU M 46 5.34 -15.12 24.23
CA LEU M 46 6.55 -15.37 23.45
C LEU M 46 7.38 -14.10 23.30
N ALA M 47 8.66 -14.20 23.62
CA ALA M 47 9.62 -13.11 23.45
C ALA M 47 9.33 -11.89 24.34
N LYS M 48 8.47 -12.04 25.32
CA LYS M 48 8.24 -10.98 26.31
C LYS M 48 9.14 -11.16 27.53
N THR M 49 9.37 -10.06 28.23
CA THR M 49 10.23 -10.05 29.41
C THR M 49 9.63 -10.86 30.55
N CYS M 50 10.39 -11.80 31.09
CA CYS M 50 9.96 -12.58 32.24
C CYS M 50 10.95 -12.39 33.39
N PRO M 51 10.60 -11.51 34.34
CA PRO M 51 11.52 -11.25 35.45
C PRO M 51 11.51 -12.38 36.45
N VAL M 52 12.69 -12.88 36.79
CA VAL M 52 12.85 -13.86 37.84
C VAL M 52 13.81 -13.28 38.86
N GLN M 53 13.41 -13.27 40.13
CA GLN M 53 14.24 -12.73 41.19
C GLN M 53 15.06 -13.83 41.84
N LEU M 54 16.34 -13.56 42.03
CA LEU M 54 17.21 -14.45 42.79
C LEU M 54 17.37 -13.88 44.20
N TRP M 55 16.98 -14.67 45.20
CA TRP M 55 17.16 -14.29 46.60
C TRP M 55 18.18 -15.21 47.25
N VAL M 56 19.07 -14.63 48.05
CA VAL M 56 20.04 -15.41 48.81
C VAL M 56 20.16 -14.86 50.24
N ASP M 57 20.42 -15.75 51.20
CA ASP M 57 20.61 -15.31 52.57
C ASP M 57 21.99 -14.68 52.74
N SER M 58 22.98 -15.19 52.00
CA SER M 58 24.30 -14.59 51.99
C SER M 58 24.91 -14.60 50.59
N THR M 59 25.84 -13.69 50.36
CA THR M 59 26.38 -13.46 49.02
C THR M 59 27.40 -14.53 48.59
N PRO M 60 27.12 -15.20 47.46
CA PRO M 60 28.03 -16.20 46.88
C PRO M 60 29.29 -15.51 46.37
N PRO M 61 30.40 -16.25 46.26
CA PRO M 61 31.67 -15.67 45.83
C PRO M 61 31.62 -15.09 44.41
N PRO M 62 32.48 -14.11 44.12
CA PRO M 62 32.68 -13.61 42.76
C PRO M 62 33.03 -14.77 41.82
N GLY M 63 32.44 -14.79 40.63
CA GLY M 63 32.65 -15.87 39.70
C GLY M 63 31.47 -16.83 39.71
N THR M 64 30.59 -16.66 40.69
CA THR M 64 29.36 -17.45 40.74
C THR M 64 28.50 -17.13 39.53
N ARG M 65 27.91 -18.16 38.92
CA ARG M 65 27.09 -17.96 37.75
C ARG M 65 25.66 -18.46 37.95
N VAL M 66 24.74 -17.95 37.15
CA VAL M 66 23.34 -18.37 37.19
C VAL M 66 22.94 -18.95 35.86
N ARG M 67 22.50 -20.21 35.89
CA ARG M 67 22.16 -20.93 34.66
C ARG M 67 20.67 -21.27 34.63
N ALA M 68 20.08 -21.15 33.44
CA ALA M 68 18.70 -21.56 33.19
C ALA M 68 18.64 -22.62 32.11
N MET M 69 17.84 -23.65 32.34
CA MET M 69 17.66 -24.76 31.41
C MET M 69 16.19 -25.20 31.47
N ALA M 70 15.62 -25.55 30.32
CA ALA M 70 14.27 -26.12 30.28
C ALA M 70 14.33 -27.63 30.11
N ILE M 71 13.42 -28.34 30.77
CA ILE M 71 13.16 -29.76 30.48
C ILE M 71 11.66 -29.98 30.40
N TYR M 72 11.25 -31.03 29.68
CA TYR M 72 9.83 -31.41 29.70
C TYR M 72 9.46 -31.91 31.09
N LYS M 73 8.27 -31.54 31.55
CA LYS M 73 7.82 -31.91 32.88
C LYS M 73 7.37 -33.39 32.94
N GLN M 74 6.65 -33.84 31.92
CA GLN M 74 6.15 -35.21 31.90
C GLN M 74 7.29 -36.20 31.76
N SER M 75 7.32 -37.21 32.64
CA SER M 75 8.44 -38.15 32.71
C SER M 75 8.82 -38.81 31.38
N GLN M 76 7.84 -39.13 30.55
CA GLN M 76 8.14 -39.82 29.29
C GLN M 76 8.83 -38.91 28.28
N HIS M 77 8.76 -37.59 28.50
CA HIS M 77 9.37 -36.65 27.57
C HIS M 77 10.66 -36.07 28.13
N MET M 78 10.99 -36.44 29.36
CA MET M 78 12.11 -35.81 30.05
C MET M 78 13.44 -35.89 29.30
N THR M 79 13.67 -36.98 28.59
CA THR M 79 14.94 -37.16 27.88
C THR M 79 14.99 -36.40 26.56
N GLU M 80 13.86 -35.87 26.11
CA GLU M 80 13.86 -35.08 24.87
C GLU M 80 14.33 -33.65 25.15
N VAL M 81 15.35 -33.23 24.42
CA VAL M 81 15.88 -31.88 24.58
C VAL M 81 14.82 -30.85 24.21
N VAL M 82 14.64 -29.85 25.07
CA VAL M 82 13.70 -28.77 24.78
C VAL M 82 14.39 -27.80 23.83
N ARG M 83 13.78 -27.55 22.68
CA ARG M 83 14.35 -26.64 21.69
C ARG M 83 13.25 -25.89 20.95
N ARG M 84 13.63 -24.87 20.19
CA ARG M 84 12.66 -24.12 19.39
C ARG M 84 12.13 -24.98 18.25
N CYS M 85 10.89 -24.73 17.83
CA CYS M 85 10.28 -25.42 16.69
C CYS M 85 10.97 -24.97 15.41
N PRO M 86 10.78 -25.73 14.31
CA PRO M 86 11.45 -25.45 13.03
C PRO M 86 11.12 -24.08 12.47
N HIS M 87 9.90 -23.60 12.67
CA HIS M 87 9.55 -22.29 12.17
C HIS M 87 10.31 -21.17 12.89
N HIS M 88 10.25 -21.14 14.22
CA HIS M 88 10.91 -20.08 14.97
C HIS M 88 12.42 -20.17 14.91
N GLU M 89 12.91 -21.39 14.79
CA GLU M 89 14.33 -21.61 14.58
C GLU M 89 14.81 -20.91 13.31
N ARG M 90 13.96 -20.85 12.30
CA ARG M 90 14.33 -20.31 10.99
C ARG M 90 14.03 -18.83 10.83
N CYS M 91 13.05 -18.33 11.58
CA CYS M 91 12.67 -16.93 11.46
C CYS M 91 13.83 -16.05 11.91
N SER M 92 13.79 -14.78 11.54
CA SER M 92 14.95 -13.92 11.71
C SER M 92 14.84 -13.05 12.96
N ASP M 93 14.88 -13.68 14.13
CA ASP M 93 14.63 -12.95 15.36
C ASP M 93 15.77 -13.01 16.38
N SER M 94 16.91 -13.55 15.96
CA SER M 94 18.07 -13.59 16.85
C SER M 94 18.49 -12.19 17.26
N ASP M 95 18.90 -12.04 18.52
CA ASP M 95 19.27 -10.75 19.06
C ASP M 95 20.77 -10.47 18.86
N GLY M 96 21.42 -11.31 18.06
CA GLY M 96 22.83 -11.17 17.80
C GLY M 96 23.68 -11.94 18.80
N LEU M 97 23.05 -12.36 19.90
CA LEU M 97 23.76 -13.07 20.96
C LEU M 97 23.32 -14.52 21.07
N ALA M 98 22.02 -14.75 21.00
CA ALA M 98 21.46 -16.09 21.19
C ALA M 98 21.43 -16.92 19.91
N PRO M 99 21.86 -18.19 19.98
CA PRO M 99 21.68 -19.10 18.85
C PRO M 99 20.19 -19.27 18.54
N PRO M 100 19.85 -19.50 17.27
CA PRO M 100 18.47 -19.50 16.81
C PRO M 100 17.62 -20.61 17.44
N GLN M 101 18.24 -21.71 17.85
CA GLN M 101 17.49 -22.86 18.35
C GLN M 101 17.26 -22.89 19.86
N HIS M 102 17.82 -21.91 20.57
CA HIS M 102 17.66 -21.86 22.03
C HIS M 102 16.31 -21.31 22.40
N LEU M 103 15.57 -22.06 23.21
CA LEU M 103 14.27 -21.58 23.71
C LEU M 103 14.44 -20.37 24.64
N ILE M 104 15.37 -20.48 25.57
CA ILE M 104 15.48 -19.49 26.64
C ILE M 104 16.63 -18.51 26.40
N ARG M 105 16.30 -17.23 26.38
CA ARG M 105 17.29 -16.16 26.26
C ARG M 105 17.30 -15.32 27.52
N VAL M 106 18.41 -14.65 27.76
CA VAL M 106 18.45 -13.60 28.78
C VAL M 106 18.53 -12.27 28.04
N GLU M 107 17.66 -11.33 28.38
CA GLU M 107 17.71 -10.04 27.74
C GLU M 107 18.47 -9.02 28.58
N GLY M 108 19.19 -8.13 27.90
CA GLY M 108 19.87 -7.03 28.58
C GLY M 108 21.09 -7.44 29.38
N ASN M 109 21.86 -8.39 28.88
CA ASN M 109 23.10 -8.77 29.53
C ASN M 109 24.19 -9.15 28.54
N LEU M 110 25.18 -8.28 28.39
CA LEU M 110 26.27 -8.48 27.44
C LEU M 110 27.14 -9.69 27.78
N ARG M 111 27.12 -10.11 29.04
CA ARG M 111 27.97 -11.21 29.48
C ARG M 111 27.25 -12.56 29.44
N VAL M 112 26.12 -12.61 28.75
CA VAL M 112 25.38 -13.85 28.60
C VAL M 112 26.16 -14.86 27.78
N GLU M 113 26.12 -16.12 28.20
CA GLU M 113 26.68 -17.22 27.41
C GLU M 113 25.61 -18.27 27.12
N TYR M 114 25.64 -18.78 25.90
CA TYR M 114 24.72 -19.86 25.53
C TYR M 114 25.52 -21.14 25.33
N LEU M 115 25.11 -22.19 26.02
CA LEU M 115 25.81 -23.46 25.94
C LEU M 115 24.98 -24.54 25.24
N ASP M 116 25.64 -25.28 24.37
CA ASP M 116 25.08 -26.49 23.80
C ASP M 116 25.95 -27.65 24.27
N ASP M 117 25.52 -28.30 25.36
CA ASP M 117 26.33 -29.30 26.04
C ASP M 117 26.70 -30.46 25.13
N ARG M 118 28.00 -30.71 25.00
CA ARG M 118 28.50 -31.73 24.08
C ARG M 118 28.12 -33.14 24.51
N ASN M 119 27.92 -33.34 25.81
CA ASN M 119 27.64 -34.67 26.33
C ASN M 119 26.15 -34.95 26.50
N THR M 120 25.41 -33.95 26.96
CA THR M 120 23.98 -34.12 27.26
C THR M 120 23.10 -33.60 26.14
N PHE M 121 23.67 -32.74 25.30
CA PHE M 121 22.96 -32.12 24.19
C PHE M 121 21.94 -31.06 24.65
N ARG M 122 21.96 -30.73 25.94
CA ARG M 122 21.04 -29.74 26.50
C ARG M 122 21.47 -28.32 26.17
N HIS M 123 20.51 -27.44 25.92
CA HIS M 123 20.79 -26.02 25.79
C HIS M 123 20.68 -25.37 27.16
N SER M 124 21.49 -24.35 27.40
CA SER M 124 21.31 -23.52 28.60
C SER M 124 21.88 -22.14 28.39
N VAL M 125 21.42 -21.21 29.23
CA VAL M 125 21.88 -19.84 29.16
C VAL M 125 22.36 -19.42 30.54
N VAL M 126 23.55 -18.85 30.57
CA VAL M 126 24.23 -18.55 31.82
C VAL M 126 24.71 -17.11 31.86
N VAL M 127 24.53 -16.46 33.00
CA VAL M 127 25.08 -15.13 33.23
C VAL M 127 25.80 -15.10 34.58
N PRO M 128 26.75 -14.15 34.74
CA PRO M 128 27.41 -13.98 36.04
C PRO M 128 26.41 -13.54 37.09
N TYR M 129 26.49 -14.13 38.28
CA TYR M 129 25.67 -13.65 39.40
C TYR M 129 26.17 -12.29 39.86
N GLU M 130 25.26 -11.35 40.06
CA GLU M 130 25.61 -10.04 40.60
C GLU M 130 24.80 -9.81 41.86
N PRO M 131 25.39 -9.46 43.03
CA PRO M 131 24.58 -9.17 44.23
C PRO M 131 23.49 -8.12 43.96
N PRO M 132 22.40 -8.09 44.76
CA PRO M 132 21.30 -7.16 44.51
C PRO M 132 21.73 -5.68 44.45
N GLU M 133 21.00 -4.88 43.69
CA GLU M 133 21.31 -3.44 43.58
C GLU M 133 20.90 -2.70 44.86
N VAL M 134 21.52 -1.55 45.12
CA VAL M 134 21.16 -0.73 46.30
C VAL M 134 19.65 -0.45 46.22
N GLY M 135 18.92 -0.80 47.27
CA GLY M 135 17.46 -0.62 47.28
C GLY M 135 16.69 -1.94 47.18
N SER M 136 17.38 -3.04 46.88
CA SER M 136 16.68 -4.34 46.66
C SER M 136 17.33 -5.46 47.47
N ASP M 137 16.53 -6.45 47.87
CA ASP M 137 17.06 -7.65 48.57
C ASP M 137 17.16 -8.81 47.59
N CYS M 138 16.97 -8.53 46.30
CA CYS M 138 17.07 -9.58 45.28
C CYS M 138 17.68 -9.08 43.97
N THR M 139 18.35 -9.99 43.26
CA THR M 139 18.83 -9.75 41.89
C THR M 139 17.81 -10.26 40.89
N THR M 140 17.46 -9.43 39.93
CA THR M 140 16.48 -9.82 38.93
C THR M 140 17.14 -10.19 37.61
N ILE M 141 16.77 -11.34 37.07
CA ILE M 141 17.19 -11.71 35.72
C ILE M 141 15.99 -11.71 34.79
N HIS M 142 16.18 -11.25 33.58
CA HIS M 142 15.08 -11.16 32.64
C HIS M 142 15.21 -12.17 31.53
N TYR M 143 14.31 -13.14 31.54
CA TYR M 143 14.33 -14.20 30.53
C TYR M 143 13.30 -13.91 29.46
N ASN M 144 13.56 -14.44 28.27
CA ASN M 144 12.61 -14.44 27.17
C ASN M 144 12.42 -15.90 26.73
N TYR M 145 11.18 -16.30 26.49
CA TYR M 145 10.92 -17.65 25.96
C TYR M 145 10.48 -17.51 24.51
N MET M 146 11.15 -18.22 23.61
CA MET M 146 11.10 -17.90 22.18
C MET M 146 10.22 -18.84 21.33
N CYS M 147 9.43 -19.68 21.99
CA CYS M 147 8.39 -20.47 21.36
C CYS M 147 7.21 -20.57 22.31
N ASN M 148 6.00 -20.65 21.76
CA ASN M 148 4.83 -20.98 22.58
C ASN M 148 4.89 -22.44 22.97
N SER M 149 4.32 -22.78 24.12
CA SER M 149 4.23 -24.18 24.54
C SER M 149 3.59 -25.03 23.43
N SER M 150 2.70 -24.41 22.65
CA SER M 150 1.93 -25.10 21.63
C SER M 150 2.63 -25.27 20.27
N CYS M 151 3.81 -24.69 20.09
CA CYS M 151 4.50 -24.77 18.79
C CYS M 151 4.61 -26.21 18.27
N MET M 152 4.05 -26.45 17.10
CA MET M 152 4.11 -27.79 16.53
C MET M 152 5.54 -28.04 16.04
N GLY M 153 6.04 -29.26 16.25
CA GLY M 153 7.42 -29.56 15.94
C GLY M 153 8.39 -29.08 17.03
N GLY M 154 7.85 -28.42 18.06
CA GLY M 154 8.67 -27.95 19.15
C GLY M 154 8.13 -28.51 20.46
N MET M 155 7.77 -27.65 21.38
CA MET M 155 7.19 -28.14 22.64
C MET M 155 5.86 -28.87 22.41
N ASN M 156 5.19 -28.55 21.31
CA ASN M 156 4.01 -29.28 20.88
C ASN M 156 2.99 -29.53 22.00
N ARG M 157 2.73 -28.48 22.79
CA ARG M 157 1.75 -28.49 23.86
C ARG M 157 2.15 -29.27 25.12
N ARG M 158 3.42 -29.65 25.23
CA ARG M 158 3.91 -30.31 26.43
C ARG M 158 4.46 -29.26 27.39
N PRO M 159 4.06 -29.35 28.67
CA PRO M 159 4.54 -28.43 29.71
C PRO M 159 6.03 -28.61 29.94
N ILE M 160 6.72 -27.53 30.27
CA ILE M 160 8.13 -27.59 30.63
C ILE M 160 8.39 -27.02 32.02
N LEU M 161 9.55 -27.36 32.56
CA LEU M 161 10.06 -26.74 33.77
C LEU M 161 11.27 -25.92 33.39
N THR M 162 11.42 -24.77 34.04
CA THR M 162 12.67 -24.06 33.93
C THR M 162 13.45 -24.36 35.21
N ILE M 163 14.68 -24.82 35.06
CA ILE M 163 15.55 -25.10 36.20
C ILE M 163 16.62 -24.01 36.31
N ILE M 164 16.59 -23.26 37.40
CA ILE M 164 17.56 -22.16 37.62
C ILE M 164 18.61 -22.66 38.62
N THR M 165 19.86 -22.77 38.17
CA THR M 165 20.95 -23.29 39.03
C THR M 165 21.98 -22.20 39.37
N LEU M 166 22.33 -22.07 40.64
CA LEU M 166 23.44 -21.16 41.06
C LEU M 166 24.68 -22.04 41.02
N GLU M 167 25.65 -21.71 40.16
CA GLU M 167 26.83 -22.60 40.00
C GLU M 167 28.13 -21.83 40.22
N ASP M 168 29.24 -22.57 40.37
CA ASP M 168 30.57 -21.91 40.52
C ASP M 168 31.21 -21.77 39.14
N SER M 169 32.49 -21.37 39.09
CA SER M 169 33.21 -21.25 37.79
C SER M 169 33.30 -22.63 37.13
N SER M 170 33.58 -23.68 37.92
CA SER M 170 33.71 -25.06 37.37
C SER M 170 32.33 -25.73 37.27
N GLY M 171 31.26 -24.93 37.23
CA GLY M 171 29.89 -25.48 37.07
C GLY M 171 29.45 -26.36 38.22
N ASN M 172 30.15 -26.33 39.35
CA ASN M 172 29.74 -27.11 40.55
C ASN M 172 28.46 -26.53 41.13
N LEU M 173 27.66 -27.35 41.81
CA LEU M 173 26.31 -26.91 42.26
C LEU M 173 26.32 -26.18 43.61
N LEU M 174 25.79 -24.96 43.62
CA LEU M 174 25.66 -24.18 44.87
C LEU M 174 24.19 -24.07 45.24
N GLY M 175 23.27 -24.18 44.27
CA GLY M 175 21.86 -24.15 44.62
C GLY M 175 21.00 -24.41 43.40
N ARG M 176 19.76 -24.81 43.63
CA ARG M 176 18.84 -25.11 42.53
C ARG M 176 17.40 -24.81 42.91
N ASN M 177 16.68 -24.23 41.96
CA ASN M 177 15.24 -24.02 42.09
C ASN M 177 14.59 -24.22 40.72
N SER M 178 13.28 -24.34 40.67
CA SER M 178 12.62 -24.54 39.38
C SER M 178 11.18 -24.06 39.43
N PHE M 179 10.60 -23.84 38.26
CA PHE M 179 9.20 -23.50 38.14
C PHE M 179 8.65 -24.00 36.81
N GLU M 180 7.37 -24.27 36.76
CA GLU M 180 6.74 -24.67 35.51
C GLU M 180 6.53 -23.43 34.63
N VAL M 181 6.55 -23.63 33.33
CA VAL M 181 6.31 -22.53 32.39
C VAL M 181 5.29 -22.91 31.32
N ARG M 182 4.35 -22.01 31.08
CA ARG M 182 3.50 -22.07 29.91
C ARG M 182 3.71 -20.80 29.07
N VAL M 183 4.20 -20.96 27.86
CA VAL M 183 4.34 -19.82 26.97
C VAL M 183 3.12 -19.83 26.07
N CYS M 184 2.36 -18.74 26.08
CA CYS M 184 1.04 -18.73 25.43
C CYS M 184 0.61 -17.31 25.06
N ALA M 185 -0.47 -17.21 24.30
CA ALA M 185 -0.95 -15.92 23.82
C ALA M 185 -1.68 -15.13 24.89
N CYS M 186 -2.39 -15.83 25.76
CA CYS M 186 -3.17 -15.18 26.81
C CYS M 186 -2.85 -15.70 28.22
N PRO M 187 -1.73 -15.26 28.80
CA PRO M 187 -1.27 -15.72 30.12
C PRO M 187 -2.32 -15.59 31.25
N GLY M 188 -2.99 -14.44 31.34
CA GLY M 188 -4.02 -14.23 32.35
C GLY M 188 -5.19 -15.18 32.21
N ARG M 189 -5.71 -15.32 30.98
CA ARG M 189 -6.77 -16.29 30.72
C ARG M 189 -6.34 -17.68 31.17
N ASP M 190 -5.17 -18.09 30.71
CA ASP M 190 -4.75 -19.48 30.89
C ASP M 190 -4.39 -19.75 32.37
N ARG M 191 -3.83 -18.75 33.05
CA ARG M 191 -3.55 -18.92 34.48
C ARG M 191 -4.83 -19.14 35.28
N ARG M 192 -5.84 -18.32 35.01
CA ARG M 192 -7.09 -18.45 35.73
C ARG M 192 -7.76 -19.79 35.46
N THR M 193 -7.68 -20.24 34.22
CA THR M 193 -8.25 -21.53 33.85
C THR M 193 -7.61 -22.67 34.65
N GLU M 194 -6.28 -22.72 34.66
CA GLU M 194 -5.59 -23.82 35.35
C GLU M 194 -5.78 -23.72 36.87
N GLU M 195 -5.86 -22.51 37.40
CA GLU M 195 -6.15 -22.35 38.83
C GLU M 195 -7.57 -22.82 39.19
N GLU M 196 -8.55 -22.50 38.33
CA GLU M 196 -9.92 -23.00 38.50
C GLU M 196 -9.95 -24.53 38.46
N ASN M 197 -9.25 -25.11 37.51
CA ASN M 197 -9.26 -26.57 37.34
C ASN M 197 -8.66 -27.32 38.53
N LEU M 198 -7.97 -26.59 39.38
CA LEU M 198 -7.39 -27.16 40.57
C LEU M 198 -8.51 -27.63 41.51
N ARG M 199 -9.64 -26.93 41.44
CA ARG M 199 -10.83 -27.27 42.21
C ARG M 199 -11.66 -28.36 41.55
N LYS M 200 -11.22 -28.83 40.38
CA LYS M 200 -11.95 -29.87 39.65
C LYS M 200 -11.17 -31.19 39.63
N SER N 3 8.79 -15.60 -6.83
CA SER N 3 8.84 -15.99 -8.22
C SER N 3 8.96 -14.74 -9.09
N SER N 4 9.56 -14.89 -10.26
CA SER N 4 9.71 -13.79 -11.19
C SER N 4 8.37 -13.48 -11.86
N SER N 5 7.45 -14.42 -11.81
CA SER N 5 6.18 -14.28 -12.50
C SER N 5 5.00 -14.77 -11.69
N VAL N 6 3.80 -14.55 -12.23
CA VAL N 6 2.60 -15.09 -11.65
C VAL N 6 1.81 -15.88 -12.70
N PRO N 7 1.48 -17.14 -12.38
CA PRO N 7 0.73 -17.95 -13.35
C PRO N 7 -0.65 -17.34 -13.59
N SER N 8 -1.08 -17.32 -14.85
CA SER N 8 -2.44 -16.88 -15.16
C SER N 8 -3.47 -17.77 -14.45
N GLN N 9 -4.58 -17.18 -14.04
CA GLN N 9 -5.63 -17.95 -13.39
C GLN N 9 -6.93 -17.91 -14.20
N LYS N 10 -6.90 -17.20 -15.33
CA LYS N 10 -8.05 -17.11 -16.22
C LYS N 10 -8.64 -18.47 -16.65
N THR N 11 -9.93 -18.65 -16.39
CA THR N 11 -10.64 -19.81 -16.87
C THR N 11 -10.59 -19.86 -18.40
N TYR N 12 -10.26 -21.03 -18.92
CA TYR N 12 -10.11 -21.22 -20.35
C TYR N 12 -10.50 -22.66 -20.66
N GLN N 13 -11.72 -22.85 -21.14
CA GLN N 13 -12.20 -24.19 -21.43
C GLN N 13 -11.50 -24.77 -22.66
N GLY N 14 -11.05 -23.90 -23.55
CA GLY N 14 -10.31 -24.31 -24.72
C GLY N 14 -11.07 -25.19 -25.71
N SER N 15 -10.33 -25.80 -26.64
CA SER N 15 -10.93 -26.59 -27.73
C SER N 15 -11.68 -27.81 -27.22
N TYR N 16 -11.23 -28.37 -26.10
CA TYR N 16 -11.80 -29.62 -25.61
C TYR N 16 -12.90 -29.43 -24.58
N GLY N 17 -13.30 -28.18 -24.33
CA GLY N 17 -14.38 -27.90 -23.41
C GLY N 17 -14.07 -28.39 -22.00
N PHE N 18 -12.88 -28.02 -21.52
CA PHE N 18 -12.36 -28.51 -20.24
C PHE N 18 -13.05 -27.80 -19.08
N ARG N 19 -13.69 -28.57 -18.20
CA ARG N 19 -14.34 -28.05 -16.99
C ARG N 19 -13.96 -28.92 -15.79
N LEU N 20 -14.07 -28.36 -14.59
CA LEU N 20 -13.90 -29.15 -13.36
C LEU N 20 -15.27 -29.51 -12.78
N GLY N 21 -15.33 -30.62 -12.06
CA GLY N 21 -16.49 -30.97 -11.27
C GLY N 21 -16.07 -31.44 -9.88
N PHE N 22 -16.98 -31.39 -8.92
CA PHE N 22 -16.67 -31.79 -7.55
C PHE N 22 -17.82 -32.59 -6.95
N LEU N 23 -17.51 -33.45 -5.96
CA LEU N 23 -18.54 -34.25 -5.29
C LEU N 23 -19.50 -33.39 -4.46
N HIS N 24 -20.64 -33.96 -4.07
CA HIS N 24 -21.68 -33.20 -3.37
C HIS N 24 -21.60 -33.27 -1.85
N SER N 25 -20.44 -33.64 -1.31
CA SER N 25 -20.27 -33.77 0.13
C SER N 25 -20.96 -32.61 0.86
N GLY N 26 -21.66 -32.93 1.95
CA GLY N 26 -22.30 -31.90 2.75
C GLY N 26 -21.32 -31.19 3.66
N THR N 27 -21.83 -30.56 4.71
CA THR N 27 -20.99 -29.78 5.59
C THR N 27 -21.01 -30.29 7.03
N ALA N 28 -21.02 -31.60 7.21
CA ALA N 28 -20.79 -32.16 8.56
C ALA N 28 -19.48 -31.58 9.03
N LYS N 29 -19.42 -31.28 10.33
CA LYS N 29 -18.33 -30.58 10.96
C LYS N 29 -16.94 -30.94 10.41
N SER N 30 -16.65 -32.24 10.35
CA SER N 30 -15.33 -32.72 9.96
C SER N 30 -15.34 -33.57 8.68
N VAL N 31 -16.27 -33.31 7.76
CA VAL N 31 -16.23 -33.97 6.47
C VAL N 31 -14.80 -33.76 5.92
N THR N 32 -14.23 -34.81 5.33
CA THR N 32 -12.83 -34.79 4.91
C THR N 32 -12.55 -33.79 3.78
N CYS N 33 -13.51 -33.65 2.88
CA CYS N 33 -13.36 -32.76 1.71
C CYS N 33 -14.74 -32.35 1.24
N THR N 34 -14.99 -31.05 1.19
CA THR N 34 -16.29 -30.56 0.76
C THR N 34 -16.11 -29.29 -0.06
N TYR N 35 -16.88 -29.22 -1.14
CA TYR N 35 -16.76 -28.14 -2.08
C TYR N 35 -17.95 -27.17 -1.99
N SER N 36 -17.66 -25.89 -2.08
CA SER N 36 -18.69 -24.86 -2.02
C SER N 36 -18.90 -24.21 -3.40
N PRO N 37 -20.03 -24.53 -4.07
CA PRO N 37 -20.35 -23.89 -5.35
C PRO N 37 -20.49 -22.38 -5.19
N ALA N 38 -21.00 -21.92 -4.05
CA ALA N 38 -21.22 -20.50 -3.86
C ALA N 38 -19.90 -19.74 -3.89
N LEU N 39 -18.88 -20.34 -3.28
CA LEU N 39 -17.57 -19.71 -3.14
C LEU N 39 -16.55 -20.20 -4.17
N ASN N 40 -16.91 -21.20 -4.98
CA ASN N 40 -15.93 -21.96 -5.78
C ASN N 40 -14.69 -22.28 -4.95
N LYS N 41 -14.91 -22.91 -3.81
CA LYS N 41 -13.86 -23.14 -2.83
C LYS N 41 -13.95 -24.54 -2.26
N MET N 42 -12.83 -25.25 -2.27
CA MET N 42 -12.75 -26.54 -1.64
C MET N 42 -12.28 -26.38 -0.20
N PHE N 43 -12.91 -27.10 0.72
CA PHE N 43 -12.52 -27.14 2.11
C PHE N 43 -12.11 -28.58 2.40
N CYS N 44 -10.89 -28.79 2.87
CA CYS N 44 -10.41 -30.18 3.03
C CYS N 44 -9.43 -30.31 4.18
N GLN N 45 -9.28 -31.53 4.70
CA GLN N 45 -8.32 -31.77 5.76
C GLN N 45 -6.94 -32.13 5.21
N LEU N 46 -5.92 -31.87 6.01
CA LEU N 46 -4.52 -32.12 5.63
C LEU N 46 -4.31 -33.59 5.29
N ALA N 47 -3.70 -33.84 4.14
CA ALA N 47 -3.33 -35.18 3.71
C ALA N 47 -4.51 -36.08 3.32
N LYS N 48 -5.73 -35.56 3.38
CA LYS N 48 -6.91 -36.36 3.02
C LYS N 48 -7.18 -36.27 1.51
N THR N 49 -7.91 -37.26 1.00
CA THR N 49 -8.22 -37.34 -0.41
C THR N 49 -9.14 -36.22 -0.85
N CYS N 50 -8.75 -35.50 -1.89
CA CYS N 50 -9.59 -34.45 -2.46
C CYS N 50 -9.85 -34.75 -3.93
N PRO N 51 -11.03 -35.32 -4.23
CA PRO N 51 -11.34 -35.69 -5.61
C PRO N 51 -11.67 -34.46 -6.42
N VAL N 52 -11.07 -34.36 -7.60
CA VAL N 52 -11.41 -33.32 -8.55
C VAL N 52 -11.71 -33.99 -9.89
N GLN N 53 -12.88 -33.69 -10.44
CA GLN N 53 -13.29 -34.31 -11.69
C GLN N 53 -12.88 -33.47 -12.87
N LEU N 54 -12.33 -34.11 -13.89
CA LEU N 54 -12.02 -33.42 -15.13
C LEU N 54 -13.10 -33.77 -16.16
N TRP N 55 -13.77 -32.76 -16.66
CA TRP N 55 -14.79 -32.94 -17.69
C TRP N 55 -14.31 -32.32 -18.98
N VAL N 56 -14.49 -33.03 -20.10
CA VAL N 56 -14.21 -32.46 -21.41
C VAL N 56 -15.32 -32.79 -22.40
N ASP N 57 -15.58 -31.89 -23.33
CA ASP N 57 -16.57 -32.13 -24.38
C ASP N 57 -16.05 -33.13 -25.39
N SER N 58 -14.75 -33.07 -25.69
CA SER N 58 -14.12 -34.08 -26.53
C SER N 58 -12.74 -34.46 -26.00
N THR N 59 -12.30 -35.66 -26.37
CA THR N 59 -11.08 -36.24 -25.82
C THR N 59 -9.80 -35.65 -26.41
N PRO N 60 -8.95 -35.09 -25.54
CA PRO N 60 -7.64 -34.55 -25.93
C PRO N 60 -6.70 -35.67 -26.38
N PRO N 61 -5.69 -35.33 -27.19
CA PRO N 61 -4.80 -36.36 -27.73
C PRO N 61 -4.04 -37.10 -26.63
N PRO N 62 -3.62 -38.34 -26.92
CA PRO N 62 -2.67 -39.08 -26.07
C PRO N 62 -1.39 -38.28 -25.85
N GLY N 63 -0.88 -38.29 -24.62
CA GLY N 63 0.26 -37.45 -24.27
C GLY N 63 -0.17 -36.19 -23.55
N THR N 64 -1.49 -35.91 -23.56
CA THR N 64 -2.03 -34.76 -22.83
C THR N 64 -1.78 -34.94 -21.33
N ARG N 65 -1.42 -33.88 -20.63
CA ARG N 65 -1.15 -33.99 -19.21
C ARG N 65 -2.04 -33.05 -18.38
N VAL N 66 -2.18 -33.37 -17.10
CA VAL N 66 -2.93 -32.52 -16.19
C VAL N 66 -2.03 -32.03 -15.07
N ARG N 67 -1.91 -30.72 -14.94
CA ARG N 67 -1.01 -30.12 -13.95
C ARG N 67 -1.80 -29.34 -12.89
N ALA N 68 -1.33 -29.45 -11.63
CA ALA N 68 -1.89 -28.65 -10.55
C ALA N 68 -0.80 -27.78 -9.91
N MET N 69 -1.16 -26.53 -9.63
CA MET N 69 -0.26 -25.58 -9.00
C MET N 69 -1.07 -24.69 -8.05
N ALA N 70 -0.52 -24.41 -6.89
CA ALA N 70 -1.12 -23.44 -5.97
C ALA N 70 -0.45 -22.08 -6.08
N ILE N 71 -1.25 -21.02 -5.95
CA ILE N 71 -0.73 -19.67 -5.77
C ILE N 71 -1.53 -18.99 -4.68
N TYR N 72 -0.94 -17.97 -4.04
CA TYR N 72 -1.69 -17.16 -3.10
C TYR N 72 -2.74 -16.32 -3.83
N LYS N 73 -3.93 -16.23 -3.24
CA LYS N 73 -5.06 -15.55 -3.88
C LYS N 73 -4.92 -14.02 -3.77
N GLN N 74 -4.46 -13.54 -2.61
CA GLN N 74 -4.28 -12.10 -2.41
C GLN N 74 -3.16 -11.55 -3.26
N SER N 75 -3.43 -10.47 -3.99
CA SER N 75 -2.49 -9.94 -4.98
C SER N 75 -1.09 -9.64 -4.41
N GLN N 76 -1.01 -9.18 -3.17
CA GLN N 76 0.30 -8.83 -2.64
C GLN N 76 1.15 -10.06 -2.31
N HIS N 77 0.53 -11.23 -2.23
CA HIS N 77 1.25 -12.46 -1.94
C HIS N 77 1.50 -13.30 -3.19
N MET N 78 0.92 -12.88 -4.31
CA MET N 78 0.92 -13.70 -5.52
C MET N 78 2.29 -14.15 -6.00
N THR N 79 3.31 -13.32 -5.81
CA THR N 79 4.66 -13.66 -6.25
C THR N 79 5.38 -14.62 -5.30
N GLU N 80 4.82 -14.85 -4.12
CA GLU N 80 5.43 -15.76 -3.17
C GLU N 80 5.08 -17.21 -3.50
N VAL N 81 6.11 -18.04 -3.68
CA VAL N 81 5.88 -19.44 -3.98
C VAL N 81 5.15 -20.14 -2.82
N VAL N 82 4.08 -20.86 -3.14
CA VAL N 82 3.36 -21.62 -2.13
C VAL N 82 4.15 -22.89 -1.86
N ARG N 83 4.50 -23.12 -0.61
CA ARG N 83 5.26 -24.31 -0.24
C ARG N 83 4.87 -24.79 1.16
N ARG N 84 5.33 -25.98 1.55
CA ARG N 84 5.04 -26.49 2.88
C ARG N 84 5.79 -25.71 3.94
N CYS N 85 5.23 -25.70 5.14
CA CYS N 85 5.87 -25.05 6.29
C CYS N 85 7.12 -25.84 6.73
N PRO N 86 8.01 -25.19 7.51
CA PRO N 86 9.26 -25.84 7.92
C PRO N 86 9.01 -27.10 8.72
N HIS N 87 7.95 -27.12 9.52
CA HIS N 87 7.66 -28.31 10.31
C HIS N 87 7.24 -29.50 9.44
N HIS N 88 6.27 -29.30 8.56
CA HIS N 88 5.78 -30.42 7.75
C HIS N 88 6.80 -30.83 6.69
N GLU N 89 7.58 -29.86 6.21
CA GLU N 89 8.68 -30.13 5.31
C GLU N 89 9.64 -31.14 5.92
N ARG N 90 9.83 -31.05 7.24
CA ARG N 90 10.83 -31.87 7.93
C ARG N 90 10.27 -33.19 8.44
N CYS N 91 8.97 -33.22 8.69
CA CYS N 91 8.37 -34.44 9.23
C CYS N 91 8.45 -35.56 8.20
N SER N 92 8.31 -36.79 8.64
CA SER N 92 8.61 -37.95 7.80
C SER N 92 7.37 -38.53 7.14
N ASP N 93 6.75 -37.77 6.24
CA ASP N 93 5.47 -38.19 5.67
C ASP N 93 5.48 -38.35 4.15
N SER N 94 6.66 -38.26 3.54
CA SER N 94 6.77 -38.43 2.11
C SER N 94 6.29 -39.83 1.70
N ASP N 95 5.59 -39.89 0.57
CA ASP N 95 5.01 -41.14 0.09
C ASP N 95 5.99 -41.90 -0.81
N GLY N 96 7.23 -41.44 -0.84
CA GLY N 96 8.25 -42.06 -1.66
C GLY N 96 8.31 -41.46 -3.04
N LEU N 97 7.28 -40.70 -3.40
CA LEU N 97 7.19 -40.09 -4.72
C LEU N 97 7.29 -38.58 -4.66
N ALA N 98 6.66 -37.97 -3.67
CA ALA N 98 6.61 -36.51 -3.60
C ALA N 98 7.76 -35.91 -2.83
N PRO N 99 8.33 -34.81 -3.35
CA PRO N 99 9.35 -34.09 -2.57
C PRO N 99 8.71 -33.52 -1.30
N PRO N 100 9.50 -33.40 -0.22
CA PRO N 100 8.98 -33.02 1.09
C PRO N 100 8.40 -31.62 1.13
N GLN N 101 8.82 -30.74 0.23
CA GLN N 101 8.38 -29.35 0.30
C GLN N 101 7.16 -29.03 -0.56
N HIS N 102 6.69 -29.99 -1.34
CA HIS N 102 5.54 -29.76 -2.21
C HIS N 102 4.25 -29.79 -1.42
N LEU N 103 3.45 -28.73 -1.54
CA LEU N 103 2.13 -28.67 -0.91
C LEU N 103 1.18 -29.70 -1.50
N ILE N 104 1.11 -29.74 -2.82
CA ILE N 104 0.10 -30.57 -3.49
C ILE N 104 0.66 -31.88 -4.02
N ARG N 105 0.06 -32.97 -3.59
CA ARG N 105 0.42 -34.30 -4.10
C ARG N 105 -0.75 -34.89 -4.86
N VAL N 106 -0.46 -35.82 -5.76
CA VAL N 106 -1.49 -36.67 -6.31
C VAL N 106 -1.35 -38.03 -5.65
N GLU N 107 -2.45 -38.61 -5.18
CA GLU N 107 -2.36 -39.94 -4.61
C GLU N 107 -2.81 -41.01 -5.61
N GLY N 108 -2.17 -42.18 -5.54
CA GLY N 108 -2.58 -43.32 -6.33
C GLY N 108 -2.27 -43.20 -7.82
N ASN N 109 -1.12 -42.63 -8.14
CA ASN N 109 -0.70 -42.55 -9.55
C ASN N 109 0.80 -42.71 -9.70
N LEU N 110 1.23 -43.87 -10.20
CA LEU N 110 2.64 -44.17 -10.37
C LEU N 110 3.33 -43.26 -11.37
N ARG N 111 2.55 -42.64 -12.26
CA ARG N 111 3.15 -41.83 -13.32
C ARG N 111 3.19 -40.35 -12.96
N VAL N 112 3.02 -40.04 -11.68
CA VAL N 112 3.05 -38.68 -11.19
C VAL N 112 4.43 -38.09 -11.36
N GLU N 113 4.49 -36.84 -11.77
CA GLU N 113 5.77 -36.12 -11.76
C GLU N 113 5.68 -34.84 -10.95
N TYR N 114 6.73 -34.55 -10.20
CA TYR N 114 6.78 -33.32 -9.43
C TYR N 114 7.81 -32.37 -10.00
N LEU N 115 7.38 -31.16 -10.32
CA LEU N 115 8.30 -30.22 -10.96
C LEU N 115 8.61 -29.05 -10.05
N ASP N 116 9.90 -28.70 -10.02
CA ASP N 116 10.35 -27.48 -9.37
C ASP N 116 10.93 -26.59 -10.47
N ASP N 117 10.11 -25.66 -10.97
CA ASP N 117 10.44 -24.91 -12.17
C ASP N 117 11.70 -24.07 -11.98
N ARG N 118 12.68 -24.27 -12.86
CA ARG N 118 13.98 -23.62 -12.71
C ARG N 118 13.91 -22.12 -12.92
N ASN N 119 12.92 -21.67 -13.68
CA ASN N 119 12.80 -20.25 -14.01
C ASN N 119 11.84 -19.49 -13.11
N THR N 120 10.70 -20.11 -12.80
CA THR N 120 9.67 -19.48 -11.97
C THR N 120 9.75 -19.86 -10.49
N PHE N 121 10.43 -20.97 -10.21
CA PHE N 121 10.57 -21.49 -8.85
C PHE N 121 9.27 -22.09 -8.31
N ARG N 122 8.26 -22.22 -9.17
CA ARG N 122 6.97 -22.76 -8.78
C ARG N 122 6.99 -24.27 -8.68
N HIS N 123 6.30 -24.81 -7.69
CA HIS N 123 6.12 -26.26 -7.59
C HIS N 123 4.87 -26.64 -8.39
N SER N 124 4.87 -27.81 -9.00
CA SER N 124 3.64 -28.34 -9.55
C SER N 124 3.69 -29.84 -9.61
N VAL N 125 2.52 -30.44 -9.76
CA VAL N 125 2.40 -31.89 -9.83
C VAL N 125 1.59 -32.19 -11.07
N VAL N 126 2.09 -33.11 -11.90
CA VAL N 126 1.51 -33.41 -13.20
C VAL N 126 1.35 -34.91 -13.38
N VAL N 127 0.23 -35.31 -13.96
CA VAL N 127 -0.04 -36.68 -14.33
C VAL N 127 -0.56 -36.75 -15.77
N PRO N 128 -0.44 -37.91 -16.41
CA PRO N 128 -1.00 -38.05 -17.77
C PRO N 128 -2.51 -37.98 -17.69
N TYR N 129 -3.14 -37.32 -18.66
CA TYR N 129 -4.59 -37.32 -18.74
C TYR N 129 -5.03 -38.69 -19.24
N GLU N 130 -6.05 -39.25 -18.61
CA GLU N 130 -6.66 -40.50 -19.07
C GLU N 130 -8.15 -40.29 -19.33
N PRO N 131 -8.64 -40.59 -20.54
CA PRO N 131 -10.07 -40.41 -20.80
C PRO N 131 -10.86 -41.34 -19.88
N PRO N 132 -12.17 -41.09 -19.69
CA PRO N 132 -12.97 -42.11 -19.00
C PRO N 132 -13.31 -43.25 -19.97
N GLU N 133 -13.85 -44.36 -19.45
CA GLU N 133 -14.33 -45.43 -20.36
C GLU N 133 -15.55 -44.86 -21.09
N VAL N 134 -15.82 -45.33 -22.31
CA VAL N 134 -16.90 -44.75 -23.17
C VAL N 134 -18.23 -44.59 -22.40
N GLY N 135 -18.52 -45.46 -21.45
CA GLY N 135 -19.72 -45.23 -20.63
C GLY N 135 -19.55 -44.01 -19.71
N SER N 136 -18.49 -43.97 -18.90
CA SER N 136 -18.27 -42.91 -17.88
C SER N 136 -18.18 -41.51 -18.50
N ASP N 137 -18.38 -40.47 -17.69
CA ASP N 137 -18.46 -39.09 -18.27
C ASP N 137 -17.32 -38.17 -17.81
N CYS N 138 -16.48 -38.60 -16.87
CA CYS N 138 -15.42 -37.73 -16.37
C CYS N 138 -14.27 -38.53 -15.76
N THR N 139 -13.09 -37.92 -15.70
CA THR N 139 -11.90 -38.49 -15.08
C THR N 139 -11.68 -37.81 -13.73
N THR N 140 -11.44 -38.61 -12.69
CA THR N 140 -11.20 -38.06 -11.36
C THR N 140 -9.73 -38.13 -10.99
N ILE N 141 -9.18 -37.01 -10.52
CA ILE N 141 -7.84 -37.01 -9.95
C ILE N 141 -7.96 -36.76 -8.46
N HIS N 142 -7.10 -37.39 -7.68
CA HIS N 142 -7.15 -37.29 -6.24
C HIS N 142 -5.95 -36.54 -5.70
N TYR N 143 -6.18 -35.35 -5.19
CA TYR N 143 -5.11 -34.53 -4.64
C TYR N 143 -5.06 -34.64 -3.13
N ASN N 144 -3.86 -34.44 -2.58
CA ASN N 144 -3.68 -34.32 -1.13
C ASN N 144 -3.01 -32.97 -0.87
N TYR N 145 -3.52 -32.22 0.08
CA TYR N 145 -2.86 -30.98 0.46
C TYR N 145 -2.11 -31.19 1.77
N MET N 146 -0.82 -30.88 1.81
CA MET N 146 0.06 -31.38 2.88
C MET N 146 0.42 -30.38 3.99
N CYS N 147 -0.26 -29.24 4.02
CA CYS N 147 -0.22 -28.29 5.14
C CYS N 147 -1.64 -27.75 5.31
N ASN N 148 -1.95 -27.30 6.52
CA ASN N 148 -3.13 -26.49 6.75
C ASN N 148 -2.90 -25.07 6.25
N SER N 149 -3.97 -24.40 5.83
CA SER N 149 -3.87 -22.99 5.42
C SER N 149 -3.22 -22.16 6.54
N SER N 150 -3.41 -22.59 7.77
CA SER N 150 -2.92 -21.86 8.95
C SER N 150 -1.47 -22.10 9.35
N CYS N 151 -0.78 -23.08 8.74
CA CYS N 151 0.59 -23.42 9.14
C CYS N 151 1.51 -22.20 9.19
N MET N 152 2.09 -21.94 10.35
CA MET N 152 2.96 -20.79 10.50
C MET N 152 4.28 -21.08 9.79
N GLY N 153 4.82 -20.08 9.10
CA GLY N 153 6.01 -20.26 8.27
C GLY N 153 5.69 -20.86 6.92
N GLY N 154 4.41 -21.17 6.70
CA GLY N 154 3.95 -21.70 5.43
C GLY N 154 2.88 -20.79 4.85
N MET N 155 1.70 -21.34 4.60
CA MET N 155 0.62 -20.50 4.07
C MET N 155 0.18 -19.45 5.08
N ASN N 156 0.46 -19.70 6.36
CA ASN N 156 0.28 -18.68 7.42
C ASN N 156 -1.08 -17.98 7.34
N ARG N 157 -2.13 -18.75 7.13
CA ARG N 157 -3.51 -18.27 7.09
C ARG N 157 -3.91 -17.49 5.84
N ARG N 158 -3.06 -17.53 4.82
CA ARG N 158 -3.38 -16.87 3.56
C ARG N 158 -4.09 -17.85 2.64
N PRO N 159 -5.23 -17.43 2.06
CA PRO N 159 -5.97 -18.28 1.11
C PRO N 159 -5.15 -18.55 -0.15
N ILE N 160 -5.34 -19.72 -0.75
CA ILE N 160 -4.69 -20.07 -1.99
C ILE N 160 -5.69 -20.46 -3.07
N LEU N 161 -5.24 -20.43 -4.31
CA LEU N 161 -5.99 -20.98 -5.41
C LEU N 161 -5.25 -22.19 -5.90
N THR N 162 -5.97 -23.21 -6.31
CA THR N 162 -5.36 -24.28 -7.05
C THR N 162 -5.70 -24.04 -8.52
N ILE N 163 -4.68 -24.03 -9.37
CA ILE N 163 -4.86 -23.87 -10.80
C ILE N 163 -4.63 -25.21 -11.49
N ILE N 164 -5.65 -25.69 -12.19
CA ILE N 164 -5.54 -26.96 -12.91
C ILE N 164 -5.40 -26.67 -14.40
N THR N 165 -4.32 -27.11 -15.02
CA THR N 165 -4.18 -26.88 -16.45
C THR N 165 -4.10 -28.20 -17.24
N LEU N 166 -4.73 -28.22 -18.40
CA LEU N 166 -4.61 -29.33 -19.32
C LEU N 166 -3.52 -28.96 -20.35
N GLU N 167 -2.50 -29.81 -20.50
CA GLU N 167 -1.39 -29.47 -21.39
C GLU N 167 -1.15 -30.57 -22.40
N ASP N 168 -0.57 -30.21 -23.54
CA ASP N 168 -0.13 -31.23 -24.48
C ASP N 168 1.21 -31.79 -24.02
N SER N 169 1.77 -32.70 -24.79
CA SER N 169 2.99 -33.40 -24.36
C SER N 169 4.21 -32.48 -24.27
N SER N 170 4.15 -31.32 -24.92
CA SER N 170 5.25 -30.33 -24.78
C SER N 170 5.02 -29.38 -23.60
N GLY N 171 3.84 -29.43 -22.99
CA GLY N 171 3.50 -28.54 -21.90
C GLY N 171 2.79 -27.28 -22.35
N ASN N 172 2.35 -27.24 -23.61
CA ASN N 172 1.59 -26.11 -24.12
C ASN N 172 0.16 -26.13 -23.60
N LEU N 173 -0.45 -24.95 -23.45
CA LEU N 173 -1.74 -24.80 -22.78
C LEU N 173 -2.92 -25.30 -23.62
N LEU N 174 -3.74 -26.16 -23.04
CA LEU N 174 -4.94 -26.65 -23.73
C LEU N 174 -6.21 -26.14 -23.05
N GLY N 175 -6.12 -25.92 -21.74
CA GLY N 175 -7.26 -25.48 -20.97
C GLY N 175 -6.84 -25.17 -19.56
N ARG N 176 -7.65 -24.40 -18.85
CA ARG N 176 -7.31 -24.01 -17.48
C ARG N 176 -8.57 -23.75 -16.67
N ASN N 177 -8.53 -24.18 -15.42
CA ASN N 177 -9.60 -23.89 -14.47
C ASN N 177 -8.96 -23.70 -13.09
N SER N 178 -9.72 -23.19 -12.14
CA SER N 178 -9.15 -22.99 -10.81
C SER N 178 -10.23 -22.97 -9.75
N PHE N 179 -9.82 -23.15 -8.50
CA PHE N 179 -10.71 -23.05 -7.37
C PHE N 179 -9.92 -22.62 -6.15
N GLU N 180 -10.60 -21.99 -5.20
CA GLU N 180 -9.95 -21.60 -3.97
C GLU N 180 -9.87 -22.84 -3.06
N VAL N 181 -8.89 -22.86 -2.18
CA VAL N 181 -8.73 -23.97 -1.26
C VAL N 181 -8.47 -23.48 0.16
N ARG N 182 -9.17 -24.07 1.12
CA ARG N 182 -8.84 -23.90 2.54
C ARG N 182 -8.52 -25.29 3.11
N VAL N 183 -7.30 -25.47 3.58
CA VAL N 183 -6.96 -26.72 4.24
C VAL N 183 -7.07 -26.47 5.74
N CYS N 184 -7.89 -27.27 6.42
CA CYS N 184 -8.26 -26.95 7.79
C CYS N 184 -8.74 -28.20 8.52
N ALA N 185 -8.85 -28.12 9.84
CA ALA N 185 -9.24 -29.25 10.65
C ALA N 185 -10.72 -29.59 10.52
N CYS N 186 -11.56 -28.57 10.34
CA CYS N 186 -13.01 -28.77 10.33
C CYS N 186 -13.65 -28.16 9.09
N PRO N 187 -13.53 -28.85 7.94
CA PRO N 187 -14.01 -28.32 6.66
C PRO N 187 -15.48 -27.93 6.67
N GLY N 188 -16.36 -28.78 7.22
CA GLY N 188 -17.78 -28.48 7.28
C GLY N 188 -18.10 -27.23 8.10
N ARG N 189 -17.51 -27.14 9.29
CA ARG N 189 -17.68 -25.94 10.13
C ARG N 189 -17.24 -24.70 9.37
N ASP N 190 -16.04 -24.77 8.79
CA ASP N 190 -15.46 -23.58 8.17
C ASP N 190 -16.18 -23.19 6.89
N ARG N 191 -16.66 -24.18 6.13
CA ARG N 191 -17.43 -23.89 4.94
C ARG N 191 -18.72 -23.16 5.30
N ARG N 192 -19.44 -23.66 6.29
CA ARG N 192 -20.70 -23.00 6.67
C ARG N 192 -20.45 -21.58 7.21
N THR N 193 -19.35 -21.40 7.95
CA THR N 193 -19.01 -20.07 8.43
C THR N 193 -18.78 -19.07 7.29
N GLU N 194 -17.98 -19.45 6.30
CA GLU N 194 -17.71 -18.55 5.18
C GLU N 194 -18.95 -18.30 4.31
N GLU N 195 -19.79 -19.32 4.12
CA GLU N 195 -21.03 -19.14 3.36
C GLU N 195 -22.01 -18.21 4.10
N GLU N 196 -22.09 -18.35 5.42
CA GLU N 196 -22.92 -17.46 6.22
C GLU N 196 -22.45 -16.02 6.11
N ASN N 197 -21.13 -15.82 6.19
CA ASN N 197 -20.54 -14.49 6.08
C ASN N 197 -20.75 -13.81 4.74
N LEU N 198 -21.20 -14.57 3.76
CA LEU N 198 -21.50 -14.02 2.43
C LEU N 198 -22.69 -13.08 2.56
N ARG N 199 -23.58 -13.41 3.50
CA ARG N 199 -24.77 -12.62 3.77
C ARG N 199 -24.46 -11.42 4.66
N LYS N 200 -23.21 -11.32 5.09
CA LYS N 200 -22.80 -10.23 5.96
C LYS N 200 -21.88 -9.24 5.24
#